data_1HA4
# 
_entry.id   1HA4 
# 
_audit_conform.dict_name       mmcif_pdbx.dic 
_audit_conform.dict_version    5.382 
_audit_conform.dict_location   http://mmcif.pdb.org/dictionaries/ascii/mmcif_pdbx.dic 
# 
loop_
_database_2.database_id 
_database_2.database_code 
_database_2.pdbx_database_accession 
_database_2.pdbx_DOI 
PDB   1HA4         pdb_00001ha4 10.2210/pdb1ha4/pdb 
PDBE  EBI-6033     ?            ?                   
WWPDB D_1290006033 ?            ?                   
# 
_pdbx_database_status.status_code                     REL 
_pdbx_database_status.entry_id                        1HA4 
_pdbx_database_status.deposit_site                    PDBE 
_pdbx_database_status.process_site                    PDBE 
_pdbx_database_status.SG_entry                        . 
_pdbx_database_status.recvd_initial_deposition_date   2001-03-27 
_pdbx_database_status.pdb_format_compatible           Y 
_pdbx_database_status.status_code_sf                  ? 
_pdbx_database_status.status_code_mr                  ? 
_pdbx_database_status.status_code_cs                  ? 
_pdbx_database_status.methods_development_category    ? 
_pdbx_database_status.status_code_nmr_data            ? 
# 
loop_
_audit_author.name 
_audit_author.pdbx_ordinal 
'Purkiss, A.G.'    1 
'Slingsby, C.'     2 
'Bateman, O.A.'    3 
'Goodfellow, J.M.' 4 
# 
_citation.id                        primary 
_citation.title                     'The X-Ray Crystal Structure of Human Gamma S-Crystallin C-Terminal Domain' 
_citation.journal_abbrev            J.Biol.Chem. 
_citation.journal_volume            277 
_citation.page_first                4199 
_citation.page_last                 ? 
_citation.year                      2002 
_citation.journal_id_ASTM           JBCHA3 
_citation.country                   US 
_citation.journal_id_ISSN           0021-9258 
_citation.journal_id_CSD            0071 
_citation.book_publisher            ? 
_citation.pdbx_database_id_PubMed   11706012 
_citation.pdbx_database_id_DOI      10.1074/JBC.M110083200 
# 
loop_
_citation_author.citation_id 
_citation_author.name 
_citation_author.ordinal 
_citation_author.identifier_ORCID 
primary 'Purkiss, A.G.'    1 ? 
primary 'Bateman, O.A.'    2 ? 
primary 'Goodfellow, J.M.' 3 ? 
primary 'Lubsen, N.H.'     4 ? 
primary 'Slingsby, C.'     5 ? 
# 
_cell.entry_id           1HA4 
_cell.length_a           61.367 
_cell.length_b           61.367 
_cell.length_c           241.665 
_cell.angle_alpha        90.00 
_cell.angle_beta         90.00 
_cell.angle_gamma        120.00 
_cell.Z_PDB              24 
_cell.pdbx_unique_axis   ? 
# 
_symmetry.entry_id                         1HA4 
_symmetry.space_group_name_H-M             'P 65 2 2' 
_symmetry.pdbx_full_space_group_name_H-M   ? 
_symmetry.cell_setting                     ? 
_symmetry.Int_Tables_number                179 
# 
loop_
_entity.id 
_entity.type 
_entity.src_method 
_entity.pdbx_description 
_entity.formula_weight 
_entity.pdbx_number_of_molecules 
_entity.pdbx_ec 
_entity.pdbx_mutation 
_entity.pdbx_fragment 
_entity.details 
1 polymer man 'GAMMA CRYSTALLIN S' 10427.862 2  ? ? 'C TERMINAL DOMAIN RESIDUES 91-177' ? 
2 water   nat water                18.015    90 ? ? ?                                   ? 
# 
_entity_name_com.entity_id   1 
_entity_name_com.name        'BETA CRYSTALLIN S' 
# 
_entity_poly.entity_id                      1 
_entity_poly.type                           'polypeptide(L)' 
_entity_poly.nstd_linkage                   no 
_entity_poly.nstd_monomer                   no 
_entity_poly.pdbx_seq_one_letter_code       
;GQYKIQIFEKGDFSGQMYETTEDCPSIMEQFHMREIHSCKVLEGVWIFYELPNYRGRQYLLDKKEYRKPIDWGAASPAVQ
SFRRIVE
;
_entity_poly.pdbx_seq_one_letter_code_can   
;GQYKIQIFEKGDFSGQMYETTEDCPSIMEQFHMREIHSCKVLEGVWIFYELPNYRGRQYLLDKKEYRKPIDWGAASPAVQ
SFRRIVE
;
_entity_poly.pdbx_strand_id                 A,B 
_entity_poly.pdbx_target_identifier         ? 
# 
loop_
_entity_poly_seq.entity_id 
_entity_poly_seq.num 
_entity_poly_seq.mon_id 
_entity_poly_seq.hetero 
1 1  GLY n 
1 2  GLN n 
1 3  TYR n 
1 4  LYS n 
1 5  ILE n 
1 6  GLN n 
1 7  ILE n 
1 8  PHE n 
1 9  GLU n 
1 10 LYS n 
1 11 GLY n 
1 12 ASP n 
1 13 PHE n 
1 14 SER n 
1 15 GLY n 
1 16 GLN n 
1 17 MET n 
1 18 TYR n 
1 19 GLU n 
1 20 THR n 
1 21 THR n 
1 22 GLU n 
1 23 ASP n 
1 24 CYS n 
1 25 PRO n 
1 26 SER n 
1 27 ILE n 
1 28 MET n 
1 29 GLU n 
1 30 GLN n 
1 31 PHE n 
1 32 HIS n 
1 33 MET n 
1 34 ARG n 
1 35 GLU n 
1 36 ILE n 
1 37 HIS n 
1 38 SER n 
1 39 CYS n 
1 40 LYS n 
1 41 VAL n 
1 42 LEU n 
1 43 GLU n 
1 44 GLY n 
1 45 VAL n 
1 46 TRP n 
1 47 ILE n 
1 48 PHE n 
1 49 TYR n 
1 50 GLU n 
1 51 LEU n 
1 52 PRO n 
1 53 ASN n 
1 54 TYR n 
1 55 ARG n 
1 56 GLY n 
1 57 ARG n 
1 58 GLN n 
1 59 TYR n 
1 60 LEU n 
1 61 LEU n 
1 62 ASP n 
1 63 LYS n 
1 64 LYS n 
1 65 GLU n 
1 66 TYR n 
1 67 ARG n 
1 68 LYS n 
1 69 PRO n 
1 70 ILE n 
1 71 ASP n 
1 72 TRP n 
1 73 GLY n 
1 74 ALA n 
1 75 ALA n 
1 76 SER n 
1 77 PRO n 
1 78 ALA n 
1 79 VAL n 
1 80 GLN n 
1 81 SER n 
1 82 PHE n 
1 83 ARG n 
1 84 ARG n 
1 85 ILE n 
1 86 VAL n 
1 87 GLU n 
# 
_entity_src_gen.entity_id                          1 
_entity_src_gen.pdbx_src_id                        1 
_entity_src_gen.pdbx_alt_source_flag               sample 
_entity_src_gen.pdbx_seq_type                      ? 
_entity_src_gen.pdbx_beg_seq_num                   ? 
_entity_src_gen.pdbx_end_seq_num                   ? 
_entity_src_gen.gene_src_common_name               HUMAN 
_entity_src_gen.gene_src_genus                     ? 
_entity_src_gen.pdbx_gene_src_gene                 ? 
_entity_src_gen.gene_src_species                   ? 
_entity_src_gen.gene_src_strain                    ? 
_entity_src_gen.gene_src_tissue                    ? 
_entity_src_gen.gene_src_tissue_fraction           ? 
_entity_src_gen.gene_src_details                   ? 
_entity_src_gen.pdbx_gene_src_fragment             ? 
_entity_src_gen.pdbx_gene_src_scientific_name      'HOMO SAPIENS' 
_entity_src_gen.pdbx_gene_src_ncbi_taxonomy_id     9606 
_entity_src_gen.pdbx_gene_src_variant              ? 
_entity_src_gen.pdbx_gene_src_cell_line            ? 
_entity_src_gen.pdbx_gene_src_atcc                 ? 
_entity_src_gen.pdbx_gene_src_organ                EYE 
_entity_src_gen.pdbx_gene_src_organelle            EYE-LENS 
_entity_src_gen.pdbx_gene_src_cell                 ? 
_entity_src_gen.pdbx_gene_src_cellular_location    CYTOPLASM 
_entity_src_gen.host_org_common_name               ? 
_entity_src_gen.pdbx_host_org_scientific_name      'ESCHERICHIA COLI' 
_entity_src_gen.pdbx_host_org_ncbi_taxonomy_id     469008 
_entity_src_gen.host_org_genus                     ? 
_entity_src_gen.pdbx_host_org_gene                 ? 
_entity_src_gen.pdbx_host_org_organ                ? 
_entity_src_gen.host_org_species                   ? 
_entity_src_gen.pdbx_host_org_tissue               ? 
_entity_src_gen.pdbx_host_org_tissue_fraction      ? 
_entity_src_gen.pdbx_host_org_strain               'BL21(DE3)' 
_entity_src_gen.pdbx_host_org_variant              ? 
_entity_src_gen.pdbx_host_org_cell_line            ? 
_entity_src_gen.pdbx_host_org_atcc                 ? 
_entity_src_gen.pdbx_host_org_culture_collection   ? 
_entity_src_gen.pdbx_host_org_cell                 ? 
_entity_src_gen.pdbx_host_org_organelle            ? 
_entity_src_gen.pdbx_host_org_cellular_location    ? 
_entity_src_gen.pdbx_host_org_vector_type          ? 
_entity_src_gen.pdbx_host_org_vector               ? 
_entity_src_gen.host_org_details                   ? 
_entity_src_gen.expression_system_id               ? 
_entity_src_gen.plasmid_name                       ? 
_entity_src_gen.plasmid_details                    ? 
_entity_src_gen.pdbx_description                   ? 
# 
_struct_ref.id                         1 
_struct_ref.db_name                    UNP 
_struct_ref.db_code                    CRBS_HUMAN 
_struct_ref.entity_id                  1 
_struct_ref.pdbx_seq_one_letter_code   ? 
_struct_ref.pdbx_align_begin           ? 
_struct_ref.pdbx_db_accession          P22914 
_struct_ref.pdbx_db_isoform            ? 
# 
loop_
_struct_ref_seq.align_id 
_struct_ref_seq.ref_id 
_struct_ref_seq.pdbx_PDB_id_code 
_struct_ref_seq.pdbx_strand_id 
_struct_ref_seq.seq_align_beg 
_struct_ref_seq.pdbx_seq_align_beg_ins_code 
_struct_ref_seq.seq_align_end 
_struct_ref_seq.pdbx_seq_align_end_ins_code 
_struct_ref_seq.pdbx_db_accession 
_struct_ref_seq.db_align_beg 
_struct_ref_seq.pdbx_db_align_beg_ins_code 
_struct_ref_seq.db_align_end 
_struct_ref_seq.pdbx_db_align_end_ins_code 
_struct_ref_seq.pdbx_auth_seq_align_beg 
_struct_ref_seq.pdbx_auth_seq_align_end 
1 1 1HA4 A 1 ? 87 ? P22914 91 ? 177 ? 86 172 
2 1 1HA4 B 1 ? 87 ? P22914 91 ? 177 ? 86 172 
# 
loop_
_chem_comp.id 
_chem_comp.type 
_chem_comp.mon_nstd_flag 
_chem_comp.name 
_chem_comp.pdbx_synonyms 
_chem_comp.formula 
_chem_comp.formula_weight 
ALA 'L-peptide linking' y ALANINE         ? 'C3 H7 N O2'     89.093  
ARG 'L-peptide linking' y ARGININE        ? 'C6 H15 N4 O2 1' 175.209 
ASN 'L-peptide linking' y ASPARAGINE      ? 'C4 H8 N2 O3'    132.118 
ASP 'L-peptide linking' y 'ASPARTIC ACID' ? 'C4 H7 N O4'     133.103 
CYS 'L-peptide linking' y CYSTEINE        ? 'C3 H7 N O2 S'   121.158 
GLN 'L-peptide linking' y GLUTAMINE       ? 'C5 H10 N2 O3'   146.144 
GLU 'L-peptide linking' y 'GLUTAMIC ACID' ? 'C5 H9 N O4'     147.129 
GLY 'peptide linking'   y GLYCINE         ? 'C2 H5 N O2'     75.067  
HIS 'L-peptide linking' y HISTIDINE       ? 'C6 H10 N3 O2 1' 156.162 
HOH non-polymer         . WATER           ? 'H2 O'           18.015  
ILE 'L-peptide linking' y ISOLEUCINE      ? 'C6 H13 N O2'    131.173 
LEU 'L-peptide linking' y LEUCINE         ? 'C6 H13 N O2'    131.173 
LYS 'L-peptide linking' y LYSINE          ? 'C6 H15 N2 O2 1' 147.195 
MET 'L-peptide linking' y METHIONINE      ? 'C5 H11 N O2 S'  149.211 
PHE 'L-peptide linking' y PHENYLALANINE   ? 'C9 H11 N O2'    165.189 
PRO 'L-peptide linking' y PROLINE         ? 'C5 H9 N O2'     115.130 
SER 'L-peptide linking' y SERINE          ? 'C3 H7 N O3'     105.093 
THR 'L-peptide linking' y THREONINE       ? 'C4 H9 N O3'     119.119 
TRP 'L-peptide linking' y TRYPTOPHAN      ? 'C11 H12 N2 O2'  204.225 
TYR 'L-peptide linking' y TYROSINE        ? 'C9 H11 N O3'    181.189 
VAL 'L-peptide linking' y VALINE          ? 'C5 H11 N O2'    117.146 
# 
_exptl.entry_id          1HA4 
_exptl.method            'X-RAY DIFFRACTION' 
_exptl.crystals_number   1 
# 
_exptl_crystal.id                    1 
_exptl_crystal.density_meas          ? 
_exptl_crystal.density_Matthews      6.308 
_exptl_crystal.density_percent_sol   61 
_exptl_crystal.description           ? 
# 
_exptl_crystal_grow.crystal_id      1 
_exptl_crystal_grow.method          ? 
_exptl_crystal_grow.temp            ? 
_exptl_crystal_grow.temp_details    ? 
_exptl_crystal_grow.pH              5.00 
_exptl_crystal_grow.pdbx_pH_range   ? 
_exptl_crystal_grow.pdbx_details    '0.1M SODIUM ACETATE, 0.2M AMMONIUM SULPHATE, 24% PEG MONOMETHYLETHER, pH 5.00' 
# 
_diffrn.id                     1 
_diffrn.ambient_temp           100.0 
_diffrn.ambient_temp_details   ? 
_diffrn.crystal_id             1 
# 
_diffrn_detector.diffrn_id              1 
_diffrn_detector.detector               ? 
_diffrn_detector.type                   ? 
_diffrn_detector.pdbx_collection_date   2000-03-18 
_diffrn_detector.details                ? 
# 
_diffrn_radiation.diffrn_id                        1 
_diffrn_radiation.wavelength_id                    1 
_diffrn_radiation.pdbx_monochromatic_or_laue_m_l   M 
_diffrn_radiation.monochromator                    ? 
_diffrn_radiation.pdbx_diffrn_protocol             'SINGLE WAVELENGTH' 
_diffrn_radiation.pdbx_scattering_type             x-ray 
# 
_diffrn_radiation_wavelength.id           1 
_diffrn_radiation_wavelength.wavelength   1.5418 
_diffrn_radiation_wavelength.wt           1.0 
# 
_diffrn_source.diffrn_id                   1 
_diffrn_source.source                      SYNCHROTRON 
_diffrn_source.type                        'SRS BEAMLINE PX9.6' 
_diffrn_source.pdbx_synchrotron_site       SRS 
_diffrn_source.pdbx_synchrotron_beamline   PX9.6 
_diffrn_source.pdbx_wavelength             1.5418 
_diffrn_source.pdbx_wavelength_list        ? 
# 
_reflns.pdbx_diffrn_id               1 
_reflns.pdbx_ordinal                 1 
_reflns.entry_id                     1HA4 
_reflns.observed_criterion_sigma_I   ? 
_reflns.observed_criterion_sigma_F   ? 
_reflns.d_resolution_low             48.700 
_reflns.d_resolution_high            2.400 
_reflns.number_obs                   10955 
_reflns.number_all                   ? 
_reflns.percent_possible_obs         97.2 
_reflns.pdbx_Rmerge_I_obs            ? 
_reflns.pdbx_Rsym_value              0.05700 
_reflns.pdbx_netI_over_sigmaI        23.8000 
_reflns.B_iso_Wilson_estimate        32.439 
_reflns.pdbx_redundancy              6.500 
# 
_reflns_shell.pdbx_diffrn_id         1 
_reflns_shell.pdbx_ordinal           1 
_reflns_shell.d_res_high             2.40 
_reflns_shell.d_res_low              2.46 
_reflns_shell.percent_possible_all   99.4 
_reflns_shell.Rmerge_I_obs           ? 
_reflns_shell.pdbx_Rsym_value        0.10700 
_reflns_shell.meanI_over_sigI_obs    5.700 
_reflns_shell.pdbx_redundancy        5.90 
# 
_refine.pdbx_refine_id                           'X-RAY DIFFRACTION' 
_refine.entry_id                                 1HA4 
_refine.pdbx_diffrn_id                           1 
_refine.pdbx_TLS_residual_ADP_flag               ? 
_refine.ls_number_reflns_obs                     10965 
_refine.ls_number_reflns_all                     ? 
_refine.pdbx_ls_sigma_I                          ? 
_refine.pdbx_ls_sigma_F                          0.0 
_refine.pdbx_data_cutoff_high_absF               10000 
_refine.pdbx_data_cutoff_low_absF                ? 
_refine.pdbx_data_cutoff_high_rms_absF           ? 
_refine.ls_d_res_low                             100 
_refine.ls_d_res_high                            2.4 
_refine.ls_percent_reflns_obs                    99.4 
_refine.ls_R_factor_obs                          0.2159 
_refine.ls_R_factor_all                          ? 
_refine.ls_R_factor_R_work                       0.2159 
_refine.ls_R_factor_R_free                       0.2639 
_refine.ls_R_factor_R_free_error                 ? 
_refine.ls_R_factor_R_free_error_details         ? 
_refine.ls_percent_reflns_R_free                 7.4 
_refine.ls_number_reflns_R_free                  844 
_refine.ls_number_parameters                     ? 
_refine.ls_number_restraints                     ? 
_refine.occupancy_min                            ? 
_refine.occupancy_max                            ? 
_refine.correlation_coeff_Fo_to_Fc               ? 
_refine.correlation_coeff_Fo_to_Fc_free          ? 
_refine.B_iso_mean                               30.904 
_refine.aniso_B[1][1]                            -1.521 
_refine.aniso_B[2][2]                            -1.521 
_refine.aniso_B[3][3]                            3.042 
_refine.aniso_B[1][2]                            -6.423 
_refine.aniso_B[1][3]                            0.0 
_refine.aniso_B[2][3]                            0.0 
_refine.solvent_model_details                    'SHELL MODEL' 
_refine.solvent_model_param_ksol                 0.409 
_refine.solvent_model_param_bsol                 49.795 
_refine.pdbx_solvent_vdw_probe_radii             ? 
_refine.pdbx_solvent_ion_probe_radii             ? 
_refine.pdbx_solvent_shrinkage_radii             ? 
_refine.pdbx_ls_cross_valid_method               THROUGHOUT 
_refine.details                                  'ALSO USED CCP4 PROGRAMS REFMAC, FFT, MAPMASK AND ARPP FOR SOME REFINEMENT ROUNDS' 
_refine.pdbx_starting_model                      'PDB ENTRY 1A7H' 
_refine.pdbx_method_to_determine_struct          'MOLECULAR REPLACEMENT' 
_refine.pdbx_isotropic_thermal_model             ? 
_refine.pdbx_stereochemistry_target_values       ? 
_refine.pdbx_stereochem_target_val_spec_case     ? 
_refine.pdbx_R_Free_selection_details            RANDOM 
_refine.pdbx_overall_ESU_R                       ? 
_refine.pdbx_overall_ESU_R_Free                  ? 
_refine.overall_SU_ML                            ? 
_refine.pdbx_overall_phase_error                 ? 
_refine.overall_SU_B                             ? 
_refine.overall_SU_R_Cruickshank_DPI             ? 
_refine.pdbx_overall_SU_R_free_Cruickshank_DPI   ? 
_refine.pdbx_overall_SU_R_Blow_DPI               ? 
_refine.pdbx_overall_SU_R_free_Blow_DPI          ? 
# 
_refine_hist.pdbx_refine_id                   'X-RAY DIFFRACTION' 
_refine_hist.cycle_id                         LAST 
_refine_hist.pdbx_number_atoms_protein        1468 
_refine_hist.pdbx_number_atoms_nucleic_acid   0 
_refine_hist.pdbx_number_atoms_ligand         0 
_refine_hist.number_atoms_solvent             90 
_refine_hist.number_atoms_total               1558 
_refine_hist.d_res_high                       2.4 
_refine_hist.d_res_low                        100 
# 
loop_
_refine_ls_restr.type 
_refine_ls_restr.dev_ideal 
_refine_ls_restr.dev_ideal_target 
_refine_ls_restr.weight 
_refine_ls_restr.number 
_refine_ls_restr.pdbx_refine_id 
_refine_ls_restr.pdbx_restraint_function 
c_bond_d                0.0093 ? ? ? 'X-RAY DIFFRACTION' ? 
c_bond_d_na             ?      ? ? ? 'X-RAY DIFFRACTION' ? 
c_bond_d_prot           ?      ? ? ? 'X-RAY DIFFRACTION' ? 
c_angle_d               ?      ? ? ? 'X-RAY DIFFRACTION' ? 
c_angle_d_na            ?      ? ? ? 'X-RAY DIFFRACTION' ? 
c_angle_d_prot          ?      ? ? ? 'X-RAY DIFFRACTION' ? 
c_angle_deg             1.388  ? ? ? 'X-RAY DIFFRACTION' ? 
c_angle_deg_na          ?      ? ? ? 'X-RAY DIFFRACTION' ? 
c_angle_deg_prot        ?      ? ? ? 'X-RAY DIFFRACTION' ? 
c_dihedral_angle_d      ?      ? ? ? 'X-RAY DIFFRACTION' ? 
c_dihedral_angle_d_na   ?      ? ? ? 'X-RAY DIFFRACTION' ? 
c_dihedral_angle_d_prot ?      ? ? ? 'X-RAY DIFFRACTION' ? 
c_improper_angle_d      ?      ? ? ? 'X-RAY DIFFRACTION' ? 
c_improper_angle_d_na   ?      ? ? ? 'X-RAY DIFFRACTION' ? 
c_improper_angle_d_prot ?      ? ? ? 'X-RAY DIFFRACTION' ? 
c_mcbond_it             ?      ? ? ? 'X-RAY DIFFRACTION' ? 
c_mcangle_it            ?      ? ? ? 'X-RAY DIFFRACTION' ? 
c_scbond_it             ?      ? ? ? 'X-RAY DIFFRACTION' ? 
c_scangle_it            ?      ? ? ? 'X-RAY DIFFRACTION' ? 
# 
_refine_ls_shell.pdbx_refine_id                   'X-RAY DIFFRACTION' 
_refine_ls_shell.pdbx_total_number_of_bins_used   20 
_refine_ls_shell.d_res_high                       2.4 
_refine_ls_shell.d_res_low                        2.46 
_refine_ls_shell.number_reflns_R_work             819 
_refine_ls_shell.R_factor_R_work                  0.107 
_refine_ls_shell.percent_reflns_obs               97.5 
_refine_ls_shell.R_factor_R_free                  ? 
_refine_ls_shell.R_factor_R_free_error            ? 
_refine_ls_shell.percent_reflns_R_free            ? 
_refine_ls_shell.number_reflns_R_free             ? 
_refine_ls_shell.number_reflns_all                ? 
_refine_ls_shell.R_factor_all                     ? 
# 
loop_
_pdbx_xplor_file.pdbx_refine_id 
_pdbx_xplor_file.serial_no 
_pdbx_xplor_file.param_file 
_pdbx_xplor_file.topol_file 
'X-RAY DIFFRACTION' 1 PROTEIN_REP.PARAM PROTEIN.TOP 
'X-RAY DIFFRACTION' 2 WATER_REP.PARAM   WATER.TOP   
# 
_struct.entry_id                  1HA4 
_struct.title                     'GammaS crystallin C terminal domain from Homo Sapiens' 
_struct.pdbx_model_details        ? 
_struct.pdbx_CASP_flag            ? 
_struct.pdbx_model_type_details   ? 
# 
_struct_keywords.entry_id        1HA4 
_struct_keywords.pdbx_keywords   'EYE LENS PROTEIN' 
_struct_keywords.text            'EYE LENS PROTEIN, GAMMAS CRYSTALLIN' 
# 
loop_
_struct_asym.id 
_struct_asym.pdbx_blank_PDB_chainid_flag 
_struct_asym.pdbx_modified 
_struct_asym.entity_id 
_struct_asym.details 
A N N 1 ? 
B N N 1 ? 
C N N 2 ? 
D N N 2 ? 
# 
_struct_biol.id   1 
# 
loop_
_struct_conf.conf_type_id 
_struct_conf.id 
_struct_conf.pdbx_PDB_helix_id 
_struct_conf.beg_label_comp_id 
_struct_conf.beg_label_asym_id 
_struct_conf.beg_label_seq_id 
_struct_conf.pdbx_beg_PDB_ins_code 
_struct_conf.end_label_comp_id 
_struct_conf.end_label_asym_id 
_struct_conf.end_label_seq_id 
_struct_conf.pdbx_end_PDB_ins_code 
_struct_conf.beg_auth_comp_id 
_struct_conf.beg_auth_asym_id 
_struct_conf.beg_auth_seq_id 
_struct_conf.end_auth_comp_id 
_struct_conf.end_auth_asym_id 
_struct_conf.end_auth_seq_id 
_struct_conf.pdbx_PDB_helix_class 
_struct_conf.details 
_struct_conf.pdbx_PDB_helix_length 
HELX_P HELX_P1 1 SER A 26 ? HIS A 32 ? SER A 111 HIS A 117 1 ? 7 
HELX_P HELX_P2 2 LYS A 68 ? GLY A 73 ? LYS A 153 GLY A 158 5 ? 6 
HELX_P HELX_P3 3 GLY B 11 ? PHE B 13 ? GLY B 96  PHE B 98  5 ? 3 
HELX_P HELX_P4 4 SER B 26 ? HIS B 32 ? SER B 111 HIS B 117 1 ? 7 
HELX_P HELX_P5 5 LYS B 68 ? GLY B 73 ? LYS B 153 GLY B 158 5 ? 6 
# 
_struct_conf_type.id          HELX_P 
_struct_conf_type.criteria    ? 
_struct_conf_type.reference   ? 
# 
loop_
_struct_sheet.id 
_struct_sheet.type 
_struct_sheet.number_strands 
_struct_sheet.details 
AA ? 4 ? 
AB ? 3 ? 
BA ? 4 ? 
BB ? 3 ? 
# 
loop_
_struct_sheet_order.sheet_id 
_struct_sheet_order.range_id_1 
_struct_sheet_order.range_id_2 
_struct_sheet_order.offset 
_struct_sheet_order.sense 
AA 1 2 ? anti-parallel 
AA 2 3 ? anti-parallel 
AA 3 4 ? anti-parallel 
AB 1 2 ? anti-parallel 
AB 2 3 ? anti-parallel 
BA 1 2 ? anti-parallel 
BA 2 3 ? anti-parallel 
BA 3 4 ? anti-parallel 
BB 1 2 ? anti-parallel 
BB 2 3 ? anti-parallel 
# 
loop_
_struct_sheet_range.sheet_id 
_struct_sheet_range.id 
_struct_sheet_range.beg_label_comp_id 
_struct_sheet_range.beg_label_asym_id 
_struct_sheet_range.beg_label_seq_id 
_struct_sheet_range.pdbx_beg_PDB_ins_code 
_struct_sheet_range.end_label_comp_id 
_struct_sheet_range.end_label_asym_id 
_struct_sheet_range.end_label_seq_id 
_struct_sheet_range.pdbx_end_PDB_ins_code 
_struct_sheet_range.beg_auth_comp_id 
_struct_sheet_range.beg_auth_asym_id 
_struct_sheet_range.beg_auth_seq_id 
_struct_sheet_range.end_auth_comp_id 
_struct_sheet_range.end_auth_asym_id 
_struct_sheet_range.end_auth_seq_id 
AA 1 SER A 14 ? THR A 20 ? SER A 99  THR A 105 
AA 2 LYS A 4  ? LYS A 10 ? LYS A 89  LYS A 95  
AA 3 SER A 38 ? GLU A 43 ? SER A 123 GLU A 128 
AA 4 GLU A 65 ? TYR A 66 ? GLU A 150 TYR A 151 
AB 1 ARG A 55 ? LEU A 61 ? ARG A 140 LEU A 146 
AB 2 TRP A 46 ? LEU A 51 ? TRP A 131 LEU A 136 
AB 3 SER A 81 ? ARG A 84 ? SER A 166 ARG A 169 
BA 1 SER B 14 ? THR B 20 ? SER B 99  THR B 105 
BA 2 LYS B 4  ? LYS B 10 ? LYS B 89  LYS B 95  
BA 3 SER B 38 ? GLU B 43 ? SER B 123 GLU B 128 
BA 4 GLU B 65 ? TYR B 66 ? GLU B 150 TYR B 151 
BB 1 ARG B 55 ? LEU B 61 ? ARG B 140 LEU B 146 
BB 2 TRP B 46 ? LEU B 51 ? TRP B 131 LEU B 136 
BB 3 SER B 81 ? ARG B 84 ? SER B 166 ARG B 169 
# 
loop_
_pdbx_struct_sheet_hbond.sheet_id 
_pdbx_struct_sheet_hbond.range_id_1 
_pdbx_struct_sheet_hbond.range_id_2 
_pdbx_struct_sheet_hbond.range_1_label_atom_id 
_pdbx_struct_sheet_hbond.range_1_label_comp_id 
_pdbx_struct_sheet_hbond.range_1_label_asym_id 
_pdbx_struct_sheet_hbond.range_1_label_seq_id 
_pdbx_struct_sheet_hbond.range_1_PDB_ins_code 
_pdbx_struct_sheet_hbond.range_1_auth_atom_id 
_pdbx_struct_sheet_hbond.range_1_auth_comp_id 
_pdbx_struct_sheet_hbond.range_1_auth_asym_id 
_pdbx_struct_sheet_hbond.range_1_auth_seq_id 
_pdbx_struct_sheet_hbond.range_2_label_atom_id 
_pdbx_struct_sheet_hbond.range_2_label_comp_id 
_pdbx_struct_sheet_hbond.range_2_label_asym_id 
_pdbx_struct_sheet_hbond.range_2_label_seq_id 
_pdbx_struct_sheet_hbond.range_2_PDB_ins_code 
_pdbx_struct_sheet_hbond.range_2_auth_atom_id 
_pdbx_struct_sheet_hbond.range_2_auth_comp_id 
_pdbx_struct_sheet_hbond.range_2_auth_asym_id 
_pdbx_struct_sheet_hbond.range_2_auth_seq_id 
AA 1 2 N THR A 20 ? N THR A 105 O ILE A 5  ? O ILE A 90  
AA 2 3 N PHE A 8  ? N PHE A 93  O SER A 38 ? O SER A 123 
AA 3 4 N CYS A 39 ? N CYS A 124 O TYR A 66 ? O TYR A 151 
AB 1 2 N LEU A 61 ? N LEU A 146 O TRP A 46 ? O TRP A 131 
AB 2 3 N TYR A 49 ? N TYR A 134 O SER A 81 ? O SER A 166 
BA 1 2 N THR B 20 ? N THR B 105 O ILE B 5  ? O ILE B 90  
BA 2 3 N PHE B 8  ? N PHE B 93  O SER B 38 ? O SER B 123 
BA 3 4 N CYS B 39 ? N CYS B 124 O TYR B 66 ? O TYR B 151 
BB 1 2 N LEU B 61 ? N LEU B 146 O TRP B 46 ? O TRP B 131 
BB 2 3 N TYR B 49 ? N TYR B 134 O SER B 81 ? O SER B 166 
# 
_atom_sites.entry_id                    1HA4 
_atom_sites.fract_transf_matrix[1][1]   -0.01058081 
_atom_sites.fract_transf_matrix[1][2]   0.01554956 
_atom_sites.fract_transf_matrix[1][3]   0.00054337 
_atom_sites.fract_transf_matrix[2][1]   0.00772032 
_atom_sites.fract_transf_matrix[2][2]   0.01646934 
_atom_sites.fract_transf_matrix[2][3]   0.00481656 
_atom_sites.fract_transf_matrix[3][1]   0.00089002 
_atom_sites.fract_transf_matrix[3][2]   0.00074442 
_atom_sites.fract_transf_matrix[3][3]   -0.00397200 
_atom_sites.fract_transf_vector[1]      0.495921 
_atom_sites.fract_transf_vector[2]      0.405585 
_atom_sites.fract_transf_vector[3]      -0.016186 
# 
loop_
_atom_type.symbol 
C 
N 
O 
S 
# 
loop_
_atom_site.group_PDB 
_atom_site.id 
_atom_site.type_symbol 
_atom_site.label_atom_id 
_atom_site.label_alt_id 
_atom_site.label_comp_id 
_atom_site.label_asym_id 
_atom_site.label_entity_id 
_atom_site.label_seq_id 
_atom_site.pdbx_PDB_ins_code 
_atom_site.Cartn_x 
_atom_site.Cartn_y 
_atom_site.Cartn_z 
_atom_site.occupancy 
_atom_site.B_iso_or_equiv 
_atom_site.pdbx_formal_charge 
_atom_site.auth_seq_id 
_atom_site.auth_comp_id 
_atom_site.auth_asym_id 
_atom_site.auth_atom_id 
_atom_site.pdbx_PDB_model_num 
ATOM   1    N N   . GLY A 1 1  ? 2.327   10.912  -19.484 1.00 46.58 ? 86   GLY A N   1 
ATOM   2    C CA  . GLY A 1 1  ? 1.926   11.602  -18.235 1.00 46.95 ? 86   GLY A CA  1 
ATOM   3    C C   . GLY A 1 1  ? 2.513   10.876  -17.045 1.00 47.75 ? 86   GLY A C   1 
ATOM   4    O O   . GLY A 1 1  ? 3.347   9.984   -17.215 1.00 52.54 ? 86   GLY A O   1 
ATOM   5    N N   . GLN A 1 2  ? 2.076   11.228  -15.840 1.00 44.80 ? 87   GLN A N   1 
ATOM   6    C CA  . GLN A 1 2  ? 2.607   10.577  -14.648 1.00 39.80 ? 87   GLN A CA  1 
ATOM   7    C C   . GLN A 1 2  ? 1.913   9.291   -14.220 1.00 34.67 ? 87   GLN A C   1 
ATOM   8    O O   . GLN A 1 2  ? 2.551   8.422   -13.634 1.00 33.37 ? 87   GLN A O   1 
ATOM   9    C CB  . GLN A 1 2  ? 2.630   11.561  -13.481 1.00 41.62 ? 87   GLN A CB  1 
ATOM   10   C CG  . GLN A 1 2  ? 3.719   12.599  -13.603 1.00 47.27 ? 87   GLN A CG  1 
ATOM   11   C CD  . GLN A 1 2  ? 3.777   13.515  -12.401 1.00 55.88 ? 87   GLN A CD  1 
ATOM   12   O OE1 . GLN A 1 2  ? 2.855   14.295  -12.155 1.00 58.02 ? 87   GLN A OE1 1 
ATOM   13   N NE2 . GLN A 1 2  ? 4.863   13.422  -11.637 1.00 59.16 ? 87   GLN A NE2 1 
ATOM   14   N N   . TYR A 1 3  ? 0.622   9.144   -14.517 1.00 30.87 ? 88   TYR A N   1 
ATOM   15   C CA  . TYR A 1 3  ? -0.091  7.936   -14.105 1.00 25.81 ? 88   TYR A CA  1 
ATOM   16   C C   . TYR A 1 3  ? -0.842  7.191   -15.196 1.00 25.52 ? 88   TYR A C   1 
ATOM   17   O O   . TYR A 1 3  ? -1.722  7.748   -15.852 1.00 24.06 ? 88   TYR A O   1 
ATOM   18   C CB  . TYR A 1 3  ? -1.060  8.263   -12.965 1.00 23.34 ? 88   TYR A CB  1 
ATOM   19   C CG  . TYR A 1 3  ? -0.383  8.869   -11.765 1.00 25.66 ? 88   TYR A CG  1 
ATOM   20   C CD1 . TYR A 1 3  ? -0.199  10.255  -11.655 1.00 27.13 ? 88   TYR A CD1 1 
ATOM   21   C CD2 . TYR A 1 3  ? 0.142   8.055   -10.770 1.00 30.95 ? 88   TYR A CD2 1 
ATOM   22   C CE1 . TYR A 1 3  ? 0.501   10.806  -10.584 1.00 29.27 ? 88   TYR A CE1 1 
ATOM   23   C CE2 . TYR A 1 3  ? 0.839   8.594   -9.695  1.00 34.22 ? 88   TYR A CE2 1 
ATOM   24   C CZ  . TYR A 1 3  ? 1.019   9.963   -9.609  1.00 33.56 ? 88   TYR A CZ  1 
ATOM   25   O OH  . TYR A 1 3  ? 1.727   10.464  -8.538  1.00 41.85 ? 88   TYR A OH  1 
ATOM   26   N N   . LYS A 1 4  ? -0.502  5.914   -15.370 1.00 25.02 ? 89   LYS A N   1 
ATOM   27   C CA  . LYS A 1 4  ? -1.171  5.089   -16.367 1.00 22.17 ? 89   LYS A CA  1 
ATOM   28   C C   . LYS A 1 4  ? -1.014  3.595   -16.117 1.00 23.08 ? 89   LYS A C   1 
ATOM   29   O O   . LYS A 1 4  ? 0.092   3.099   -15.865 1.00 19.52 ? 89   LYS A O   1 
ATOM   30   C CB  . LYS A 1 4  ? -0.668  5.414   -17.775 1.00 20.43 ? 89   LYS A CB  1 
ATOM   31   C CG  . LYS A 1 4  ? -1.415  4.639   -18.847 1.00 21.13 ? 89   LYS A CG  1 
ATOM   32   C CD  . LYS A 1 4  ? -0.880  4.931   -20.231 1.00 24.24 ? 89   LYS A CD  1 
ATOM   33   C CE  . LYS A 1 4  ? -1.133  6.371   -20.645 1.00 31.69 ? 89   LYS A CE  1 
ATOM   34   N NZ  . LYS A 1 4  ? -0.462  6.681   -21.945 1.00 34.58 ? 89   LYS A NZ  1 
ATOM   35   N N   . ILE A 1 5  ? -2.126  2.875   -16.248 1.00 20.75 ? 90   ILE A N   1 
ATOM   36   C CA  . ILE A 1 5  ? -2.144  1.441   -16.009 1.00 16.02 ? 90   ILE A CA  1 
ATOM   37   C C   . ILE A 1 5  ? -3.144  0.704   -16.924 1.00 20.85 ? 90   ILE A C   1 
ATOM   38   O O   . ILE A 1 5  ? -4.216  1.226   -17.246 1.00 16.11 ? 90   ILE A O   1 
ATOM   39   C CB  . ILE A 1 5  ? -2.517  1.181   -14.516 1.00 17.26 ? 90   ILE A CB  1 
ATOM   40   C CG1 . ILE A 1 5  ? -2.496  -0.303  -14.197 1.00 14.43 ? 90   ILE A CG1 1 
ATOM   41   C CG2 . ILE A 1 5  ? -3.916  1.789   -14.196 1.00 18.16 ? 90   ILE A CG2 1 
ATOM   42   C CD1 . ILE A 1 5  ? -2.714  -0.588  -12.702 1.00 17.42 ? 90   ILE A CD1 1 
ATOM   43   N N   . GLN A 1 6  ? -2.775  -0.507  -17.332 1.00 18.89 ? 91   GLN A N   1 
ATOM   44   C CA  . GLN A 1 6  ? -3.624  -1.347  -18.164 1.00 21.05 ? 91   GLN A CA  1 
ATOM   45   C C   . GLN A 1 6  ? -4.000  -2.541  -17.322 1.00 22.16 ? 91   GLN A C   1 
ATOM   46   O O   . GLN A 1 6  ? -3.130  -3.161  -16.720 1.00 19.40 ? 91   GLN A O   1 
ATOM   47   C CB  . GLN A 1 6  ? -2.874  -1.818  -19.423 1.00 16.55 ? 91   GLN A CB  1 
ATOM   48   C CG  . GLN A 1 6  ? -2.534  -0.675  -20.360 1.00 17.20 ? 91   GLN A CG  1 
ATOM   49   C CD  . GLN A 1 6  ? -1.705  -1.073  -21.566 1.00 25.46 ? 91   GLN A CD  1 
ATOM   50   O OE1 . GLN A 1 6  ? -0.987  -2.081  -21.554 1.00 24.30 ? 91   GLN A OE1 1 
ATOM   51   N NE2 . GLN A 1 6  ? -1.778  -0.258  -22.614 1.00 14.72 ? 91   GLN A NE2 1 
ATOM   52   N N   . ILE A 1 7  ? -5.296  -2.842  -17.246 1.00 21.39 ? 92   ILE A N   1 
ATOM   53   C CA  . ILE A 1 7  ? -5.745  -3.997  -16.482 1.00 20.90 ? 92   ILE A CA  1 
ATOM   54   C C   . ILE A 1 7  ? -6.437  -4.980  -17.435 1.00 23.17 ? 92   ILE A C   1 
ATOM   55   O O   . ILE A 1 7  ? -7.153  -4.574  -18.356 1.00 21.23 ? 92   ILE A O   1 
ATOM   56   C CB  . ILE A 1 7  ? -6.699  -3.604  -15.328 1.00 19.41 ? 92   ILE A CB  1 
ATOM   57   C CG1 . ILE A 1 7  ? -7.958  -2.937  -15.878 1.00 18.24 ? 92   ILE A CG1 1 
ATOM   58   C CG2 . ILE A 1 7  ? -5.954  -2.706  -14.331 1.00 20.36 ? 92   ILE A CG2 1 
ATOM   59   C CD1 . ILE A 1 7  ? -8.986  -2.593  -14.796 1.00 15.29 ? 92   ILE A CD1 1 
ATOM   60   N N   . PHE A 1 8  ? -6.204  -6.270  -17.204 1.00 21.19 ? 93   PHE A N   1 
ATOM   61   C CA  . PHE A 1 8  ? -6.737  -7.335  -18.051 1.00 22.08 ? 93   PHE A CA  1 
ATOM   62   C C   . PHE A 1 8  ? -7.682  -8.318  -17.341 1.00 25.12 ? 93   PHE A C   1 
ATOM   63   O O   . PHE A 1 8  ? -7.518  -8.616  -16.144 1.00 28.09 ? 93   PHE A O   1 
ATOM   64   C CB  . PHE A 1 8  ? -5.577  -8.121  -18.642 1.00 14.09 ? 93   PHE A CB  1 
ATOM   65   C CG  . PHE A 1 8  ? -4.636  -7.302  -19.478 1.00 17.09 ? 93   PHE A CG  1 
ATOM   66   C CD1 . PHE A 1 8  ? -3.702  -6.465  -18.880 1.00 18.88 ? 93   PHE A CD1 1 
ATOM   67   C CD2 . PHE A 1 8  ? -4.640  -7.420  -20.873 1.00 17.43 ? 93   PHE A CD2 1 
ATOM   68   C CE1 . PHE A 1 8  ? -2.777  -5.759  -19.647 1.00 17.32 ? 93   PHE A CE1 1 
ATOM   69   C CE2 . PHE A 1 8  ? -3.716  -6.717  -21.662 1.00 17.88 ? 93   PHE A CE2 1 
ATOM   70   C CZ  . PHE A 1 8  ? -2.782  -5.886  -21.049 1.00 22.04 ? 93   PHE A CZ  1 
ATOM   71   N N   . GLU A 1 9  ? -8.652  -8.840  -18.085 1.00 25.51 ? 94   GLU A N   1 
ATOM   72   C CA  . GLU A 1 9  ? -9.618  -9.786  -17.526 1.00 28.19 ? 94   GLU A CA  1 
ATOM   73   C C   . GLU A 1 9  ? -9.046  -11.171 -17.297 1.00 26.89 ? 94   GLU A C   1 
ATOM   74   O O   . GLU A 1 9  ? -9.611  -11.941 -16.538 1.00 29.45 ? 94   GLU A O   1 
ATOM   75   C CB  . GLU A 1 9  ? -10.848 -9.929  -18.428 1.00 32.32 ? 94   GLU A CB  1 
ATOM   76   C CG  . GLU A 1 9  ? -11.757 -8.717  -18.454 1.00 43.87 ? 94   GLU A CG  1 
ATOM   77   C CD  . GLU A 1 9  ? -13.029 -8.960  -19.247 1.00 48.89 ? 94   GLU A CD  1 
ATOM   78   O OE1 . GLU A 1 9  ? -12.935 -9.530  -20.355 1.00 53.47 ? 94   GLU A OE1 1 
ATOM   79   O OE2 . GLU A 1 9  ? -14.121 -8.575  -18.770 1.00 52.33 ? 94   GLU A OE2 1 
ATOM   80   N N   . LYS A 1 10 ? -7.947  -11.500 -17.964 1.00 24.05 ? 95   LYS A N   1 
ATOM   81   C CA  . LYS A 1 10 ? -7.336  -12.815 -17.815 1.00 25.96 ? 95   LYS A CA  1 
ATOM   82   C C   . LYS A 1 10 ? -5.853  -12.699 -17.545 1.00 28.53 ? 95   LYS A C   1 
ATOM   83   O O   . LYS A 1 10 ? -5.240  -11.659 -17.815 1.00 25.79 ? 95   LYS A O   1 
ATOM   84   C CB  . LYS A 1 10 ? -7.537  -13.661 -19.078 1.00 27.13 ? 95   LYS A CB  1 
ATOM   85   C CG  . LYS A 1 10 ? -8.992  -13.973 -19.386 1.00 35.77 ? 95   LYS A CG  1 
ATOM   86   C CD  . LYS A 1 10 ? -9.107  -14.816 -20.628 1.00 41.97 ? 95   LYS A CD  1 
ATOM   87   C CE  . LYS A 1 10 ? -10.554 -14.962 -21.057 1.00 46.94 ? 95   LYS A CE  1 
ATOM   88   N NZ  . LYS A 1 10 ? -10.631 -15.540 -22.433 1.00 49.45 ? 95   LYS A NZ  1 
ATOM   89   N N   . GLY A 1 11 ? -5.278  -13.782 -17.026 1.00 28.50 ? 96   GLY A N   1 
ATOM   90   C CA  . GLY A 1 11 ? -3.859  -13.801 -16.723 1.00 27.06 ? 96   GLY A CA  1 
ATOM   91   C C   . GLY A 1 11 ? -3.048  -13.643 -17.982 1.00 30.00 ? 96   GLY A C   1 
ATOM   92   O O   . GLY A 1 11 ? -3.595  -13.700 -19.085 1.00 32.60 ? 96   GLY A O   1 
ATOM   93   N N   . ASP A 1 12 ? -1.748  -13.437 -17.827 1.00 32.33 ? 97   ASP A N   1 
ATOM   94   C CA  . ASP A 1 12 ? -0.857  -13.264 -18.968 1.00 35.63 ? 97   ASP A CA  1 
ATOM   95   C C   . ASP A 1 12 ? -1.374  -12.244 -19.988 1.00 36.13 ? 97   ASP A C   1 
ATOM   96   O O   . ASP A 1 12 ? -1.330  -12.461 -21.199 1.00 37.28 ? 97   ASP A O   1 
ATOM   97   C CB  . ASP A 1 12 ? -0.607  -14.613 -19.640 1.00 42.18 ? 97   ASP A CB  1 
ATOM   98   C CG  . ASP A 1 12 ? 0.066   -15.616 -18.703 1.00 48.03 ? 97   ASP A CG  1 
ATOM   99   O OD1 . ASP A 1 12 ? 1.192   -15.331 -18.234 1.00 46.19 ? 97   ASP A OD1 1 
ATOM   100  O OD2 . ASP A 1 12 ? -0.535  -16.685 -18.436 1.00 50.72 ? 97   ASP A OD2 1 
ATOM   101  N N   . PHE A 1 13 ? -1.871  -11.126 -19.476 1.00 35.26 ? 98   PHE A N   1 
ATOM   102  C CA  . PHE A 1 13 ? -2.368  -10.028 -20.300 1.00 34.63 ? 98   PHE A CA  1 
ATOM   103  C C   . PHE A 1 13 ? -3.272  -10.430 -21.465 1.00 34.73 ? 98   PHE A C   1 
ATOM   104  O O   . PHE A 1 13 ? -3.135  -9.901  -22.577 1.00 34.89 ? 98   PHE A O   1 
ATOM   105  C CB  . PHE A 1 13 ? -1.185  -9.215  -20.835 1.00 30.77 ? 98   PHE A CB  1 
ATOM   106  C CG  . PHE A 1 13 ? -0.047  -9.103  -19.869 1.00 31.26 ? 98   PHE A CG  1 
ATOM   107  C CD1 . PHE A 1 13 ? -0.234  -8.526  -18.610 1.00 33.22 ? 98   PHE A CD1 1 
ATOM   108  C CD2 . PHE A 1 13 ? 1.212   -9.591  -20.206 1.00 33.33 ? 98   PHE A CD2 1 
ATOM   109  C CE1 . PHE A 1 13 ? 0.819   -8.435  -17.694 1.00 31.55 ? 98   PHE A CE1 1 
ATOM   110  C CE2 . PHE A 1 13 ? 2.275   -9.511  -19.308 1.00 30.42 ? 98   PHE A CE2 1 
ATOM   111  C CZ  . PHE A 1 13 ? 2.079   -8.929  -18.044 1.00 36.54 ? 98   PHE A CZ  1 
ATOM   112  N N   . SER A 1 14 ? -4.192  -11.358 -21.222 1.00 31.46 ? 99   SER A N   1 
ATOM   113  C CA  . SER A 1 14 ? -5.114  -11.765 -22.273 1.00 34.96 ? 99   SER A CA  1 
ATOM   114  C C   . SER A 1 14 ? -6.531  -11.353 -21.864 1.00 33.38 ? 99   SER A C   1 
ATOM   115  O O   . SER A 1 14 ? -6.741  -10.853 -20.748 1.00 34.38 ? 99   SER A O   1 
ATOM   116  C CB  . SER A 1 14 ? -5.035  -13.276 -22.518 1.00 33.64 ? 99   SER A CB  1 
ATOM   117  O OG  . SER A 1 14 ? -5.579  -13.988 -21.428 1.00 44.25 ? 99   SER A OG  1 
ATOM   118  N N   . GLY A 1 15 ? -7.500  -11.560 -22.753 1.00 29.17 ? 100  GLY A N   1 
ATOM   119  C CA  . GLY A 1 15 ? -8.870  -11.158 -22.460 1.00 27.47 ? 100  GLY A CA  1 
ATOM   120  C C   . GLY A 1 15 ? -9.028  -9.690  -22.839 1.00 27.54 ? 100  GLY A C   1 
ATOM   121  O O   . GLY A 1 15 ? -8.165  -9.129  -23.527 1.00 27.99 ? 100  GLY A O   1 
ATOM   122  N N   . GLN A 1 16 ? -10.118 -9.060  -22.417 1.00 26.52 ? 101  GLN A N   1 
ATOM   123  C CA  . GLN A 1 16 ? -10.331 -7.642  -22.719 1.00 26.34 ? 101  GLN A CA  1 
ATOM   124  C C   . GLN A 1 16 ? -9.398  -6.794  -21.858 1.00 24.73 ? 101  GLN A C   1 
ATOM   125  O O   . GLN A 1 16 ? -9.025  -7.186  -20.750 1.00 25.06 ? 101  GLN A O   1 
ATOM   126  C CB  . GLN A 1 16 ? -11.786 -7.221  -22.431 1.00 24.44 ? 101  GLN A CB  1 
ATOM   127  C CG  . GLN A 1 16 ? -12.086 -5.745  -22.745 1.00 24.83 ? 101  GLN A CG  1 
ATOM   128  C CD  . GLN A 1 16 ? -11.798 -5.377  -24.208 1.00 25.61 ? 101  GLN A CD  1 
ATOM   129  O OE1 . GLN A 1 16 ? -12.707 -5.301  -25.046 1.00 24.28 ? 101  GLN A OE1 1 
ATOM   130  N NE2 . GLN A 1 16 ? -10.523 -5.166  -24.518 1.00 22.62 ? 101  GLN A NE2 1 
ATOM   131  N N   . MET A 1 17 ? -9.017  -5.632  -22.369 1.00 25.50 ? 102  MET A N   1 
ATOM   132  C CA  . MET A 1 17 ? -8.140  -4.743  -21.619 1.00 26.27 ? 102  MET A CA  1 
ATOM   133  C C   . MET A 1 17 ? -8.750  -3.354  -21.436 1.00 24.66 ? 102  MET A C   1 
ATOM   134  O O   . MET A 1 17 ? -9.446  -2.853  -22.319 1.00 20.13 ? 102  MET A O   1 
ATOM   135  C CB  . MET A 1 17 ? -6.799  -4.590  -22.334 1.00 28.61 ? 102  MET A CB  1 
ATOM   136  C CG  . MET A 1 17 ? -5.851  -3.649  -21.605 1.00 34.56 ? 102  MET A CG  1 
ATOM   137  S SD  . MET A 1 17 ? -4.671  -2.863  -22.706 1.00 42.85 ? 102  MET A SD  1 
ATOM   138  C CE  . MET A 1 17 ? -5.640  -1.410  -23.201 1.00 38.82 ? 102  MET A CE  1 
ATOM   139  N N   . TYR A 1 18 ? -8.497  -2.753  -20.277 1.00 23.01 ? 103  TYR A N   1 
ATOM   140  C CA  . TYR A 1 18 ? -8.950  -1.402  -19.996 1.00 18.47 ? 103  TYR A CA  1 
ATOM   141  C C   . TYR A 1 18 ? -7.729  -0.595  -19.552 1.00 20.32 ? 103  TYR A C   1 
ATOM   142  O O   . TYR A 1 18 ? -6.872  -1.075  -18.792 1.00 17.91 ? 103  TYR A O   1 
ATOM   143  C CB  . TYR A 1 18 ? -10.008 -1.367  -18.896 1.00 19.64 ? 103  TYR A CB  1 
ATOM   144  C CG  . TYR A 1 18 ? -11.194 -2.241  -19.162 1.00 18.50 ? 103  TYR A CG  1 
ATOM   145  C CD1 . TYR A 1 18 ? -11.263 -3.522  -18.620 1.00 20.21 ? 103  TYR A CD1 1 
ATOM   146  C CD2 . TYR A 1 18 ? -12.220 -1.824  -20.010 1.00 21.77 ? 103  TYR A CD2 1 
ATOM   147  C CE1 . TYR A 1 18 ? -12.318 -4.384  -18.921 1.00 20.87 ? 103  TYR A CE1 1 
ATOM   148  C CE2 . TYR A 1 18 ? -13.288 -2.677  -20.314 1.00 22.22 ? 103  TYR A CE2 1 
ATOM   149  C CZ  . TYR A 1 18 ? -13.321 -3.959  -19.765 1.00 23.56 ? 103  TYR A CZ  1 
ATOM   150  O OH  . TYR A 1 18 ? -14.339 -4.832  -20.066 1.00 32.41 ? 103  TYR A OH  1 
ATOM   151  N N   . GLU A 1 19 ? -7.647  0.632   -20.045 1.00 18.16 ? 104  GLU A N   1 
ATOM   152  C CA  . GLU A 1 19 ? -6.542  1.518   -19.708 1.00 22.34 ? 104  GLU A CA  1 
ATOM   153  C C   . GLU A 1 19 ? -7.126  2.745   -19.007 1.00 23.21 ? 104  GLU A C   1 
ATOM   154  O O   . GLU A 1 19 ? -8.203  3.251   -19.401 1.00 16.94 ? 104  GLU A O   1 
ATOM   155  C CB  . GLU A 1 19 ? -5.811  1.932   -20.981 1.00 24.16 ? 104  GLU A CB  1 
ATOM   156  C CG  . GLU A 1 19 ? -4.536  2.718   -20.770 1.00 28.39 ? 104  GLU A CG  1 
ATOM   157  C CD  . GLU A 1 19 ? -3.850  3.030   -22.096 1.00 32.09 ? 104  GLU A CD  1 
ATOM   158  O OE1 . GLU A 1 19 ? -3.790  4.222   -22.484 1.00 27.19 ? 104  GLU A OE1 1 
ATOM   159  O OE2 . GLU A 1 19 ? -3.383  2.070   -22.752 1.00 31.47 ? 104  GLU A OE2 1 
ATOM   160  N N   . THR A 1 20 ? -6.438  3.205   -17.957 1.00 18.92 ? 105  THR A N   1 
ATOM   161  C CA  . THR A 1 20 ? -6.906  4.360   -17.202 1.00 19.93 ? 105  THR A CA  1 
ATOM   162  C C   . THR A 1 20 ? -5.734  5.180   -16.622 1.00 20.99 ? 105  THR A C   1 
ATOM   163  O O   . THR A 1 20 ? -4.604  4.690   -16.519 1.00 22.00 ? 105  THR A O   1 
ATOM   164  C CB  . THR A 1 20 ? -7.906  3.892   -16.064 1.00 20.26 ? 105  THR A CB  1 
ATOM   165  O OG1 . THR A 1 20 ? -8.569  5.028   -15.482 1.00 18.92 ? 105  THR A OG1 1 
ATOM   166  C CG2 . THR A 1 20 ? -7.166  3.104   -14.967 1.00 12.35 ? 105  THR A CG2 1 
ATOM   167  N N   . THR A 1 21 ? -6.011  6.433   -16.258 1.00 23.05 ? 106  THR A N   1 
ATOM   168  C CA  . THR A 1 21 ? -5.003  7.341   -15.691 1.00 20.89 ? 106  THR A CA  1 
ATOM   169  C C   . THR A 1 21 ? -5.527  7.972   -14.401 1.00 22.94 ? 106  THR A C   1 
ATOM   170  O O   . THR A 1 21 ? -4.874  8.848   -13.831 1.00 21.35 ? 106  THR A O   1 
ATOM   171  C CB  . THR A 1 21 ? -4.688  8.520   -16.626 1.00 18.81 ? 106  THR A CB  1 
ATOM   172  O OG1 . THR A 1 21 ? -5.857  9.347   -16.754 1.00 17.33 ? 106  THR A OG1 1 
ATOM   173  C CG2 . THR A 1 21 ? -4.249  8.032   -18.007 1.00 18.13 ? 106  THR A CG2 1 
ATOM   174  N N   . GLU A 1 22 ? -6.707  7.539   -13.962 1.00 20.58 ? 107  GLU A N   1 
ATOM   175  C CA  . GLU A 1 22 ? -7.334  8.073   -12.760 1.00 20.11 ? 107  GLU A CA  1 
ATOM   176  C C   . GLU A 1 22 ? -7.707  6.988   -11.730 1.00 23.80 ? 107  GLU A C   1 
ATOM   177  O O   . GLU A 1 22 ? -7.715  5.796   -12.042 1.00 21.97 ? 107  GLU A O   1 
ATOM   178  C CB  . GLU A 1 22 ? -8.593  8.857   -13.168 1.00 18.36 ? 107  GLU A CB  1 
ATOM   179  C CG  . GLU A 1 22 ? -9.674  8.010   -13.815 1.00 12.80 ? 107  GLU A CG  1 
ATOM   180  C CD  . GLU A 1 22 ? -10.696 8.822   -14.613 1.00 19.89 ? 107  GLU A CD  1 
ATOM   181  O OE1 . GLU A 1 22 ? -10.396 9.986   -14.972 1.00 22.18 ? 107  GLU A OE1 1 
ATOM   182  O OE2 . GLU A 1 22 ? -11.796 8.285   -14.907 1.00 21.07 ? 107  GLU A OE2 1 
ATOM   183  N N   . ASP A 1 23 ? -8.000  7.407   -10.498 1.00 23.31 ? 108  ASP A N   1 
ATOM   184  C CA  . ASP A 1 23 ? -8.421  6.475   -9.451  1.00 24.23 ? 108  ASP A CA  1 
ATOM   185  C C   . ASP A 1 23 ? -9.750  5.821   -9.837  1.00 24.79 ? 108  ASP A C   1 
ATOM   186  O O   . ASP A 1 23 ? -10.553 6.401   -10.577 1.00 21.15 ? 108  ASP A O   1 
ATOM   187  C CB  . ASP A 1 23 ? -8.644  7.194   -8.117  1.00 27.28 ? 108  ASP A CB  1 
ATOM   188  C CG  . ASP A 1 23 ? -7.388  7.827   -7.578  1.00 28.92 ? 108  ASP A CG  1 
ATOM   189  O OD1 . ASP A 1 23 ? -6.271  7.424   -7.982  1.00 24.04 ? 108  ASP A OD1 1 
ATOM   190  O OD2 . ASP A 1 23 ? -7.539  8.726   -6.731  1.00 32.34 ? 108  ASP A OD2 1 
ATOM   191  N N   . CYS A 1 24 ? -9.990  4.629   -9.306  1.00 21.28 ? 109  CYS A N   1 
ATOM   192  C CA  . CYS A 1 24 ? -11.214 3.907   -9.594  1.00 20.75 ? 109  CYS A CA  1 
ATOM   193  C C   . CYS A 1 24 ? -11.829 3.340   -8.324  1.00 21.98 ? 109  CYS A C   1 
ATOM   194  O O   . CYS A 1 24 ? -11.333 2.350   -7.797  1.00 21.30 ? 109  CYS A O   1 
ATOM   195  C CB  . CYS A 1 24 ? -10.925 2.765   -10.566 1.00 25.39 ? 109  CYS A CB  1 
ATOM   196  S SG  . CYS A 1 24 ? -12.368 1.765   -10.904 1.00 19.71 ? 109  CYS A SG  1 
ATOM   197  N N   . PRO A 1 25 ? -12.919 3.964   -7.818  1.00 21.45 ? 110  PRO A N   1 
ATOM   198  C CA  . PRO A 1 25 ? -13.618 3.523   -6.592  1.00 22.79 ? 110  PRO A CA  1 
ATOM   199  C C   . PRO A 1 25 ? -14.350 2.171   -6.684  1.00 25.36 ? 110  PRO A C   1 
ATOM   200  O O   . PRO A 1 25 ? -14.634 1.543   -5.657  1.00 26.15 ? 110  PRO A O   1 
ATOM   201  C CB  . PRO A 1 25 ? -14.585 4.677   -6.297  1.00 18.63 ? 110  PRO A CB  1 
ATOM   202  C CG  . PRO A 1 25 ? -14.881 5.253   -7.684  1.00 19.95 ? 110  PRO A CG  1 
ATOM   203  C CD  . PRO A 1 25 ? -13.496 5.221   -8.343  1.00 18.63 ? 110  PRO A CD  1 
ATOM   204  N N   . SER A 1 26 ? -14.625 1.723   -7.906  1.00 25.15 ? 111  SER A N   1 
ATOM   205  C CA  . SER A 1 26 ? -15.328 0.466   -8.145  1.00 26.68 ? 111  SER A CA  1 
ATOM   206  C C   . SER A 1 26 ? -15.107 0.005   -9.582  1.00 26.70 ? 111  SER A C   1 
ATOM   207  O O   . SER A 1 26 ? -15.614 0.644   -10.506 1.00 26.62 ? 111  SER A O   1 
ATOM   208  C CB  . SER A 1 26 ? -16.837 0.665   -7.912  1.00 30.83 ? 111  SER A CB  1 
ATOM   209  O OG  . SER A 1 26 ? -17.591 -0.352  -8.553  1.00 36.45 ? 111  SER A OG  1 
ATOM   210  N N   . ILE A 1 27 ? -14.383 -1.100  -9.783  1.00 24.41 ? 112  ILE A N   1 
ATOM   211  C CA  . ILE A 1 27 ? -14.140 -1.575  -11.141 1.00 27.04 ? 112  ILE A CA  1 
ATOM   212  C C   . ILE A 1 27 ? -15.403 -2.205  -11.766 1.00 28.76 ? 112  ILE A C   1 
ATOM   213  O O   . ILE A 1 27 ? -15.526 -2.264  -12.991 1.00 28.77 ? 112  ILE A O   1 
ATOM   214  C CB  . ILE A 1 27 ? -12.943 -2.585  -11.208 1.00 27.27 ? 112  ILE A CB  1 
ATOM   215  C CG1 . ILE A 1 27 ? -13.424 -4.000  -10.935 1.00 33.88 ? 112  ILE A CG1 1 
ATOM   216  C CG2 . ILE A 1 27 ? -11.871 -2.208  -10.170 1.00 30.69 ? 112  ILE A CG2 1 
ATOM   217  C CD1 . ILE A 1 27 ? -12.316 -5.038  -10.876 1.00 38.35 ? 112  ILE A CD1 1 
ATOM   218  N N   . MET A 1 28 ? -16.341 -2.663  -10.937 1.00 29.07 ? 113  MET A N   1 
ATOM   219  C CA  . MET A 1 28 ? -17.567 -3.246  -11.466 1.00 28.45 ? 113  MET A CA  1 
ATOM   220  C C   . MET A 1 28 ? -18.386 -2.150  -12.137 1.00 28.49 ? 113  MET A C   1 
ATOM   221  O O   . MET A 1 28 ? -18.834 -2.301  -13.274 1.00 29.14 ? 113  MET A O   1 
ATOM   222  C CB  . MET A 1 28 ? -18.400 -3.876  -10.361 1.00 30.10 ? 113  MET A CB  1 
ATOM   223  C CG  . MET A 1 28 ? -19.633 -4.611  -10.885 1.00 37.92 ? 113  MET A CG  1 
ATOM   224  S SD  . MET A 1 28 ? -19.241 -6.160  -11.749 1.00 51.13 ? 113  MET A SD  1 
ATOM   225  C CE  . MET A 1 28 ? -19.756 -5.808  -13.445 1.00 47.78 ? 113  MET A CE  1 
ATOM   226  N N   . GLU A 1 29 ? -18.573 -1.033  -11.440 1.00 27.17 ? 114  GLU A N   1 
ATOM   227  C CA  . GLU A 1 29 ? -19.328 0.073   -12.018 1.00 28.01 ? 114  GLU A CA  1 
ATOM   228  C C   . GLU A 1 29 ? -18.653 0.771   -13.199 1.00 25.81 ? 114  GLU A C   1 
ATOM   229  O O   . GLU A 1 29 ? -19.308 1.092   -14.186 1.00 24.26 ? 114  GLU A O   1 
ATOM   230  C CB  . GLU A 1 29 ? -19.650 1.101   -10.939 1.00 30.04 ? 114  GLU A CB  1 
ATOM   231  C CG  . GLU A 1 29 ? -20.790 0.677   -10.045 1.00 39.25 ? 114  GLU A CG  1 
ATOM   232  C CD  . GLU A 1 29 ? -21.079 1.691   -8.974  1.00 46.34 ? 114  GLU A CD  1 
ATOM   233  O OE1 . GLU A 1 29 ? -21.267 2.872   -9.334  1.00 54.08 ? 114  GLU A OE1 1 
ATOM   234  O OE2 . GLU A 1 29 ? -21.125 1.316   -7.779  1.00 50.21 ? 114  GLU A OE2 1 
ATOM   235  N N   . GLN A 1 30 ? -17.346 1.000   -13.100 1.00 25.25 ? 115  GLN A N   1 
ATOM   236  C CA  . GLN A 1 30 ? -16.605 1.680   -14.161 1.00 25.46 ? 115  GLN A CA  1 
ATOM   237  C C   . GLN A 1 30 ? -16.234 0.796   -15.340 1.00 21.99 ? 115  GLN A C   1 
ATOM   238  O O   . GLN A 1 30 ? -16.412 1.175   -16.490 1.00 18.85 ? 115  GLN A O   1 
ATOM   239  C CB  . GLN A 1 30 ? -15.306 2.304   -13.610 1.00 24.65 ? 115  GLN A CB  1 
ATOM   240  C CG  . GLN A 1 30 ? -14.486 3.063   -14.681 1.00 21.93 ? 115  GLN A CG  1 
ATOM   241  C CD  . GLN A 1 30 ? -15.121 4.387   -15.082 1.00 25.22 ? 115  GLN A CD  1 
ATOM   242  O OE1 . GLN A 1 30 ? -16.197 4.759   -14.582 1.00 31.30 ? 115  GLN A OE1 1 
ATOM   243  N NE2 . GLN A 1 30 ? -14.465 5.110   -15.982 1.00 20.15 ? 115  GLN A NE2 1 
ATOM   244  N N   . PHE A 1 31 ? -15.712 -0.388  -15.053 1.00 25.19 ? 116  PHE A N   1 
ATOM   245  C CA  . PHE A 1 31 ? -15.273 -1.279  -16.113 1.00 24.73 ? 116  PHE A CA  1 
ATOM   246  C C   . PHE A 1 31 ? -16.101 -2.550  -16.279 1.00 29.83 ? 116  PHE A C   1 
ATOM   247  O O   . PHE A 1 31 ? -15.858 -3.325  -17.204 1.00 31.05 ? 116  PHE A O   1 
ATOM   248  C CB  . PHE A 1 31 ? -13.806 -1.624  -15.876 1.00 23.88 ? 116  PHE A CB  1 
ATOM   249  C CG  . PHE A 1 31 ? -12.908 -0.414  -15.778 1.00 23.70 ? 116  PHE A CG  1 
ATOM   250  C CD1 . PHE A 1 31 ? -12.684 0.397   -16.893 1.00 18.89 ? 116  PHE A CD1 1 
ATOM   251  C CD2 . PHE A 1 31 ? -12.280 -0.093  -14.578 1.00 21.43 ? 116  PHE A CD2 1 
ATOM   252  C CE1 . PHE A 1 31 ? -11.847 1.500   -16.818 1.00 15.22 ? 116  PHE A CE1 1 
ATOM   253  C CE2 . PHE A 1 31 ? -11.433 1.016   -14.493 1.00 22.51 ? 116  PHE A CE2 1 
ATOM   254  C CZ  . PHE A 1 31 ? -11.217 1.810   -15.619 1.00 21.50 ? 116  PHE A CZ  1 
ATOM   255  N N   . HIS A 1 32 ? -17.082 -2.752  -15.403 1.00 32.18 ? 117  HIS A N   1 
ATOM   256  C CA  . HIS A 1 32 ? -17.941 -3.930  -15.480 1.00 39.52 ? 117  HIS A CA  1 
ATOM   257  C C   . HIS A 1 32 ? -17.087 -5.186  -15.419 1.00 42.01 ? 117  HIS A C   1 
ATOM   258  O O   . HIS A 1 32 ? -17.174 -6.093  -16.255 1.00 41.86 ? 117  HIS A O   1 
ATOM   259  C CB  . HIS A 1 32 ? -18.776 -3.898  -16.769 1.00 39.11 ? 117  HIS A CB  1 
ATOM   260  C CG  . HIS A 1 32 ? -19.680 -2.707  -16.853 1.00 45.30 ? 117  HIS A CG  1 
ATOM   261  N ND1 . HIS A 1 32 ? -19.279 -1.508  -17.403 1.00 44.73 ? 117  HIS A ND1 1 
ATOM   262  C CD2 . HIS A 1 32 ? -20.926 -2.500  -16.366 1.00 44.04 ? 117  HIS A CD2 1 
ATOM   263  C CE1 . HIS A 1 32 ? -20.237 -0.614  -17.246 1.00 46.35 ? 117  HIS A CE1 1 
ATOM   264  N NE2 . HIS A 1 32 ? -21.247 -1.189  -16.618 1.00 45.43 ? 117  HIS A NE2 1 
ATOM   265  N N   . MET A 1 33 ? -16.247 -5.215  -14.402 1.00 43.58 ? 118  MET A N   1 
ATOM   266  C CA  . MET A 1 33 ? -15.350 -6.324  -14.189 1.00 42.92 ? 118  MET A CA  1 
ATOM   267  C C   . MET A 1 33 ? -15.364 -6.617  -12.698 1.00 44.09 ? 118  MET A C   1 
ATOM   268  O O   . MET A 1 33 ? -15.416 -5.702  -11.860 1.00 38.51 ? 118  MET A O   1 
ATOM   269  C CB  . MET A 1 33 ? -13.957 -5.933  -14.668 1.00 43.07 ? 118  MET A CB  1 
ATOM   270  C CG  . MET A 1 33 ? -13.013 -7.071  -14.747 1.00 45.12 ? 118  MET A CG  1 
ATOM   271  S SD  . MET A 1 33 ? -11.678 -6.709  -15.852 1.00 51.29 ? 118  MET A SD  1 
ATOM   272  C CE  . MET A 1 33 ? -10.806 -5.430  -14.937 1.00 35.13 ? 118  MET A CE  1 
ATOM   273  N N   . ARG A 1 34 ? -15.338 -7.896  -12.361 1.00 44.09 ? 119  ARG A N   1 
ATOM   274  C CA  . ARG A 1 34 ? -15.371 -8.270  -10.963 1.00 42.96 ? 119  ARG A CA  1 
ATOM   275  C C   . ARG A 1 34 ? -13.967 -8.432  -10.384 1.00 39.16 ? 119  ARG A C   1 
ATOM   276  O O   . ARG A 1 34 ? -13.747 -8.208  -9.183  1.00 35.50 ? 119  ARG A O   1 
ATOM   277  C CB  . ARG A 1 34 ? -16.170 -9.569  -10.806 1.00 48.95 ? 119  ARG A CB  1 
ATOM   278  C CG  . ARG A 1 34 ? -17.528 -9.562  -11.526 1.00 54.23 ? 119  ARG A CG  1 
ATOM   279  C CD  . ARG A 1 34 ? -18.505 -10.623 -10.980 1.00 56.15 ? 119  ARG A CD  1 
ATOM   280  N NE  . ARG A 1 34 ? -19.241 -10.191 -9.787  1.00 58.19 ? 119  ARG A NE  1 
ATOM   281  C CZ  . ARG A 1 34 ? -18.706 -9.985  -8.581  1.00 61.71 ? 119  ARG A CZ  1 
ATOM   282  N NH1 . ARG A 1 34 ? -17.405 -10.164 -8.366  1.00 61.56 ? 119  ARG A NH1 1 
ATOM   283  N NH2 . ARG A 1 34 ? -19.481 -9.607  -7.573  1.00 62.46 ? 119  ARG A NH2 1 
ATOM   284  N N   . GLU A 1 35 ? -13.022 -8.808  -11.246 1.00 33.66 ? 120  GLU A N   1 
ATOM   285  C CA  . GLU A 1 35 ? -11.645 -9.048  -10.828 1.00 33.77 ? 120  GLU A CA  1 
ATOM   286  C C   . GLU A 1 35 ? -10.602 -8.549  -11.838 1.00 34.46 ? 120  GLU A C   1 
ATOM   287  O O   . GLU A 1 35 ? -10.942 -8.167  -12.958 1.00 30.90 ? 120  GLU A O   1 
ATOM   288  C CB  . GLU A 1 35 ? -11.466 -10.554 -10.626 1.00 34.37 ? 120  GLU A CB  1 
ATOM   289  C CG  . GLU A 1 35 ? -12.603 -11.176 -9.824  1.00 39.48 ? 120  GLU A CG  1 
ATOM   290  C CD  . GLU A 1 35 ? -12.531 -12.688 -9.730  1.00 44.27 ? 120  GLU A CD  1 
ATOM   291  O OE1 . GLU A 1 35 ? -12.357 -13.345 -10.780 1.00 40.84 ? 120  GLU A OE1 1 
ATOM   292  O OE2 . GLU A 1 35 ? -12.665 -13.216 -8.596  1.00 48.90 ? 120  GLU A OE2 1 
ATOM   293  N N   . ILE A 1 36 ? -9.334  -8.541  -11.424 1.00 30.19 ? 121  ILE A N   1 
ATOM   294  C CA  . ILE A 1 36 ? -8.220  -8.162  -12.300 1.00 25.21 ? 121  ILE A CA  1 
ATOM   295  C C   . ILE A 1 36 ? -7.285  -9.371  -12.247 1.00 26.18 ? 121  ILE A C   1 
ATOM   296  O O   . ILE A 1 36 ? -6.818  -9.745  -11.166 1.00 25.36 ? 121  ILE A O   1 
ATOM   297  C CB  . ILE A 1 36 ? -7.452  -6.925  -11.784 1.00 23.25 ? 121  ILE A CB  1 
ATOM   298  C CG1 . ILE A 1 36 ? -8.316  -5.669  -11.897 1.00 26.44 ? 121  ILE A CG1 1 
ATOM   299  C CG2 . ILE A 1 36 ? -6.181  -6.745  -12.575 1.00 16.54 ? 121  ILE A CG2 1 
ATOM   300  C CD1 . ILE A 1 36 ? -7.699  -4.455  -11.203 1.00 21.27 ? 121  ILE A CD1 1 
ATOM   301  N N   . HIS A 1 37 ? -7.019  -9.987  -13.397 1.00 25.21 ? 122  HIS A N   1 
ATOM   302  C CA  . HIS A 1 37 ? -6.159  -11.168 -13.432 1.00 26.83 ? 122  HIS A CA  1 
ATOM   303  C C   . HIS A 1 37 ? -4.717  -10.872 -13.824 1.00 27.04 ? 122  HIS A C   1 
ATOM   304  O O   . HIS A 1 37 ? -3.830  -11.718 -13.659 1.00 30.35 ? 122  HIS A O   1 
ATOM   305  C CB  . HIS A 1 37 ? -6.764  -12.236 -14.350 1.00 28.74 ? 122  HIS A CB  1 
ATOM   306  C CG  . HIS A 1 37 ? -8.036  -12.813 -13.824 1.00 30.90 ? 122  HIS A CG  1 
ATOM   307  N ND1 . HIS A 1 37 ? -8.229  -14.168 -13.661 1.00 38.94 ? 122  HIS A ND1 1 
ATOM   308  C CD2 . HIS A 1 37 ? -9.155  -12.218 -13.349 1.00 35.90 ? 122  HIS A CD2 1 
ATOM   309  C CE1 . HIS A 1 37 ? -9.408  -14.382 -13.104 1.00 39.18 ? 122  HIS A CE1 1 
ATOM   310  N NE2 . HIS A 1 37 ? -9.990  -13.214 -12.904 1.00 38.49 ? 122  HIS A NE2 1 
ATOM   311  N N   . SER A 1 38 ? -4.483  -9.680  -14.353 1.00 22.53 ? 123  SER A N   1 
ATOM   312  C CA  . SER A 1 38 ? -3.130  -9.279  -14.687 1.00 21.69 ? 123  SER A CA  1 
ATOM   313  C C   . SER A 1 38 ? -3.163  -7.824  -15.075 1.00 24.23 ? 123  SER A C   1 
ATOM   314  O O   . SER A 1 38 ? -4.231  -7.291  -15.368 1.00 27.69 ? 123  SER A O   1 
ATOM   315  C CB  . SER A 1 38 ? -2.542  -10.142 -15.810 1.00 20.58 ? 123  SER A CB  1 
ATOM   316  O OG  . SER A 1 38 ? -3.146  -9.921  -17.063 1.00 19.00 ? 123  SER A OG  1 
ATOM   317  N N   . CYS A 1 39 ? -2.011  -7.164  -15.032 1.00 25.72 ? 124  CYS A N   1 
ATOM   318  C CA  . CYS A 1 39 ? -1.960  -5.767  -15.420 1.00 27.04 ? 124  CYS A CA  1 
ATOM   319  C C   . CYS A 1 39 ? -0.545  -5.304  -15.695 1.00 25.42 ? 124  CYS A C   1 
ATOM   320  O O   . CYS A 1 39 ? 0.427   -6.015  -15.441 1.00 25.54 ? 124  CYS A O   1 
ATOM   321  C CB  . CYS A 1 39 ? -2.591  -4.882  -14.343 1.00 29.36 ? 124  CYS A CB  1 
ATOM   322  S SG  . CYS A 1 39 ? -1.557  -4.564  -12.914 1.00 34.51 ? 124  CYS A SG  1 
ATOM   323  N N   . LYS A 1 40 ? -0.448  -4.096  -16.229 1.00 23.27 ? 125  LYS A N   1 
ATOM   324  C CA  . LYS A 1 40 ? 0.828   -3.474  -16.537 1.00 23.14 ? 125  LYS A CA  1 
ATOM   325  C C   . LYS A 1 40 ? 0.764   -2.039  -16.061 1.00 22.53 ? 125  LYS A C   1 
ATOM   326  O O   . LYS A 1 40 ? -0.150  -1.296  -16.422 1.00 22.81 ? 125  LYS A O   1 
ATOM   327  C CB  . LYS A 1 40 ? 1.085   -3.470  -18.053 1.00 25.24 ? 125  LYS A CB  1 
ATOM   328  C CG  . LYS A 1 40 ? 1.413   -4.819  -18.646 1.00 23.88 ? 125  LYS A CG  1 
ATOM   329  C CD  . LYS A 1 40 ? 1.543   -4.706  -20.147 1.00 27.25 ? 125  LYS A CD  1 
ATOM   330  C CE  . LYS A 1 40 ? 1.800   -6.067  -20.770 1.00 35.27 ? 125  LYS A CE  1 
ATOM   331  N NZ  . LYS A 1 40 ? 2.004   -5.939  -22.244 1.00 44.17 ? 125  LYS A NZ  1 
ATOM   332  N N   . VAL A 1 41 ? 1.729   -1.645  -15.246 1.00 22.43 ? 126  VAL A N   1 
ATOM   333  C CA  . VAL A 1 41 ? 1.785   -0.279  -14.757 1.00 23.51 ? 126  VAL A CA  1 
ATOM   334  C C   . VAL A 1 41 ? 2.744   0.419   -15.707 1.00 24.25 ? 126  VAL A C   1 
ATOM   335  O O   . VAL A 1 41 ? 3.933   0.162   -15.673 1.00 27.63 ? 126  VAL A O   1 
ATOM   336  C CB  . VAL A 1 41 ? 2.347   -0.240  -13.339 1.00 23.09 ? 126  VAL A CB  1 
ATOM   337  C CG1 . VAL A 1 41 ? 2.388   1.195   -12.825 1.00 24.74 ? 126  VAL A CG1 1 
ATOM   338  C CG2 . VAL A 1 41 ? 1.487   -1.108  -12.447 1.00 23.86 ? 126  VAL A CG2 1 
ATOM   339  N N   . LEU A 1 42 ? 2.225   1.278   -16.575 1.00 26.37 ? 127  LEU A N   1 
ATOM   340  C CA  . LEU A 1 42 ? 3.073   1.968   -17.538 1.00 25.69 ? 127  LEU A CA  1 
ATOM   341  C C   . LEU A 1 42 ? 3.696   3.232   -16.953 1.00 26.85 ? 127  LEU A C   1 
ATOM   342  O O   . LEU A 1 42 ? 4.766   3.647   -17.379 1.00 28.17 ? 127  LEU A O   1 
ATOM   343  C CB  . LEU A 1 42 ? 2.270   2.300   -18.813 1.00 26.18 ? 127  LEU A CB  1 
ATOM   344  C CG  . LEU A 1 42 ? 1.442   1.158   -19.450 1.00 30.70 ? 127  LEU A CG  1 
ATOM   345  C CD1 . LEU A 1 42 ? 0.668   1.689   -20.634 1.00 26.26 ? 127  LEU A CD1 1 
ATOM   346  C CD2 . LEU A 1 42 ? 2.330   0.001   -19.900 1.00 28.57 ? 127  LEU A CD2 1 
ATOM   347  N N   . GLU A 1 43 ? 3.035   3.845   -15.980 1.00 28.05 ? 128  GLU A N   1 
ATOM   348  C CA  . GLU A 1 43 ? 3.555   5.066   -15.358 1.00 28.59 ? 128  GLU A CA  1 
ATOM   349  C C   . GLU A 1 43 ? 3.019   5.207   -13.937 1.00 28.79 ? 128  GLU A C   1 
ATOM   350  O O   . GLU A 1 43 ? 1.862   4.866   -13.663 1.00 25.71 ? 128  GLU A O   1 
ATOM   351  C CB  . GLU A 1 43 ? 3.137   6.307   -16.156 1.00 35.30 ? 128  GLU A CB  1 
ATOM   352  C CG  . GLU A 1 43 ? 3.661   6.369   -17.586 1.00 45.70 ? 128  GLU A CG  1 
ATOM   353  C CD  . GLU A 1 43 ? 5.174   6.534   -17.655 1.00 53.39 ? 128  GLU A CD  1 
ATOM   354  O OE1 . GLU A 1 43 ? 5.731   6.428   -18.779 1.00 54.94 ? 128  GLU A OE1 1 
ATOM   355  O OE2 . GLU A 1 43 ? 5.803   6.772   -16.594 1.00 54.48 ? 128  GLU A OE2 1 
ATOM   356  N N   . GLY A 1 44 ? 3.858   5.713   -13.036 1.00 25.49 ? 129  GLY A N   1 
ATOM   357  C CA  . GLY A 1 44 ? 3.433   5.902   -11.665 1.00 21.66 ? 129  GLY A CA  1 
ATOM   358  C C   . GLY A 1 44 ? 3.436   4.648   -10.815 1.00 25.91 ? 129  GLY A C   1 
ATOM   359  O O   . GLY A 1 44 ? 3.887   3.586   -11.242 1.00 29.83 ? 129  GLY A O   1 
ATOM   360  N N   . VAL A 1 45 ? 2.944   4.795   -9.588  1.00 26.08 ? 130  VAL A N   1 
ATOM   361  C CA  . VAL A 1 45 ? 2.860   3.713   -8.616  1.00 27.06 ? 130  VAL A CA  1 
ATOM   362  C C   . VAL A 1 45 ? 1.408   3.657   -8.182  1.00 25.27 ? 130  VAL A C   1 
ATOM   363  O O   . VAL A 1 45 ? 0.789   4.687   -7.929  1.00 23.84 ? 130  VAL A O   1 
ATOM   364  C CB  . VAL A 1 45 ? 3.749   3.996   -7.374  1.00 28.90 ? 130  VAL A CB  1 
ATOM   365  C CG1 . VAL A 1 45 ? 3.751   2.783   -6.433  1.00 26.04 ? 130  VAL A CG1 1 
ATOM   366  C CG2 . VAL A 1 45 ? 5.166   4.304   -7.825  1.00 27.87 ? 130  VAL A CG2 1 
ATOM   367  N N   . TRP A 1 46 ? 0.868   2.456   -8.082  1.00 24.85 ? 131  TRP A N   1 
ATOM   368  C CA  . TRP A 1 46 ? -0.532  2.318   -7.724  1.00 25.80 ? 131  TRP A CA  1 
ATOM   369  C C   . TRP A 1 46 ? -0.749  1.340   -6.589  1.00 25.93 ? 131  TRP A C   1 
ATOM   370  O O   . TRP A 1 46 ? 0.164   0.605   -6.188  1.00 23.00 ? 131  TRP A O   1 
ATOM   371  C CB  . TRP A 1 46 ? -1.332  1.822   -8.934  1.00 26.06 ? 131  TRP A CB  1 
ATOM   372  C CG  . TRP A 1 46 ? -1.300  2.700   -10.146 1.00 22.96 ? 131  TRP A CG  1 
ATOM   373  C CD1 . TRP A 1 46 ? -0.218  2.969   -10.956 1.00 23.03 ? 131  TRP A CD1 1 
ATOM   374  C CD2 . TRP A 1 46 ? -2.413  3.382   -10.730 1.00 20.26 ? 131  TRP A CD2 1 
ATOM   375  N NE1 . TRP A 1 46 ? -0.601  3.770   -12.009 1.00 18.28 ? 131  TRP A NE1 1 
ATOM   376  C CE2 . TRP A 1 46 ? -1.939  4.043   -11.897 1.00 20.94 ? 131  TRP A CE2 1 
ATOM   377  C CE3 . TRP A 1 46 ? -3.767  3.503   -10.384 1.00 19.86 ? 131  TRP A CE3 1 
ATOM   378  C CZ2 . TRP A 1 46 ? -2.775  4.813   -12.718 1.00 15.53 ? 131  TRP A CZ2 1 
ATOM   379  C CZ3 . TRP A 1 46 ? -4.599  4.271   -11.206 1.00 22.78 ? 131  TRP A CZ3 1 
ATOM   380  C CH2 . TRP A 1 46 ? -4.092  4.915   -12.362 1.00 16.34 ? 131  TRP A CH2 1 
ATOM   381  N N   . ILE A 1 47 ? -1.981  1.315   -6.091  1.00 23.82 ? 132  ILE A N   1 
ATOM   382  C CA  . ILE A 1 47 ? -2.325  0.389   -5.031  1.00 22.37 ? 132  ILE A CA  1 
ATOM   383  C C   . ILE A 1 47 ? -3.712  -0.217  -5.287  1.00 22.07 ? 132  ILE A C   1 
ATOM   384  O O   . ILE A 1 47 ? -4.662  0.492   -5.618  1.00 21.77 ? 132  ILE A O   1 
ATOM   385  C CB  . ILE A 1 47 ? -2.260  1.097   -3.644  1.00 19.05 ? 132  ILE A CB  1 
ATOM   386  C CG1 . ILE A 1 47 ? -2.727  0.139   -2.541  1.00 24.88 ? 132  ILE A CG1 1 
ATOM   387  C CG2 . ILE A 1 47 ? -3.099  2.365   -3.664  1.00 20.51 ? 132  ILE A CG2 1 
ATOM   388  C CD1 . ILE A 1 47 ? -2.480  0.642   -1.109  1.00 25.42 ? 132  ILE A CD1 1 
ATOM   389  N N   . PHE A 1 48 ? -3.800  -1.539  -5.157  1.00 22.98 ? 133  PHE A N   1 
ATOM   390  C CA  . PHE A 1 48 ? -5.050  -2.288  -5.331  1.00 22.88 ? 133  PHE A CA  1 
ATOM   391  C C   . PHE A 1 48 ? -5.699  -2.538  -3.968  1.00 24.80 ? 133  PHE A C   1 
ATOM   392  O O   . PHE A 1 48 ? -4.995  -2.762  -2.977  1.00 24.36 ? 133  PHE A O   1 
ATOM   393  C CB  . PHE A 1 48 ? -4.786  -3.653  -5.995  1.00 20.89 ? 133  PHE A CB  1 
ATOM   394  C CG  . PHE A 1 48 ? -4.612  -3.596  -7.495  1.00 18.77 ? 133  PHE A CG  1 
ATOM   395  C CD1 . PHE A 1 48 ? -4.652  -2.386  -8.185  1.00 19.01 ? 133  PHE A CD1 1 
ATOM   396  C CD2 . PHE A 1 48 ? -4.404  -4.767  -8.215  1.00 23.22 ? 133  PHE A CD2 1 
ATOM   397  C CE1 . PHE A 1 48 ? -4.487  -2.345  -9.565  1.00 20.88 ? 133  PHE A CE1 1 
ATOM   398  C CE2 . PHE A 1 48 ? -4.233  -4.741  -9.598  1.00 23.40 ? 133  PHE A CE2 1 
ATOM   399  C CZ  . PHE A 1 48 ? -4.276  -3.529  -10.274 1.00 21.03 ? 133  PHE A CZ  1 
ATOM   400  N N   . TYR A 1 49 ? -7.032  -2.497  -3.934  1.00 24.66 ? 134  TYR A N   1 
ATOM   401  C CA  . TYR A 1 49 ? -7.820  -2.728  -2.718  1.00 25.37 ? 134  TYR A CA  1 
ATOM   402  C C   . TYR A 1 49 ? -8.788  -3.869  -2.979  1.00 25.87 ? 134  TYR A C   1 
ATOM   403  O O   . TYR A 1 49 ? -9.302  -4.005  -4.084  1.00 26.93 ? 134  TYR A O   1 
ATOM   404  C CB  . TYR A 1 49 ? -8.628  -1.489  -2.342  1.00 25.98 ? 134  TYR A CB  1 
ATOM   405  C CG  . TYR A 1 49 ? -7.789  -0.295  -1.934  1.00 30.21 ? 134  TYR A CG  1 
ATOM   406  C CD1 . TYR A 1 49 ? -7.289  -0.182  -0.634  1.00 29.94 ? 134  TYR A CD1 1 
ATOM   407  C CD2 . TYR A 1 49 ? -7.522  0.736   -2.836  1.00 23.93 ? 134  TYR A CD2 1 
ATOM   408  C CE1 . TYR A 1 49 ? -6.557  0.927   -0.241  1.00 25.66 ? 134  TYR A CE1 1 
ATOM   409  C CE2 . TYR A 1 49 ? -6.788  1.847   -2.456  1.00 27.91 ? 134  TYR A CE2 1 
ATOM   410  C CZ  . TYR A 1 49 ? -6.313  1.939   -1.155  1.00 29.34 ? 134  TYR A CZ  1 
ATOM   411  O OH  . TYR A 1 49 ? -5.607  3.053   -0.770  1.00 29.28 ? 134  TYR A OH  1 
ATOM   412  N N   . GLU A 1 50 ? -9.050  -4.676  -1.955  1.00 28.11 ? 135  GLU A N   1 
ATOM   413  C CA  . GLU A 1 50 ? -9.938  -5.821  -2.082  1.00 28.39 ? 135  GLU A CA  1 
ATOM   414  C C   . GLU A 1 50 ? -11.396 -5.436  -2.289  1.00 31.14 ? 135  GLU A C   1 
ATOM   415  O O   . GLU A 1 50 ? -12.070 -6.000  -3.152  1.00 30.66 ? 135  GLU A O   1 
ATOM   416  C CB  . GLU A 1 50 ? -9.811  -6.699  -0.837  1.00 34.34 ? 135  GLU A CB  1 
ATOM   417  C CG  . GLU A 1 50 ? -11.070 -7.481  -0.466  1.00 40.13 ? 135  GLU A CG  1 
ATOM   418  C CD  . GLU A 1 50 ? -10.915 -8.256  0.837   1.00 43.87 ? 135  GLU A CD  1 
ATOM   419  O OE1 . GLU A 1 50 ? -10.174 -7.785  1.729   1.00 38.40 ? 135  GLU A OE1 1 
ATOM   420  O OE2 . GLU A 1 50 ? -11.548 -9.327  0.976   1.00 49.43 ? 135  GLU A OE2 1 
ATOM   421  N N   . LEU A 1 51 ? -11.867 -4.467  -1.509  1.00 27.44 ? 136  LEU A N   1 
ATOM   422  C CA  . LEU A 1 51 ? -13.253 -4.029  -1.563  1.00 25.37 ? 136  LEU A CA  1 
ATOM   423  C C   . LEU A 1 51 ? -13.410 -2.681  -2.225  1.00 24.91 ? 136  LEU A C   1 
ATOM   424  O O   . LEU A 1 51 ? -12.432 -1.987  -2.447  1.00 29.00 ? 136  LEU A O   1 
ATOM   425  C CB  . LEU A 1 51 ? -13.814 -3.956  -0.139  1.00 23.00 ? 136  LEU A CB  1 
ATOM   426  C CG  . LEU A 1 51 ? -13.672 -5.237  0.700   1.00 26.47 ? 136  LEU A CG  1 
ATOM   427  C CD1 . LEU A 1 51 ? -14.180 -4.946  2.089   1.00 25.00 ? 136  LEU A CD1 1 
ATOM   428  C CD2 . LEU A 1 51 ? -14.449 -6.414  0.071   1.00 22.24 ? 136  LEU A CD2 1 
ATOM   429  N N   . PRO A 1 52 ? -14.654 -2.296  -2.558  1.00 27.21 ? 137  PRO A N   1 
ATOM   430  C CA  . PRO A 1 52 ? -14.956 -1.008  -3.199  1.00 26.34 ? 137  PRO A CA  1 
ATOM   431  C C   . PRO A 1 52 ? -14.595 0.186   -2.308  1.00 26.07 ? 137  PRO A C   1 
ATOM   432  O O   . PRO A 1 52 ? -14.447 0.056   -1.097  1.00 24.84 ? 137  PRO A O   1 
ATOM   433  C CB  . PRO A 1 52 ? -16.463 -1.089  -3.442  1.00 27.12 ? 137  PRO A CB  1 
ATOM   434  C CG  . PRO A 1 52 ? -16.687 -2.564  -3.681  1.00 25.69 ? 137  PRO A CG  1 
ATOM   435  C CD  . PRO A 1 52 ? -15.839 -3.180  -2.583  1.00 27.13 ? 137  PRO A CD  1 
ATOM   436  N N   . ASN A 1 53 ? -14.443 1.351   -2.919  1.00 26.96 ? 138  ASN A N   1 
ATOM   437  C CA  . ASN A 1 53 ? -14.123 2.558   -2.172  1.00 28.43 ? 138  ASN A CA  1 
ATOM   438  C C   . ASN A 1 53 ? -12.886 2.457   -1.305  1.00 27.52 ? 138  ASN A C   1 
ATOM   439  O O   . ASN A 1 53 ? -12.840 3.005   -0.209  1.00 28.00 ? 138  ASN A O   1 
ATOM   440  C CB  . ASN A 1 53 ? -15.321 2.978   -1.334  1.00 26.66 ? 138  ASN A CB  1 
ATOM   441  C CG  . ASN A 1 53 ? -16.520 3.325   -2.196  1.00 30.76 ? 138  ASN A CG  1 
ATOM   442  O OD1 . ASN A 1 53 ? -16.471 4.262   -2.989  1.00 33.21 ? 138  ASN A OD1 1 
ATOM   443  N ND2 . ASN A 1 53 ? -17.596 2.557   -2.061  1.00 32.55 ? 138  ASN A ND2 1 
ATOM   444  N N   . TYR A 1 54 ? -11.890 1.728   -1.800  1.00 23.76 ? 139  TYR A N   1 
ATOM   445  C CA  . TYR A 1 54 ? -10.605 1.609   -1.119  1.00 27.00 ? 139  TYR A CA  1 
ATOM   446  C C   . TYR A 1 54 ? -10.631 1.030   0.300   1.00 28.86 ? 139  TYR A C   1 
ATOM   447  O O   . TYR A 1 54 ? -9.977  1.557   1.206   1.00 27.91 ? 139  TYR A O   1 
ATOM   448  C CB  . TYR A 1 54 ? -9.940  2.990   -1.109  1.00 22.04 ? 139  TYR A CB  1 
ATOM   449  C CG  . TYR A 1 54 ? -10.192 3.750   -2.396  1.00 25.15 ? 139  TYR A CG  1 
ATOM   450  C CD1 . TYR A 1 54 ? -9.828  3.203   -3.634  1.00 17.77 ? 139  TYR A CD1 1 
ATOM   451  C CD2 . TYR A 1 54 ? -10.829 5.002   -2.386  1.00 23.39 ? 139  TYR A CD2 1 
ATOM   452  C CE1 . TYR A 1 54 ? -10.093 3.876   -4.831  1.00 19.69 ? 139  TYR A CE1 1 
ATOM   453  C CE2 . TYR A 1 54 ? -11.094 5.684   -3.582  1.00 22.29 ? 139  TYR A CE2 1 
ATOM   454  C CZ  . TYR A 1 54 ? -10.724 5.111   -4.803  1.00 20.59 ? 139  TYR A CZ  1 
ATOM   455  O OH  . TYR A 1 54 ? -11.003 5.758   -5.994  1.00 17.11 ? 139  TYR A OH  1 
ATOM   456  N N   . ARG A 1 55 ? -11.365 -0.064  0.482   1.00 25.78 ? 140  ARG A N   1 
ATOM   457  C CA  . ARG A 1 55 ? -11.436 -0.713  1.773   1.00 28.44 ? 140  ARG A CA  1 
ATOM   458  C C   . ARG A 1 55 ? -10.869 -2.118  1.646   1.00 27.28 ? 140  ARG A C   1 
ATOM   459  O O   . ARG A 1 55 ? -10.611 -2.594  0.543   1.00 30.65 ? 140  ARG A O   1 
ATOM   460  C CB  . ARG A 1 55 ? -12.881 -0.762  2.241   1.00 30.61 ? 140  ARG A CB  1 
ATOM   461  C CG  . ARG A 1 55 ? -13.535 0.613   2.320   1.00 37.61 ? 140  ARG A CG  1 
ATOM   462  C CD  . ARG A 1 55 ? -15.011 0.494   2.688   1.00 45.31 ? 140  ARG A CD  1 
ATOM   463  N NE  . ARG A 1 55 ? -15.212 0.325   4.124   1.00 56.13 ? 140  ARG A NE  1 
ATOM   464  C CZ  . ARG A 1 55 ? -16.045 -0.559  4.667   1.00 59.85 ? 140  ARG A CZ  1 
ATOM   465  N NH1 . ARG A 1 55 ? -16.756 -1.367  3.893   1.00 61.03 ? 140  ARG A NH1 1 
ATOM   466  N NH2 . ARG A 1 55 ? -16.176 -0.624  5.988   1.00 61.90 ? 140  ARG A NH2 1 
ATOM   467  N N   . GLY A 1 56 ? -10.645 -2.772  2.774   1.00 27.08 ? 141  GLY A N   1 
ATOM   468  C CA  . GLY A 1 56 ? -10.122 -4.122  2.751   1.00 23.41 ? 141  GLY A CA  1 
ATOM   469  C C   . GLY A 1 56 ? -8.626  -4.201  2.550   1.00 27.77 ? 141  GLY A C   1 
ATOM   470  O O   . GLY A 1 56 ? -7.892  -3.224  2.732   1.00 26.79 ? 141  GLY A O   1 
ATOM   471  N N   . ARG A 1 57 ? -8.182  -5.389  2.164   1.00 26.59 ? 142  ARG A N   1 
ATOM   472  C CA  . ARG A 1 57 ? -6.780  -5.672  1.916   1.00 29.04 ? 142  ARG A CA  1 
ATOM   473  C C   . ARG A 1 57 ? -6.147  -4.745  0.877   1.00 29.53 ? 142  ARG A C   1 
ATOM   474  O O   . ARG A 1 57 ? -6.768  -4.443  -0.143  1.00 26.66 ? 142  ARG A O   1 
ATOM   475  C CB  . ARG A 1 57 ? -6.667  -7.116  1.456   1.00 35.52 ? 142  ARG A CB  1 
ATOM   476  C CG  . ARG A 1 57 ? -6.141  -8.040  2.500   1.00 40.00 ? 142  ARG A CG  1 
ATOM   477  C CD  . ARG A 1 57 ? -4.672  -7.784  2.608   1.00 47.32 ? 142  ARG A CD  1 
ATOM   478  N NE  . ARG A 1 57 ? -3.897  -9.012  2.709   1.00 49.59 ? 142  ARG A NE  1 
ATOM   479  C CZ  . ARG A 1 57 ? -2.599  -9.077  2.454   1.00 51.73 ? 142  ARG A CZ  1 
ATOM   480  N NH1 . ARG A 1 57 ? -1.938  -7.977  2.078   1.00 51.27 ? 142  ARG A NH1 1 
ATOM   481  N NH2 . ARG A 1 57 ? -1.964  -10.236 2.579   1.00 50.33 ? 142  ARG A NH2 1 
ATOM   482  N N   . GLN A 1 58 ? -4.896  -4.332  1.123   1.00 28.12 ? 143  GLN A N   1 
ATOM   483  C CA  . GLN A 1 58 ? -4.157  -3.422  0.230   1.00 21.35 ? 143  GLN A CA  1 
ATOM   484  C C   . GLN A 1 58 ? -2.930  -4.061  -0.421  1.00 20.93 ? 143  GLN A C   1 
ATOM   485  O O   . GLN A 1 58 ? -2.195  -4.761  0.244   1.00 23.18 ? 143  GLN A O   1 
ATOM   486  C CB  . GLN A 1 58 ? -3.673  -2.206  1.008   1.00 19.56 ? 143  GLN A CB  1 
ATOM   487  C CG  . GLN A 1 58 ? -4.718  -1.460  1.789   1.00 17.24 ? 143  GLN A CG  1 
ATOM   488  C CD  . GLN A 1 58 ? -4.118  -0.278  2.532   1.00 19.38 ? 143  GLN A CD  1 
ATOM   489  O OE1 . GLN A 1 58 ? -4.623  0.146   3.566   1.00 27.72 ? 143  GLN A OE1 1 
ATOM   490  N NE2 . GLN A 1 58 ? -3.041  0.260   2.005   1.00 23.52 ? 143  GLN A NE2 1 
ATOM   491  N N   . TYR A 1 59 ? -2.696  -3.798  -1.707  1.00 20.38 ? 144  TYR A N   1 
ATOM   492  C CA  . TYR A 1 59 ? -1.527  -4.348  -2.408  1.00 22.17 ? 144  TYR A CA  1 
ATOM   493  C C   . TYR A 1 59 ? -0.820  -3.237  -3.184  1.00 24.99 ? 144  TYR A C   1 
ATOM   494  O O   . TYR A 1 59 ? -1.400  -2.635  -4.077  1.00 27.93 ? 144  TYR A O   1 
ATOM   495  C CB  . TYR A 1 59 ? -1.939  -5.458  -3.386  1.00 21.23 ? 144  TYR A CB  1 
ATOM   496  C CG  . TYR A 1 59 ? -2.780  -6.538  -2.761  1.00 26.77 ? 144  TYR A CG  1 
ATOM   497  C CD1 . TYR A 1 59 ? -2.193  -7.633  -2.099  1.00 25.09 ? 144  TYR A CD1 1 
ATOM   498  C CD2 . TYR A 1 59 ? -4.173  -6.433  -2.763  1.00 26.05 ? 144  TYR A CD2 1 
ATOM   499  C CE1 . TYR A 1 59 ? -2.992  -8.595  -1.444  1.00 25.61 ? 144  TYR A CE1 1 
ATOM   500  C CE2 . TYR A 1 59 ? -4.973  -7.377  -2.119  1.00 27.55 ? 144  TYR A CE2 1 
ATOM   501  C CZ  . TYR A 1 59 ? -4.383  -8.451  -1.461  1.00 29.20 ? 144  TYR A CZ  1 
ATOM   502  O OH  . TYR A 1 59 ? -5.212  -9.337  -0.806  1.00 32.07 ? 144  TYR A OH  1 
ATOM   503  N N   . LEU A 1 60 ? 0.435   -2.965  -2.856  1.00 27.89 ? 145  LEU A N   1 
ATOM   504  C CA  . LEU A 1 60 ? 1.162   -1.910  -3.556  1.00 25.00 ? 145  LEU A CA  1 
ATOM   505  C C   . LEU A 1 60 ? 1.669   -2.428  -4.896  1.00 25.03 ? 145  LEU A C   1 
ATOM   506  O O   . LEU A 1 60 ? 2.233   -3.525  -4.974  1.00 24.56 ? 145  LEU A O   1 
ATOM   507  C CB  . LEU A 1 60 ? 2.356   -1.422  -2.716  1.00 23.06 ? 145  LEU A CB  1 
ATOM   508  C CG  . LEU A 1 60 ? 3.230   -0.313  -3.335  1.00 25.48 ? 145  LEU A CG  1 
ATOM   509  C CD1 . LEU A 1 60 ? 2.433   0.986   -3.381  1.00 22.75 ? 145  LEU A CD1 1 
ATOM   510  C CD2 . LEU A 1 60 ? 4.516   -0.108  -2.534  1.00 22.37 ? 145  LEU A CD2 1 
ATOM   511  N N   . LEU A 1 61 ? 1.480   -1.637  -5.947  1.00 20.74 ? 146  LEU A N   1 
ATOM   512  C CA  . LEU A 1 61 ? 1.963   -2.024  -7.270  1.00 26.31 ? 146  LEU A CA  1 
ATOM   513  C C   . LEU A 1 61 ? 3.064   -1.017  -7.654  1.00 29.23 ? 146  LEU A C   1 
ATOM   514  O O   . LEU A 1 61 ? 2.774   0.064   -8.169  1.00 25.71 ? 146  LEU A O   1 
ATOM   515  C CB  . LEU A 1 61 ? 0.816   -1.986  -8.299  1.00 26.94 ? 146  LEU A CB  1 
ATOM   516  C CG  . LEU A 1 61 ? -0.343  -3.008  -8.397  1.00 27.50 ? 146  LEU A CG  1 
ATOM   517  C CD1 . LEU A 1 61 ? 0.195   -4.258  -9.013  1.00 35.28 ? 146  LEU A CD1 1 
ATOM   518  C CD2 . LEU A 1 61 ? -0.985  -3.328  -7.051  1.00 25.92 ? 146  LEU A CD2 1 
ATOM   519  N N   . ASP A 1 62 ? 4.325   -1.361  -7.392  1.00 32.92 ? 147  ASP A N   1 
ATOM   520  C CA  . ASP A 1 62 ? 5.430   -0.451  -7.710  1.00 35.00 ? 147  ASP A CA  1 
ATOM   521  C C   . ASP A 1 62 ? 6.432   -1.024  -8.688  1.00 36.23 ? 147  ASP A C   1 
ATOM   522  O O   . ASP A 1 62 ? 7.566   -0.567  -8.756  1.00 36.71 ? 147  ASP A O   1 
ATOM   523  C CB  . ASP A 1 62 ? 6.154   0.017   -6.433  1.00 35.25 ? 147  ASP A CB  1 
ATOM   524  C CG  . ASP A 1 62 ? 6.830   -1.116  -5.676  1.00 37.89 ? 147  ASP A CG  1 
ATOM   525  O OD1 . ASP A 1 62 ? 7.336   -0.860  -4.556  1.00 40.08 ? 147  ASP A OD1 1 
ATOM   526  O OD2 . ASP A 1 62 ? 6.863   -2.252  -6.191  1.00 33.53 ? 147  ASP A OD2 1 
ATOM   527  N N   . LYS A 1 63 ? 5.994   -2.032  -9.438  1.00 39.37 ? 148  LYS A N   1 
ATOM   528  C CA  . LYS A 1 63 ? 6.810   -2.679  -10.456 1.00 38.86 ? 148  LYS A CA  1 
ATOM   529  C C   . LYS A 1 63 ? 6.191   -2.318  -11.807 1.00 39.22 ? 148  LYS A C   1 
ATOM   530  O O   . LYS A 1 63 ? 5.385   -1.388  -11.888 1.00 36.09 ? 148  LYS A O   1 
ATOM   531  C CB  . LYS A 1 63 ? 6.826   -4.203  -10.262 1.00 43.73 ? 148  LYS A CB  1 
ATOM   532  C CG  . LYS A 1 63 ? 7.339   -4.659  -8.884  1.00 46.33 ? 148  LYS A CG  1 
ATOM   533  C CD  . LYS A 1 63 ? 8.703   -4.058  -8.587  1.00 51.89 ? 148  LYS A CD  1 
ATOM   534  C CE  . LYS A 1 63 ? 9.283   -4.560  -7.272  1.00 55.94 ? 148  LYS A CE  1 
ATOM   535  N NZ  . LYS A 1 63 ? 10.603  -3.912  -6.988  1.00 56.44 ? 148  LYS A NZ  1 
ATOM   536  N N   . LYS A 1 64 ? 6.543   -3.062  -12.853 1.00 38.86 ? 149  LYS A N   1 
ATOM   537  C CA  . LYS A 1 64 ? 6.043   -2.764  -14.190 1.00 40.20 ? 149  LYS A CA  1 
ATOM   538  C C   . LYS A 1 64 ? 4.942   -3.682  -14.682 1.00 39.76 ? 149  LYS A C   1 
ATOM   539  O O   . LYS A 1 64 ? 3.885   -3.210  -15.087 1.00 40.88 ? 149  LYS A O   1 
ATOM   540  C CB  . LYS A 1 64 ? 7.194   -2.780  -15.192 1.00 43.48 ? 149  LYS A CB  1 
ATOM   541  C CG  . LYS A 1 64 ? 7.020   -1.805  -16.346 1.00 51.84 ? 149  LYS A CG  1 
ATOM   542  C CD  . LYS A 1 64 ? 5.965   -2.243  -17.364 1.00 54.31 ? 149  LYS A CD  1 
ATOM   543  C CE  . LYS A 1 64 ? 5.752   -1.146  -18.405 1.00 57.76 ? 149  LYS A CE  1 
ATOM   544  N NZ  . LYS A 1 64 ? 7.044   -0.592  -18.936 1.00 57.31 ? 149  LYS A NZ  1 
ATOM   545  N N   . GLU A 1 65 ? 5.181   -4.988  -14.686 1.00 37.89 ? 150  GLU A N   1 
ATOM   546  C CA  . GLU A 1 65 ? 4.139   -5.887  -15.143 1.00 38.71 ? 150  GLU A CA  1 
ATOM   547  C C   . GLU A 1 65 ? 3.867   -7.051  -14.226 1.00 38.14 ? 150  GLU A C   1 
ATOM   548  O O   . GLU A 1 65 ? 4.768   -7.582  -13.569 1.00 37.53 ? 150  GLU A O   1 
ATOM   549  C CB  . GLU A 1 65 ? 4.415   -6.386  -16.558 1.00 44.20 ? 150  GLU A CB  1 
ATOM   550  C CG  . GLU A 1 65 ? 5.673   -7.175  -16.753 1.00 49.94 ? 150  GLU A CG  1 
ATOM   551  C CD  . GLU A 1 65 ? 5.787   -7.638  -18.186 1.00 54.20 ? 150  GLU A CD  1 
ATOM   552  O OE1 . GLU A 1 65 ? 5.626   -6.774  -19.083 1.00 53.30 ? 150  GLU A OE1 1 
ATOM   553  O OE2 . GLU A 1 65 ? 6.025   -8.850  -18.413 1.00 56.25 ? 150  GLU A OE2 1 
ATOM   554  N N   . TYR A 1 66 ? 2.594   -7.424  -14.188 1.00 31.44 ? 151  TYR A N   1 
ATOM   555  C CA  . TYR A 1 66 ? 2.109   -8.493  -13.340 1.00 30.42 ? 151  TYR A CA  1 
ATOM   556  C C   . TYR A 1 66 ? 1.255   -9.455  -14.163 1.00 32.60 ? 151  TYR A C   1 
ATOM   557  O O   . TYR A 1 66 ? 0.159   -9.100  -14.597 1.00 33.38 ? 151  TYR A O   1 
ATOM   558  C CB  . TYR A 1 66 ? 1.266   -7.886  -12.207 1.00 28.85 ? 151  TYR A CB  1 
ATOM   559  C CG  . TYR A 1 66 ? 1.989   -6.840  -11.375 1.00 24.24 ? 151  TYR A CG  1 
ATOM   560  C CD1 . TYR A 1 66 ? 2.338   -5.598  -11.910 1.00 26.55 ? 151  TYR A CD1 1 
ATOM   561  C CD2 . TYR A 1 66 ? 2.340   -7.103  -10.055 1.00 22.79 ? 151  TYR A CD2 1 
ATOM   562  C CE1 . TYR A 1 66 ? 3.028   -4.639  -11.141 1.00 25.13 ? 151  TYR A CE1 1 
ATOM   563  C CE2 . TYR A 1 66 ? 3.025   -6.162  -9.278  1.00 22.02 ? 151  TYR A CE2 1 
ATOM   564  C CZ  . TYR A 1 66 ? 3.368   -4.935  -9.822  1.00 26.54 ? 151  TYR A CZ  1 
ATOM   565  O OH  . TYR A 1 66 ? 4.051   -4.020  -9.039  1.00 26.60 ? 151  TYR A OH  1 
ATOM   566  N N   . ARG A 1 67 ? 1.749   -10.672 -14.365 1.00 32.51 ? 152  ARG A N   1 
ATOM   567  C CA  . ARG A 1 67 ? 1.020   -11.660 -15.149 1.00 32.84 ? 152  ARG A CA  1 
ATOM   568  C C   . ARG A 1 67 ? -0.099  -12.332 -14.375 1.00 30.62 ? 152  ARG A C   1 
ATOM   569  O O   . ARG A 1 67 ? -1.064  -12.814 -14.966 1.00 32.50 ? 152  ARG A O   1 
ATOM   570  C CB  . ARG A 1 67 ? 1.979   -12.732 -15.660 1.00 36.17 ? 152  ARG A CB  1 
ATOM   571  C CG  . ARG A 1 67 ? 3.002   -12.262 -16.671 1.00 41.70 ? 152  ARG A CG  1 
ATOM   572  C CD  . ARG A 1 67 ? 4.012   -13.378 -16.951 1.00 47.76 ? 152  ARG A CD  1 
ATOM   573  N NE  . ARG A 1 67 ? 4.955   -13.034 -18.012 1.00 53.50 ? 152  ARG A NE  1 
ATOM   574  C CZ  . ARG A 1 67 ? 4.632   -12.926 -19.301 1.00 58.02 ? 152  ARG A CZ  1 
ATOM   575  N NH1 . ARG A 1 67 ? 3.380   -13.140 -19.705 1.00 56.17 ? 152  ARG A NH1 1 
ATOM   576  N NH2 . ARG A 1 67 ? 5.561   -12.590 -20.188 1.00 58.41 ? 152  ARG A NH2 1 
ATOM   577  N N   . LYS A 1 68 ? 0.032   -12.365 -13.051 1.00 30.66 ? 153  LYS A N   1 
ATOM   578  C CA  . LYS A 1 68 ? -0.960  -13.013 -12.191 1.00 29.94 ? 153  LYS A CA  1 
ATOM   579  C C   . LYS A 1 68 ? -1.051  -12.256 -10.881 1.00 27.99 ? 153  LYS A C   1 
ATOM   580  O O   . LYS A 1 68 ? -0.132  -11.539 -10.517 1.00 28.45 ? 153  LYS A O   1 
ATOM   581  C CB  . LYS A 1 68 ? -0.536  -14.455 -11.880 1.00 33.53 ? 153  LYS A CB  1 
ATOM   582  C CG  . LYS A 1 68 ? -0.011  -15.250 -13.056 1.00 38.71 ? 153  LYS A CG  1 
ATOM   583  C CD  . LYS A 1 68 ? -1.116  -15.963 -13.815 1.00 45.15 ? 153  LYS A CD  1 
ATOM   584  C CE  . LYS A 1 68 ? -0.522  -16.843 -14.914 1.00 49.88 ? 153  LYS A CE  1 
ATOM   585  N NZ  . LYS A 1 68 ? -1.509  -17.791 -15.495 1.00 49.75 ? 153  LYS A NZ  1 
ATOM   586  N N   . PRO A 1 69 ? -2.165  -12.419 -10.149 1.00 27.97 ? 154  PRO A N   1 
ATOM   587  C CA  . PRO A 1 69 ? -2.374  -11.748 -8.860  1.00 28.52 ? 154  PRO A CA  1 
ATOM   588  C C   . PRO A 1 69 ? -1.272  -12.061 -7.848  1.00 30.75 ? 154  PRO A C   1 
ATOM   589  O O   . PRO A 1 69 ? -0.930  -11.216 -7.012  1.00 31.63 ? 154  PRO A O   1 
ATOM   590  C CB  . PRO A 1 69 ? -3.735  -12.279 -8.409  1.00 23.84 ? 154  PRO A CB  1 
ATOM   591  C CG  . PRO A 1 69 ? -4.448  -12.487 -9.734  1.00 24.00 ? 154  PRO A CG  1 
ATOM   592  C CD  . PRO A 1 69 ? -3.371  -13.157 -10.560 1.00 24.00 ? 154  PRO A CD  1 
ATOM   593  N N   . ILE A 1 70 ? -0.708  -13.264 -7.920  1.00 31.60 ? 155  ILE A N   1 
ATOM   594  C CA  . ILE A 1 70 ? 0.349   -13.632 -6.980  1.00 31.92 ? 155  ILE A CA  1 
ATOM   595  C C   . ILE A 1 70 ? 1.531   -12.664 -7.095  1.00 31.66 ? 155  ILE A C   1 
ATOM   596  O O   . ILE A 1 70 ? 2.223   -12.415 -6.114  1.00 33.32 ? 155  ILE A O   1 
ATOM   597  C CB  . ILE A 1 70 ? 0.821   -15.117 -7.177  1.00 28.28 ? 155  ILE A CB  1 
ATOM   598  C CG1 . ILE A 1 70 ? 1.748   -15.528 -6.027  1.00 32.87 ? 155  ILE A CG1 1 
ATOM   599  C CG2 . ILE A 1 70 ? 1.585   -15.270 -8.464  1.00 26.55 ? 155  ILE A CG2 1 
ATOM   600  C CD1 . ILE A 1 70 ? 1.254   -15.119 -4.622  1.00 27.51 ? 155  ILE A CD1 1 
ATOM   601  N N   . ASP A 1 71 ? 1.731   -12.091 -8.284  1.00 30.23 ? 156  ASP A N   1 
ATOM   602  C CA  . ASP A 1 71 ? 2.817   -11.140 -8.510  1.00 28.86 ? 156  ASP A CA  1 
ATOM   603  C C   . ASP A 1 71 ? 2.659   -9.828  -7.753  1.00 29.91 ? 156  ASP A C   1 
ATOM   604  O O   . ASP A 1 71 ? 3.626   -9.075  -7.610  1.00 29.08 ? 156  ASP A O   1 
ATOM   605  C CB  . ASP A 1 71 ? 2.977   -10.835 -9.998  1.00 32.48 ? 156  ASP A CB  1 
ATOM   606  C CG  . ASP A 1 71 ? 3.319   -12.064 -10.807 1.00 33.65 ? 156  ASP A CG  1 
ATOM   607  O OD1 . ASP A 1 71 ? 4.220   -12.826 -10.390 1.00 34.94 ? 156  ASP A OD1 1 
ATOM   608  O OD2 . ASP A 1 71 ? 2.690   -12.268 -11.862 1.00 36.76 ? 156  ASP A OD2 1 
ATOM   609  N N   . TRP A 1 72 ? 1.445   -9.517  -7.309  1.00 26.72 ? 157  TRP A N   1 
ATOM   610  C CA  . TRP A 1 72 ? 1.273   -8.314  -6.519  1.00 25.79 ? 157  TRP A CA  1 
ATOM   611  C C   . TRP A 1 72 ? 0.928   -8.751  -5.103  1.00 26.94 ? 157  TRP A C   1 
ATOM   612  O O   . TRP A 1 72 ? 0.330   -8.013  -4.321  1.00 27.53 ? 157  TRP A O   1 
ATOM   613  C CB  . TRP A 1 72 ? 0.218   -7.355  -7.111  1.00 24.72 ? 157  TRP A CB  1 
ATOM   614  C CG  . TRP A 1 72 ? -1.218  -7.830  -7.258  1.00 20.57 ? 157  TRP A CG  1 
ATOM   615  C CD1 . TRP A 1 72 ? -2.147  -7.995  -6.270  1.00 16.88 ? 157  TRP A CD1 1 
ATOM   616  C CD2 . TRP A 1 72 ? -1.900  -8.089  -8.491  1.00 19.54 ? 157  TRP A CD2 1 
ATOM   617  N NE1 . TRP A 1 72 ? -3.368  -8.328  -6.813  1.00 16.26 ? 157  TRP A NE1 1 
ATOM   618  C CE2 . TRP A 1 72 ? -3.236  -8.398  -8.176  1.00 18.62 ? 157  TRP A CE2 1 
ATOM   619  C CE3 . TRP A 1 72 ? -1.505  -8.085  -9.834  1.00 25.72 ? 157  TRP A CE3 1 
ATOM   620  C CZ2 . TRP A 1 72 ? -4.184  -8.702  -9.157  1.00 22.69 ? 157  TRP A CZ2 1 
ATOM   621  C CZ3 . TRP A 1 72 ? -2.454  -8.385  -10.817 1.00 28.09 ? 157  TRP A CZ3 1 
ATOM   622  C CH2 . TRP A 1 72 ? -3.779  -8.691  -10.466 1.00 24.77 ? 157  TRP A CH2 1 
ATOM   623  N N   . GLY A 1 73 ? 1.343   -9.978  -4.795  1.00 28.48 ? 158  GLY A N   1 
ATOM   624  C CA  . GLY A 1 73 ? 1.142   -10.557 -3.473  1.00 31.02 ? 158  GLY A CA  1 
ATOM   625  C C   . GLY A 1 73 ? -0.252  -10.991 -3.057  1.00 30.88 ? 158  GLY A C   1 
ATOM   626  O O   . GLY A 1 73 ? -0.557  -11.006 -1.864  1.00 35.28 ? 158  GLY A O   1 
ATOM   627  N N   . ALA A 1 74 ? -1.113  -11.351 -3.995  1.00 29.13 ? 159  ALA A N   1 
ATOM   628  C CA  . ALA A 1 74 ? -2.452  -11.761 -3.575  1.00 32.25 ? 159  ALA A CA  1 
ATOM   629  C C   . ALA A 1 74 ? -2.732  -13.244 -3.803  1.00 30.96 ? 159  ALA A C   1 
ATOM   630  O O   . ALA A 1 74 ? -2.318  -13.835 -4.801  1.00 30.46 ? 159  ALA A O   1 
ATOM   631  C CB  . ALA A 1 74 ? -3.523  -10.889 -4.253  1.00 26.10 ? 159  ALA A CB  1 
ATOM   632  N N   . ALA A 1 75 ? -3.422  -13.836 -2.839  1.00 32.90 ? 160  ALA A N   1 
ATOM   633  C CA  . ALA A 1 75 ? -3.776  -15.251 -2.899  1.00 36.91 ? 160  ALA A CA  1 
ATOM   634  C C   . ALA A 1 75 ? -5.002  -15.467 -3.804  1.00 38.02 ? 160  ALA A C   1 
ATOM   635  O O   . ALA A 1 75 ? -5.441  -16.599 -4.014  1.00 37.97 ? 160  ALA A O   1 
ATOM   636  C CB  . ALA A 1 75 ? -4.053  -15.771 -1.483  1.00 29.04 ? 160  ALA A CB  1 
ATOM   637  N N   . SER A 1 76 ? -5.555  -14.374 -4.321  1.00 40.00 ? 161  SER A N   1 
ATOM   638  C CA  . SER A 1 76 ? -6.704  -14.449 -5.217  1.00 40.11 ? 161  SER A CA  1 
ATOM   639  C C   . SER A 1 76 ? -6.768  -13.230 -6.140  1.00 42.35 ? 161  SER A C   1 
ATOM   640  O O   . SER A 1 76 ? -6.187  -12.176 -5.853  1.00 40.52 ? 161  SER A O   1 
ATOM   641  C CB  . SER A 1 76 ? -8.000  -14.532 -4.424  1.00 37.45 ? 161  SER A CB  1 
ATOM   642  O OG  . SER A 1 76 ? -8.378  -13.249 -3.970  1.00 35.52 ? 161  SER A OG  1 
ATOM   643  N N   . PRO A 1 77 ? -7.482  -13.363 -7.268  1.00 42.96 ? 162  PRO A N   1 
ATOM   644  C CA  . PRO A 1 77 ? -7.641  -12.286 -8.249  1.00 39.36 ? 162  PRO A CA  1 
ATOM   645  C C   . PRO A 1 77 ? -8.646  -11.232 -7.795  1.00 39.28 ? 162  PRO A C   1 
ATOM   646  O O   . PRO A 1 77 ? -9.014  -10.351 -8.577  1.00 40.92 ? 162  PRO A O   1 
ATOM   647  C CB  . PRO A 1 77 ? -8.111  -13.028 -9.490  1.00 42.83 ? 162  PRO A CB  1 
ATOM   648  C CG  . PRO A 1 77 ? -8.946  -14.118 -8.912  1.00 42.31 ? 162  PRO A CG  1 
ATOM   649  C CD  . PRO A 1 77 ? -8.087  -14.613 -7.765  1.00 41.53 ? 162  PRO A CD  1 
ATOM   650  N N   . ALA A 1 78 ? -9.080  -11.318 -6.535  1.00 32.31 ? 163  ALA A N   1 
ATOM   651  C CA  . ALA A 1 78 ? -10.039 -10.360 -5.982  1.00 31.35 ? 163  ALA A CA  1 
ATOM   652  C C   . ALA A 1 78 ? -9.496  -8.919  -5.830  1.00 32.29 ? 163  ALA A C   1 
ATOM   653  O O   . ALA A 1 78 ? -8.551  -8.675  -5.089  1.00 33.00 ? 163  ALA A O   1 
ATOM   654  C CB  . ALA A 1 78 ? -10.546 -10.856 -4.635  1.00 26.66 ? 163  ALA A CB  1 
ATOM   655  N N   . VAL A 1 79 ? -10.101 -7.977  -6.553  1.00 29.58 ? 164  VAL A N   1 
ATOM   656  C CA  . VAL A 1 79 ? -9.737  -6.569  -6.489  1.00 28.31 ? 164  VAL A CA  1 
ATOM   657  C C   . VAL A 1 79 ? -10.991 -5.786  -6.849  1.00 25.83 ? 164  VAL A C   1 
ATOM   658  O O   . VAL A 1 79 ? -11.628 -6.075  -7.852  1.00 27.67 ? 164  VAL A O   1 
ATOM   659  C CB  . VAL A 1 79 ? -8.632  -6.179  -7.525  1.00 28.28 ? 164  VAL A CB  1 
ATOM   660  C CG1 . VAL A 1 79 ? -8.279  -4.700  -7.359  1.00 20.50 ? 164  VAL A CG1 1 
ATOM   661  C CG2 . VAL A 1 79 ? -7.399  -7.038  -7.350  1.00 23.99 ? 164  VAL A CG2 1 
ATOM   662  N N   . GLN A 1 80 ? -11.356 -4.790  -6.059  1.00 24.25 ? 165  GLN A N   1 
ATOM   663  C CA  . GLN A 1 80 ? -12.544 -4.028  -6.413  1.00 27.60 ? 165  GLN A CA  1 
ATOM   664  C C   . GLN A 1 80 ? -12.342 -2.531  -6.578  1.00 26.41 ? 165  GLN A C   1 
ATOM   665  O O   . GLN A 1 80 ? -13.235 -1.842  -7.052  1.00 32.18 ? 165  GLN A O   1 
ATOM   666  C CB  . GLN A 1 80 ? -13.691 -4.326  -5.436  1.00 34.16 ? 165  GLN A CB  1 
ATOM   667  C CG  . GLN A 1 80 ? -14.520 -5.552  -5.856  1.00 40.35 ? 165  GLN A CG  1 
ATOM   668  C CD  . GLN A 1 80 ? -15.751 -5.779  -4.970  1.00 49.55 ? 165  GLN A CD  1 
ATOM   669  O OE1 . GLN A 1 80 ? -15.645 -6.260  -3.830  1.00 50.78 ? 165  GLN A OE1 1 
ATOM   670  N NE2 . GLN A 1 80 ? -16.929 -5.423  -5.494  1.00 50.70 ? 165  GLN A NE2 1 
ATOM   671  N N   . SER A 1 81 ? -11.174 -2.021  -6.206  1.00 23.84 ? 166  SER A N   1 
ATOM   672  C CA  . SER A 1 81 ? -10.883 -0.600  -6.383  1.00 23.05 ? 166  SER A CA  1 
ATOM   673  C C   . SER A 1 81 ? -9.368  -0.378  -6.377  1.00 22.45 ? 166  SER A C   1 
ATOM   674  O O   . SER A 1 81 ? -8.612  -1.215  -5.896  1.00 21.76 ? 166  SER A O   1 
ATOM   675  C CB  . SER A 1 81 ? -11.543 0.241   -5.280  1.00 21.06 ? 166  SER A CB  1 
ATOM   676  O OG  . SER A 1 81 ? -11.023 -0.097  -4.008  1.00 25.20 ? 166  SER A OG  1 
ATOM   677  N N   . PHE A 1 82 ? -8.923  0.752   -6.909  1.00 18.34 ? 167  PHE A N   1 
ATOM   678  C CA  . PHE A 1 82 ? -7.501  1.028   -6.946  1.00 20.88 ? 167  PHE A CA  1 
ATOM   679  C C   . PHE A 1 82 ? -7.238  2.503   -7.147  1.00 21.59 ? 167  PHE A C   1 
ATOM   680  O O   . PHE A 1 82 ? -8.108  3.239   -7.602  1.00 18.34 ? 167  PHE A O   1 
ATOM   681  C CB  . PHE A 1 82 ? -6.829  0.198   -8.060  1.00 21.44 ? 167  PHE A CB  1 
ATOM   682  C CG  . PHE A 1 82 ? -7.372  0.449   -9.447  1.00 20.71 ? 167  PHE A CG  1 
ATOM   683  C CD1 . PHE A 1 82 ? -6.988  1.582   -10.171 1.00 17.18 ? 167  PHE A CD1 1 
ATOM   684  C CD2 . PHE A 1 82 ? -8.198  -0.503  -10.069 1.00 17.36 ? 167  PHE A CD2 1 
ATOM   685  C CE1 . PHE A 1 82 ? -7.405  1.766   -11.496 1.00 18.02 ? 167  PHE A CE1 1 
ATOM   686  C CE2 . PHE A 1 82 ? -8.626  -0.335  -11.399 1.00 18.14 ? 167  PHE A CE2 1 
ATOM   687  C CZ  . PHE A 1 82 ? -8.229  0.801   -12.117 1.00 16.79 ? 167  PHE A CZ  1 
ATOM   688  N N   . ARG A 1 83 ? -6.045  2.957   -6.795  1.00 21.54 ? 168  ARG A N   1 
ATOM   689  C CA  . ARG A 1 83 ? -5.784  4.369   -7.000  1.00 26.08 ? 168  ARG A CA  1 
ATOM   690  C C   . ARG A 1 83 ? -4.319  4.704   -7.157  1.00 21.85 ? 168  ARG A C   1 
ATOM   691  O O   . ARG A 1 83 ? -3.461  3.865   -6.914  1.00 23.04 ? 168  ARG A O   1 
ATOM   692  C CB  . ARG A 1 83 ? -6.443  5.201   -5.879  1.00 27.35 ? 168  ARG A CB  1 
ATOM   693  C CG  . ARG A 1 83 ? -6.001  4.910   -4.463  1.00 24.29 ? 168  ARG A CG  1 
ATOM   694  C CD  . ARG A 1 83 ? -6.888  5.660   -3.452  1.00 27.56 ? 168  ARG A CD  1 
ATOM   695  N NE  . ARG A 1 83 ? -6.295  5.650   -2.120  1.00 38.48 ? 168  ARG A NE  1 
ATOM   696  C CZ  . ARG A 1 83 ? -5.346  6.489   -1.702  1.00 42.02 ? 168  ARG A CZ  1 
ATOM   697  N NH1 . ARG A 1 83 ? -4.873  7.439   -2.503  1.00 35.94 ? 168  ARG A NH1 1 
ATOM   698  N NH2 . ARG A 1 83 ? -4.833  6.347   -0.484  1.00 44.09 ? 168  ARG A NH2 1 
ATOM   699  N N   . ARG A 1 84 ? -4.046  5.924   -7.604  1.00 21.97 ? 169  ARG A N   1 
ATOM   700  C CA  . ARG A 1 84 ? -2.669  6.386   -7.813  1.00 29.20 ? 169  ARG A CA  1 
ATOM   701  C C   . ARG A 1 84 ? -2.037  6.877   -6.506  1.00 28.40 ? 169  ARG A C   1 
ATOM   702  O O   . ARG A 1 84 ? -2.712  7.486   -5.682  1.00 29.24 ? 169  ARG A O   1 
ATOM   703  C CB  . ARG A 1 84 ? -2.639  7.576   -8.786  1.00 29.92 ? 169  ARG A CB  1 
ATOM   704  C CG  . ARG A 1 84 ? -3.271  7.353   -10.132 1.00 28.87 ? 169  ARG A CG  1 
ATOM   705  C CD  . ARG A 1 84 ? -3.680  8.699   -10.698 1.00 32.13 ? 169  ARG A CD  1 
ATOM   706  N NE  . ARG A 1 84 ? -4.608  9.343   -9.779  1.00 37.44 ? 169  ARG A NE  1 
ATOM   707  C CZ  . ARG A 1 84 ? -4.884  10.642  -9.747  1.00 35.97 ? 169  ARG A CZ  1 
ATOM   708  N NH1 . ARG A 1 84 ? -4.296  11.473  -10.596 1.00 26.41 ? 169  ARG A NH1 1 
ATOM   709  N NH2 . ARG A 1 84 ? -5.757  11.099  -8.849  1.00 36.23 ? 169  ARG A NH2 1 
ATOM   710  N N   . ILE A 1 85 ? -0.747  6.619   -6.322  1.00 30.57 ? 170  ILE A N   1 
ATOM   711  C CA  . ILE A 1 85 ? -0.049  7.122   -5.140  1.00 31.81 ? 170  ILE A CA  1 
ATOM   712  C C   . ILE A 1 85 ? 0.493   8.467   -5.627  1.00 29.89 ? 170  ILE A C   1 
ATOM   713  O O   . ILE A 1 85 ? 1.490   8.524   -6.339  1.00 26.22 ? 170  ILE A O   1 
ATOM   714  C CB  . ILE A 1 85 ? 1.143   6.220   -4.727  1.00 33.07 ? 170  ILE A CB  1 
ATOM   715  C CG1 . ILE A 1 85 ? 0.677   4.778   -4.498  1.00 33.58 ? 170  ILE A CG1 1 
ATOM   716  C CG2 . ILE A 1 85 ? 1.774   6.766   -3.447  1.00 30.79 ? 170  ILE A CG2 1 
ATOM   717  C CD1 . ILE A 1 85 ? -0.192  4.600   -3.264  1.00 33.11 ? 170  ILE A CD1 1 
ATOM   718  N N   . VAL A 1 86 ? -0.183  9.549   -5.274  1.00 34.51 ? 171  VAL A N   1 
ATOM   719  C CA  . VAL A 1 86 ? 0.247   10.866  -5.724  1.00 42.52 ? 171  VAL A CA  1 
ATOM   720  C C   . VAL A 1 86 ? 1.441   11.453  -4.965  1.00 49.12 ? 171  VAL A C   1 
ATOM   721  O O   . VAL A 1 86 ? 1.433   11.577  -3.737  1.00 51.21 ? 171  VAL A O   1 
ATOM   722  C CB  . VAL A 1 86 ? -0.917  11.878  -5.684  1.00 39.93 ? 171  VAL A CB  1 
ATOM   723  C CG1 . VAL A 1 86 ? -0.440  13.222  -6.177  1.00 38.97 ? 171  VAL A CG1 1 
ATOM   724  C CG2 . VAL A 1 86 ? -2.056  11.392  -6.556  1.00 36.16 ? 171  VAL A CG2 1 
ATOM   725  N N   . GLU A 1 87 ? 2.468   11.807  -5.732  1.00 53.18 ? 172  GLU A N   1 
ATOM   726  C CA  . GLU A 1 87 ? 3.697   12.398  -5.217  1.00 56.79 ? 172  GLU A CA  1 
ATOM   727  C C   . GLU A 1 87 ? 4.398   13.080  -6.393  1.00 59.26 ? 172  GLU A C   1 
ATOM   728  O O   . GLU A 1 87 ? 3.748   13.910  -7.071  1.00 60.30 ? 172  GLU A O   1 
ATOM   729  C CB  . GLU A 1 87 ? 4.619   11.319  -4.646  1.00 57.27 ? 172  GLU A CB  1 
ATOM   730  C CG  . GLU A 1 87 ? 4.504   11.079  -3.155  1.00 60.25 ? 172  GLU A CG  1 
ATOM   731  C CD  . GLU A 1 87 ? 5.658   10.228  -2.626  1.00 63.56 ? 172  GLU A CD  1 
ATOM   732  O OE1 . GLU A 1 87 ? 5.820   9.075   -3.095  1.00 60.83 ? 172  GLU A OE1 1 
ATOM   733  O OE2 . GLU A 1 87 ? 6.407   10.718  -1.745  1.00 62.41 ? 172  GLU A OE2 1 
ATOM   734  O OXT . GLU A 1 87 ? 5.586   12.767  -6.629  1.00 61.07 ? 172  GLU A OXT 1 
ATOM   735  N N   . GLY B 1 1  ? 14.832  16.617  3.463   1.00 55.11 ? 86   GLY B N   1 
ATOM   736  C CA  . GLY B 1 1  ? 14.747  15.608  2.371   1.00 54.14 ? 86   GLY B CA  1 
ATOM   737  C C   . GLY B 1 1  ? 13.313  15.216  2.074   1.00 54.35 ? 86   GLY B C   1 
ATOM   738  O O   . GLY B 1 1  ? 12.371  15.747  2.667   1.00 58.96 ? 86   GLY B O   1 
ATOM   739  N N   . GLN B 1 2  ? 13.143  14.262  1.170   1.00 51.64 ? 87   GLN B N   1 
ATOM   740  C CA  . GLN B 1 2  ? 11.816  13.817  0.779   1.00 47.95 ? 87   GLN B CA  1 
ATOM   741  C C   . GLN B 1 2  ? 11.090  12.859  1.721   1.00 44.62 ? 87   GLN B C   1 
ATOM   742  O O   . GLN B 1 2  ? 9.857   12.822  1.730   1.00 44.76 ? 87   GLN B O   1 
ATOM   743  C CB  . GLN B 1 2  ? 11.895  13.200  -0.609  1.00 51.14 ? 87   GLN B CB  1 
ATOM   744  C CG  . GLN B 1 2  ? 12.059  14.214  -1.707  1.00 56.92 ? 87   GLN B CG  1 
ATOM   745  C CD  . GLN B 1 2  ? 12.685  13.609  -2.935  1.00 62.06 ? 87   GLN B CD  1 
ATOM   746  O OE1 . GLN B 1 2  ? 12.575  14.154  -4.034  1.00 65.08 ? 87   GLN B OE1 1 
ATOM   747  N NE2 . GLN B 1 2  ? 13.364  12.478  -2.756  1.00 62.16 ? 87   GLN B NE2 1 
ATOM   748  N N   . TYR B 1 3  ? 11.826  12.093  2.522   1.00 39.62 ? 88   TYR B N   1 
ATOM   749  C CA  . TYR B 1 3  ? 11.170  11.138  3.416   1.00 35.49 ? 88   TYR B CA  1 
ATOM   750  C C   . TYR B 1 3  ? 11.483  11.255  4.907   1.00 32.19 ? 88   TYR B C   1 
ATOM   751  O O   . TYR B 1 3  ? 12.638  11.200  5.336   1.00 31.85 ? 88   TYR B O   1 
ATOM   752  C CB  . TYR B 1 3  ? 11.448  9.705   2.936   1.00 36.32 ? 88   TYR B CB  1 
ATOM   753  C CG  . TYR B 1 3  ? 11.126  9.498   1.469   1.00 38.43 ? 88   TYR B CG  1 
ATOM   754  C CD1 . TYR B 1 3  ? 12.086  9.744   0.484   1.00 40.02 ? 88   TYR B CD1 1 
ATOM   755  C CD2 . TYR B 1 3  ? 9.851   9.091   1.064   1.00 35.39 ? 88   TYR B CD2 1 
ATOM   756  C CE1 . TYR B 1 3  ? 11.785  9.586   -0.872  1.00 43.55 ? 88   TYR B CE1 1 
ATOM   757  C CE2 . TYR B 1 3  ? 9.538   8.934   -0.280  1.00 40.75 ? 88   TYR B CE2 1 
ATOM   758  C CZ  . TYR B 1 3  ? 10.508  9.178   -1.244  1.00 44.83 ? 88   TYR B CZ  1 
ATOM   759  O OH  . TYR B 1 3  ? 10.214  8.983   -2.571  1.00 46.85 ? 88   TYR B OH  1 
ATOM   760  N N   . LYS B 1 4  ? 10.435  11.392  5.703   1.00 24.84 ? 89   LYS B N   1 
ATOM   761  C CA  . LYS B 1 4  ? 10.614  11.515  7.126   1.00 25.53 ? 89   LYS B CA  1 
ATOM   762  C C   . LYS B 1 4  ? 9.347   11.090  7.840   1.00 26.17 ? 89   LYS B C   1 
ATOM   763  O O   . LYS B 1 4  ? 8.236   11.489  7.464   1.00 27.03 ? 89   LYS B O   1 
ATOM   764  C CB  . LYS B 1 4  ? 10.973  12.959  7.490   1.00 25.81 ? 89   LYS B CB  1 
ATOM   765  C CG  . LYS B 1 4  ? 11.072  13.208  8.994   1.00 30.49 ? 89   LYS B CG  1 
ATOM   766  C CD  . LYS B 1 4  ? 11.801  14.506  9.304   1.00 25.40 ? 89   LYS B CD  1 
ATOM   767  C CE  . LYS B 1 4  ? 13.172  14.487  8.680   1.00 33.26 ? 89   LYS B CE  1 
ATOM   768  N NZ  . LYS B 1 4  ? 13.984  15.667  9.061   1.00 42.70 ? 89   LYS B NZ  1 
ATOM   769  N N   . ILE B 1 5  ? 9.520   10.266  8.867   1.00 24.01 ? 90   ILE B N   1 
ATOM   770  C CA  . ILE B 1 5  ? 8.390   9.777   9.644   1.00 21.15 ? 90   ILE B CA  1 
ATOM   771  C C   . ILE B 1 5  ? 8.779   9.614   11.108  1.00 19.35 ? 90   ILE B C   1 
ATOM   772  O O   . ILE B 1 5  ? 9.941   9.365   11.411  1.00 16.86 ? 90   ILE B O   1 
ATOM   773  C CB  . ILE B 1 5  ? 7.897   8.408   9.087   1.00 19.81 ? 90   ILE B CB  1 
ATOM   774  C CG1 . ILE B 1 5  ? 6.665   7.949   9.852   1.00 18.72 ? 90   ILE B CG1 1 
ATOM   775  C CG2 . ILE B 1 5  ? 8.998   7.346   9.196   1.00 19.85 ? 90   ILE B CG2 1 
ATOM   776  C CD1 . ILE B 1 5  ? 6.048   6.684   9.253   1.00 23.98 ? 90   ILE B CD1 1 
ATOM   777  N N   . GLN B 1 6  ? 7.813   9.778   12.009  1.00 20.43 ? 91   GLN B N   1 
ATOM   778  C CA  . GLN B 1 6  ? 8.063   9.591   13.443  1.00 22.45 ? 91   GLN B CA  1 
ATOM   779  C C   . GLN B 1 6  ? 7.126   8.490   13.908  1.00 23.35 ? 91   GLN B C   1 
ATOM   780  O O   . GLN B 1 6  ? 5.923   8.549   13.644  1.00 22.76 ? 91   GLN B O   1 
ATOM   781  C CB  . GLN B 1 6  ? 7.767   10.868  14.241  1.00 21.88 ? 91   GLN B CB  1 
ATOM   782  C CG  . GLN B 1 6  ? 8.581   12.095  13.842  1.00 21.81 ? 91   GLN B CG  1 
ATOM   783  C CD  . GLN B 1 6  ? 8.226   13.286  14.716  1.00 27.59 ? 91   GLN B CD  1 
ATOM   784  O OE1 . GLN B 1 6  ? 7.109   13.370  15.233  1.00 27.60 ? 91   GLN B OE1 1 
ATOM   785  N NE2 . GLN B 1 6  ? 9.164   14.214  14.881  1.00 23.70 ? 91   GLN B NE2 1 
ATOM   786  N N   . ILE B 1 7  ? 7.673   7.489   14.589  1.00 20.85 ? 92   ILE B N   1 
ATOM   787  C CA  . ILE B 1 7  ? 6.867   6.384   15.077  1.00 18.67 ? 92   ILE B CA  1 
ATOM   788  C C   . ILE B 1 7  ? 6.786   6.426   16.594  1.00 17.50 ? 92   ILE B C   1 
ATOM   789  O O   . ILE B 1 7  ? 7.748   6.772   17.267  1.00 20.37 ? 92   ILE B O   1 
ATOM   790  C CB  . ILE B 1 7  ? 7.424   5.013   14.563  1.00 18.04 ? 92   ILE B CB  1 
ATOM   791  C CG1 . ILE B 1 7  ? 8.836   4.751   15.099  1.00 14.99 ? 92   ILE B CG1 1 
ATOM   792  C CG2 . ILE B 1 7  ? 7.455   5.021   13.028  1.00 16.52 ? 92   ILE B CG2 1 
ATOM   793  C CD1 . ILE B 1 7  ? 9.472   3.457   14.576  1.00 8.14  ? 92   ILE B CD1 1 
ATOM   794  N N   . PHE B 1 8  ? 5.622   6.086   17.131  1.00 22.47 ? 93   PHE B N   1 
ATOM   795  C CA  . PHE B 1 8  ? 5.391   6.137   18.577  1.00 22.08 ? 93   PHE B CA  1 
ATOM   796  C C   . PHE B 1 8  ? 4.962   4.792   19.133  1.00 22.99 ? 93   PHE B C   1 
ATOM   797  O O   . PHE B 1 8  ? 4.184   4.078   18.504  1.00 24.23 ? 93   PHE B O   1 
ATOM   798  C CB  . PHE B 1 8  ? 4.299   7.171   18.913  1.00 18.81 ? 93   PHE B CB  1 
ATOM   799  C CG  . PHE B 1 8  ? 4.645   8.589   18.507  1.00 22.07 ? 93   PHE B CG  1 
ATOM   800  C CD1 . PHE B 1 8  ? 4.555   8.988   17.175  1.00 20.43 ? 93   PHE B CD1 1 
ATOM   801  C CD2 . PHE B 1 8  ? 5.065   9.523   19.461  1.00 16.76 ? 93   PHE B CD2 1 
ATOM   802  C CE1 . PHE B 1 8  ? 4.880   10.298  16.796  1.00 23.88 ? 93   PHE B CE1 1 
ATOM   803  C CE2 . PHE B 1 8  ? 5.390   10.819  19.097  1.00 21.78 ? 93   PHE B CE2 1 
ATOM   804  C CZ  . PHE B 1 8  ? 5.300   11.216  17.754  1.00 20.23 ? 93   PHE B CZ  1 
ATOM   805  N N   . GLU B 1 9  ? 5.446   4.479   20.331  1.00 22.74 ? 94   GLU B N   1 
ATOM   806  C CA  . GLU B 1 9  ? 5.139   3.226   20.987  1.00 28.00 ? 94   GLU B CA  1 
ATOM   807  C C   . GLU B 1 9  ? 3.771   3.248   21.614  1.00 28.73 ? 94   GLU B C   1 
ATOM   808  O O   . GLU B 1 9  ? 3.184   2.202   21.876  1.00 28.88 ? 94   GLU B O   1 
ATOM   809  C CB  . GLU B 1 9  ? 6.198   2.905   22.037  1.00 30.57 ? 94   GLU B CB  1 
ATOM   810  C CG  . GLU B 1 9  ? 7.575   2.794   21.409  1.00 44.70 ? 94   GLU B CG  1 
ATOM   811  C CD  . GLU B 1 9  ? 8.466   1.760   22.069  1.00 52.94 ? 94   GLU B CD  1 
ATOM   812  O OE1 . GLU B 1 9  ? 9.565   1.502   21.515  1.00 52.04 ? 94   GLU B OE1 1 
ATOM   813  O OE2 . GLU B 1 9  ? 8.069   1.214   23.132  1.00 56.16 ? 94   GLU B OE2 1 
ATOM   814  N N   . LYS B 1 10 ? 3.252   4.440   21.860  1.00 29.89 ? 95   LYS B N   1 
ATOM   815  C CA  . LYS B 1 10 ? 1.926   4.520   22.430  1.00 33.82 ? 95   LYS B CA  1 
ATOM   816  C C   . LYS B 1 10 ? 1.014   5.357   21.551  1.00 31.96 ? 95   LYS B C   1 
ATOM   817  O O   . LYS B 1 10 ? 1.483   6.172   20.754  1.00 29.33 ? 95   LYS B O   1 
ATOM   818  C CB  . LYS B 1 10 ? 2.001   5.066   23.852  1.00 37.57 ? 95   LYS B CB  1 
ATOM   819  C CG  . LYS B 1 10 ? 2.547   4.038   24.814  1.00 40.13 ? 95   LYS B CG  1 
ATOM   820  C CD  . LYS B 1 10 ? 2.695   4.611   26.198  1.00 49.97 ? 95   LYS B CD  1 
ATOM   821  C CE  . LYS B 1 10 ? 3.329   3.596   27.135  1.00 53.59 ? 95   LYS B CE  1 
ATOM   822  N NZ  . LYS B 1 10 ? 3.651   4.205   28.457  1.00 60.12 ? 95   LYS B NZ  1 
ATOM   823  N N   . GLY B 1 11 ? -0.289  5.122   21.680  1.00 31.12 ? 96   GLY B N   1 
ATOM   824  C CA  . GLY B 1 11 ? -1.261  5.851   20.893  1.00 29.82 ? 96   GLY B CA  1 
ATOM   825  C C   . GLY B 1 11 ? -1.285  7.338   21.173  1.00 32.54 ? 96   GLY B C   1 
ATOM   826  O O   . GLY B 1 11 ? -0.834  7.800   22.219  1.00 33.06 ? 96   GLY B O   1 
ATOM   827  N N   . ASP B 1 12 ? -1.799  8.093   20.206  1.00 35.57 ? 97   ASP B N   1 
ATOM   828  C CA  . ASP B 1 12 ? -1.920  9.536   20.314  1.00 37.73 ? 97   ASP B CA  1 
ATOM   829  C C   . ASP B 1 12 ? -0.607  10.277  20.492  1.00 37.94 ? 97   ASP B C   1 
ATOM   830  O O   . ASP B 1 12 ? -0.538  11.301  21.170  1.00 38.39 ? 97   ASP B O   1 
ATOM   831  C CB  . ASP B 1 12 ? -2.900  9.888   21.435  1.00 42.23 ? 97   ASP B CB  1 
ATOM   832  C CG  . ASP B 1 12 ? -4.316  9.416   21.130  1.00 45.51 ? 97   ASP B CG  1 
ATOM   833  O OD1 . ASP B 1 12 ? -4.969  9.990   20.228  1.00 47.20 ? 97   ASP B OD1 1 
ATOM   834  O OD2 . ASP B 1 12 ? -4.770  8.457   21.785  1.00 49.85 ? 97   ASP B OD2 1 
ATOM   835  N N   . PHE B 1 13 ? 0.437   9.750   19.866  1.00 37.84 ? 98   PHE B N   1 
ATOM   836  C CA  . PHE B 1 13 ? 1.745   10.387  19.889  1.00 36.29 ? 98   PHE B CA  1 
ATOM   837  C C   . PHE B 1 13 ? 2.414   10.457  21.261  1.00 35.75 ? 98   PHE B C   1 
ATOM   838  O O   . PHE B 1 13 ? 3.088   11.437  21.578  1.00 34.75 ? 98   PHE B O   1 
ATOM   839  C CB  . PHE B 1 13 ? 1.614   11.793  19.297  1.00 34.48 ? 98   PHE B CB  1 
ATOM   840  C CG  . PHE B 1 13 ? 0.705   11.857  18.104  1.00 35.47 ? 98   PHE B CG  1 
ATOM   841  C CD1 . PHE B 1 13 ? 1.027   11.178  16.925  1.00 36.95 ? 98   PHE B CD1 1 
ATOM   842  C CD2 . PHE B 1 13 ? -0.500  12.561  18.170  1.00 35.62 ? 98   PHE B CD2 1 
ATOM   843  C CE1 . PHE B 1 13 ? 0.161   11.194  15.825  1.00 38.90 ? 98   PHE B CE1 1 
ATOM   844  C CE2 . PHE B 1 13 ? -1.377  12.587  17.078  1.00 37.37 ? 98   PHE B CE2 1 
ATOM   845  C CZ  . PHE B 1 13 ? -1.049  11.902  15.903  1.00 40.34 ? 98   PHE B CZ  1 
ATOM   846  N N   . SER B 1 14 ? 2.231   9.424   22.072  1.00 34.13 ? 99   SER B N   1 
ATOM   847  C CA  . SER B 1 14 ? 2.857   9.399   23.384  1.00 33.27 ? 99   SER B CA  1 
ATOM   848  C C   . SER B 1 14 ? 3.789   8.188   23.475  1.00 32.39 ? 99   SER B C   1 
ATOM   849  O O   . SER B 1 14 ? 3.796   7.328   22.583  1.00 30.44 ? 99   SER B O   1 
ATOM   850  C CB  . SER B 1 14 ? 1.791   9.366   24.489  1.00 33.90 ? 99   SER B CB  1 
ATOM   851  O OG  . SER B 1 14 ? 0.960   8.231   24.384  1.00 43.29 ? 99   SER B OG  1 
ATOM   852  N N   . GLY B 1 15 ? 4.572   8.127   24.551  1.00 28.21 ? 100  GLY B N   1 
ATOM   853  C CA  . GLY B 1 15 ? 5.522   7.045   24.717  1.00 23.04 ? 100  GLY B CA  1 
ATOM   854  C C   . GLY B 1 15 ? 6.818   7.323   23.958  1.00 25.11 ? 100  GLY B C   1 
ATOM   855  O O   . GLY B 1 15 ? 7.054   8.448   23.509  1.00 22.88 ? 100  GLY B O   1 
ATOM   856  N N   . GLN B 1 16 ? 7.657   6.295   23.820  1.00 24.53 ? 101  GLN B N   1 
ATOM   857  C CA  . GLN B 1 16 ? 8.925   6.403   23.107  1.00 21.15 ? 101  GLN B CA  1 
ATOM   858  C C   . GLN B 1 16 ? 8.686   6.766   21.639  1.00 23.45 ? 101  GLN B C   1 
ATOM   859  O O   . GLN B 1 16 ? 7.745   6.274   21.017  1.00 24.53 ? 101  GLN B O   1 
ATOM   860  C CB  . GLN B 1 16 ? 9.675   5.073   23.187  1.00 16.02 ? 101  GLN B CB  1 
ATOM   861  C CG  . GLN B 1 16 ? 11.056  5.113   22.571  1.00 16.11 ? 101  GLN B CG  1 
ATOM   862  C CD  . GLN B 1 16 ? 11.977  6.143   23.223  1.00 20.78 ? 101  GLN B CD  1 
ATOM   863  O OE1 . GLN B 1 16 ? 12.290  6.053   24.414  1.00 29.35 ? 101  GLN B OE1 1 
ATOM   864  N NE2 . GLN B 1 16 ? 12.420  7.121   22.442  1.00 20.17 ? 101  GLN B NE2 1 
ATOM   865  N N   . MET B 1 17 ? 9.545   7.616   21.088  1.00 21.67 ? 102  MET B N   1 
ATOM   866  C CA  . MET B 1 17 ? 9.418   8.055   19.706  1.00 21.47 ? 102  MET B CA  1 
ATOM   867  C C   . MET B 1 17 ? 10.751  8.038   18.979  1.00 20.85 ? 102  MET B C   1 
ATOM   868  O O   . MET B 1 17 ? 11.776  8.380   19.550  1.00 22.94 ? 102  MET B O   1 
ATOM   869  C CB  . MET B 1 17 ? 8.861   9.484   19.653  1.00 20.58 ? 102  MET B CB  1 
ATOM   870  C CG  . MET B 1 17 ? 8.657   10.036  18.228  1.00 20.63 ? 102  MET B CG  1 
ATOM   871  S SD  . MET B 1 17 ? 10.081  10.741  17.364  1.00 25.58 ? 102  MET B SD  1 
ATOM   872  C CE  . MET B 1 17 ? 9.838   12.489  17.679  1.00 17.72 ? 102  MET B CE  1 
ATOM   873  N N   . TYR B 1 18 ? 10.733  7.629   17.719  1.00 18.92 ? 103  TYR B N   1 
ATOM   874  C CA  . TYR B 1 18 ? 11.935  7.629   16.920  1.00 18.65 ? 103  TYR B CA  1 
ATOM   875  C C   . TYR B 1 18 ? 11.577  8.320   15.611  1.00 20.27 ? 103  TYR B C   1 
ATOM   876  O O   . TYR B 1 18 ? 10.453  8.196   15.119  1.00 19.11 ? 103  TYR B O   1 
ATOM   877  C CB  . TYR B 1 18 ? 12.425  6.205   16.639  1.00 19.06 ? 103  TYR B CB  1 
ATOM   878  C CG  . TYR B 1 18 ? 12.839  5.458   17.876  1.00 25.71 ? 103  TYR B CG  1 
ATOM   879  C CD1 . TYR B 1 18 ? 11.951  4.609   18.529  1.00 24.91 ? 103  TYR B CD1 1 
ATOM   880  C CD2 . TYR B 1 18 ? 14.113  5.632   18.426  1.00 27.78 ? 103  TYR B CD2 1 
ATOM   881  C CE1 . TYR B 1 18 ? 12.316  3.945   19.704  1.00 25.97 ? 103  TYR B CE1 1 
ATOM   882  C CE2 . TYR B 1 18 ? 14.489  4.978   19.601  1.00 25.08 ? 103  TYR B CE2 1 
ATOM   883  C CZ  . TYR B 1 18 ? 13.587  4.136   20.233  1.00 27.44 ? 103  TYR B CZ  1 
ATOM   884  O OH  . TYR B 1 18 ? 13.950  3.486   21.390  1.00 20.47 ? 103  TYR B OH  1 
ATOM   885  N N   . GLU B 1 19 ? 12.532  9.066   15.069  1.00 20.72 ? 104  GLU B N   1 
ATOM   886  C CA  . GLU B 1 19 ? 12.356  9.767   13.814  1.00 19.77 ? 104  GLU B CA  1 
ATOM   887  C C   . GLU B 1 19 ? 13.343  9.138   12.848  1.00 20.10 ? 104  GLU B C   1 
ATOM   888  O O   . GLU B 1 19 ? 14.504  8.925   13.189  1.00 19.34 ? 104  GLU B O   1 
ATOM   889  C CB  . GLU B 1 19 ? 12.656  11.254  13.990  1.00 21.43 ? 104  GLU B CB  1 
ATOM   890  C CG  . GLU B 1 19 ? 12.255  12.080  12.784  1.00 24.23 ? 104  GLU B CG  1 
ATOM   891  C CD  . GLU B 1 19 ? 12.444  13.558  13.012  1.00 25.67 ? 104  GLU B CD  1 
ATOM   892  O OE1 . GLU B 1 19 ? 13.456  14.108  12.527  1.00 23.05 ? 104  GLU B OE1 1 
ATOM   893  O OE2 . GLU B 1 19 ? 11.580  14.166  13.685  1.00 28.71 ? 104  GLU B OE2 1 
ATOM   894  N N   . THR B 1 20 ? 12.882  8.827   11.644  1.00 20.32 ? 105  THR B N   1 
ATOM   895  C CA  . THR B 1 20 ? 13.743  8.174   10.668  1.00 20.35 ? 105  THR B CA  1 
ATOM   896  C C   . THR B 1 20 ? 13.431  8.589   9.222   1.00 22.70 ? 105  THR B C   1 
ATOM   897  O O   . THR B 1 20 ? 12.308  9.013   8.905   1.00 20.00 ? 105  THR B O   1 
ATOM   898  C CB  . THR B 1 20 ? 13.638  6.625   10.807  1.00 18.39 ? 105  THR B CB  1 
ATOM   899  O OG1 . THR B 1 20 ? 14.633  5.998   9.999   1.00 18.63 ? 105  THR B OG1 1 
ATOM   900  C CG2 . THR B 1 20 ? 12.271  6.132   10.362  1.00 17.03 ? 105  THR B CG2 1 
ATOM   901  N N   . THR B 1 21 ? 14.436  8.451   8.355   1.00 20.83 ? 106  THR B N   1 
ATOM   902  C CA  . THR B 1 21 ? 14.306  8.829   6.956   1.00 20.98 ? 106  THR B CA  1 
ATOM   903  C C   . THR B 1 21 ? 14.628  7.695   5.973   1.00 22.71 ? 106  THR B C   1 
ATOM   904  O O   . THR B 1 21 ? 14.697  7.919   4.761   1.00 28.43 ? 106  THR B O   1 
ATOM   905  C CB  . THR B 1 21 ? 15.246  10.012  6.637   1.00 18.90 ? 106  THR B CB  1 
ATOM   906  O OG1 . THR B 1 21 ? 16.598  9.558   6.648   1.00 22.61 ? 106  THR B OG1 1 
ATOM   907  C CG2 . THR B 1 21 ? 15.107  11.111  7.685   1.00 20.03 ? 106  THR B CG2 1 
ATOM   908  N N   . GLU B 1 22 ? 14.821  6.488   6.490   1.00 19.05 ? 107  GLU B N   1 
ATOM   909  C CA  . GLU B 1 22 ? 15.176  5.328   5.674   1.00 17.96 ? 107  GLU B CA  1 
ATOM   910  C C   . GLU B 1 22 ? 14.235  4.162   5.938   1.00 21.00 ? 107  GLU B C   1 
ATOM   911  O O   . GLU B 1 22 ? 13.450  4.178   6.899   1.00 20.07 ? 107  GLU B O   1 
ATOM   912  C CB  . GLU B 1 22 ? 16.604  4.887   6.008   1.00 21.03 ? 107  GLU B CB  1 
ATOM   913  C CG  . GLU B 1 22 ? 16.809  4.544   7.489   1.00 17.32 ? 107  GLU B CG  1 
ATOM   914  C CD  . GLU B 1 22 ? 18.277  4.527   7.875   1.00 23.02 ? 107  GLU B CD  1 
ATOM   915  O OE1 . GLU B 1 22 ? 19.050  5.264   7.234   1.00 21.39 ? 107  GLU B OE1 1 
ATOM   916  O OE2 . GLU B 1 22 ? 18.662  3.796   8.820   1.00 22.46 ? 107  GLU B OE2 1 
ATOM   917  N N   . ASP B 1 23 ? 14.326  3.136   5.099   1.00 21.98 ? 108  ASP B N   1 
ATOM   918  C CA  . ASP B 1 23 ? 13.471  1.959   5.265   1.00 22.14 ? 108  ASP B CA  1 
ATOM   919  C C   . ASP B 1 23 ? 13.957  1.181   6.482   1.00 21.47 ? 108  ASP B C   1 
ATOM   920  O O   . ASP B 1 23 ? 15.146  1.232   6.829   1.00 20.64 ? 108  ASP B O   1 
ATOM   921  C CB  . ASP B 1 23 ? 13.550  1.042   4.043   1.00 21.46 ? 108  ASP B CB  1 
ATOM   922  C CG  . ASP B 1 23 ? 13.137  1.736   2.751   1.00 29.36 ? 108  ASP B CG  1 
ATOM   923  O OD1 . ASP B 1 23 ? 12.337  2.710   2.788   1.00 28.01 ? 108  ASP B OD1 1 
ATOM   924  O OD2 . ASP B 1 23 ? 13.604  1.275   1.687   1.00 27.75 ? 108  ASP B OD2 1 
ATOM   925  N N   . CYS B 1 24 ? 13.042  0.462   7.119   1.00 17.37 ? 109  CYS B N   1 
ATOM   926  C CA  . CYS B 1 24 ? 13.381  -0.333  8.284   1.00 19.38 ? 109  CYS B CA  1 
ATOM   927  C C   . CYS B 1 24 ? 12.916  -1.771  8.088   1.00 19.65 ? 109  CYS B C   1 
ATOM   928  O O   . CYS B 1 24 ? 11.715  -2.042  8.096   1.00 22.00 ? 109  CYS B O   1 
ATOM   929  C CB  . CYS B 1 24 ? 12.711  0.247   9.534   1.00 19.05 ? 109  CYS B CB  1 
ATOM   930  S SG  . CYS B 1 24 ? 13.046  -0.760  11.003  1.00 17.01 ? 109  CYS B SG  1 
ATOM   931  N N   . PRO B 1 25 ? 13.857  -2.713  7.924   1.00 20.71 ? 110  PRO B N   1 
ATOM   932  C CA  . PRO B 1 25 ? 13.493  -4.127  7.725   1.00 23.40 ? 110  PRO B CA  1 
ATOM   933  C C   . PRO B 1 25 ? 13.007  -4.888  8.967   1.00 23.80 ? 110  PRO B C   1 
ATOM   934  O O   . PRO B 1 25 ? 12.365  -5.934  8.848   1.00 23.72 ? 110  PRO B O   1 
ATOM   935  C CB  . PRO B 1 25 ? 14.765  -4.739  7.111   1.00 18.87 ? 110  PRO B CB  1 
ATOM   936  C CG  . PRO B 1 25 ? 15.853  -3.915  7.687   1.00 21.31 ? 110  PRO B CG  1 
ATOM   937  C CD  . PRO B 1 25 ? 15.297  -2.493  7.694   1.00 19.93 ? 110  PRO B CD  1 
ATOM   938  N N   . SER B 1 26 ? 13.273  -4.343  10.146  1.00 22.20 ? 111  SER B N   1 
ATOM   939  C CA  . SER B 1 26 ? 12.876  -4.990  11.404  1.00 23.54 ? 111  SER B CA  1 
ATOM   940  C C   . SER B 1 26 ? 12.896  -3.984  12.558  1.00 22.40 ? 111  SER B C   1 
ATOM   941  O O   . SER B 1 26 ? 13.978  -3.542  12.948  1.00 21.27 ? 111  SER B O   1 
ATOM   942  C CB  . SER B 1 26 ? 13.853  -6.133  11.712  1.00 22.52 ? 111  SER B CB  1 
ATOM   943  O OG  . SER B 1 26 ? 13.685  -6.608  13.040  1.00 30.11 ? 111  SER B OG  1 
ATOM   944  N N   . ILE B 1 27 ? 11.731  -3.625  13.108  1.00 21.78 ? 112  ILE B N   1 
ATOM   945  C CA  . ILE B 1 27 ? 11.705  -2.648  14.204  1.00 23.95 ? 112  ILE B CA  1 
ATOM   946  C C   . ILE B 1 27 ? 12.229  -3.204  15.516  1.00 23.54 ? 112  ILE B C   1 
ATOM   947  O O   . ILE B 1 27 ? 12.697  -2.440  16.361  1.00 23.77 ? 112  ILE B O   1 
ATOM   948  C CB  . ILE B 1 27 ? 10.286  -2.043  14.494  1.00 22.22 ? 112  ILE B CB  1 
ATOM   949  C CG1 . ILE B 1 27 ? 9.353   -3.107  15.054  1.00 21.16 ? 112  ILE B CG1 1 
ATOM   950  C CG2 . ILE B 1 27 ? 9.710   -1.419  13.250  1.00 27.66 ? 112  ILE B CG2 1 
ATOM   951  C CD1 . ILE B 1 27 ? 7.934   -2.608  15.280  1.00 13.01 ? 112  ILE B CD1 1 
ATOM   952  N N   . MET B 1 28 ? 12.143  -4.517  15.707  1.00 23.88 ? 113  MET B N   1 
ATOM   953  C CA  . MET B 1 28 ? 12.646  -5.101  16.948  1.00 24.59 ? 113  MET B CA  1 
ATOM   954  C C   . MET B 1 28 ? 14.146  -4.837  17.037  1.00 22.24 ? 113  MET B C   1 
ATOM   955  O O   . MET B 1 28 ? 14.654  -4.441  18.082  1.00 20.89 ? 113  MET B O   1 
ATOM   956  C CB  . MET B 1 28 ? 12.390  -6.614  17.012  1.00 25.37 ? 113  MET B CB  1 
ATOM   957  C CG  . MET B 1 28 ? 11.007  -6.988  17.533  1.00 37.21 ? 113  MET B CG  1 
ATOM   958  S SD  . MET B 1 28 ? 10.899  -8.666  18.251  1.00 49.72 ? 113  MET B SD  1 
ATOM   959  C CE  . MET B 1 28 ? 10.291  -9.600  16.849  1.00 46.91 ? 113  MET B CE  1 
ATOM   960  N N   . GLU B 1 29 ? 14.852  -5.042  15.934  1.00 20.28 ? 114  GLU B N   1 
ATOM   961  C CA  . GLU B 1 29 ? 16.288  -4.831  15.936  1.00 22.38 ? 114  GLU B CA  1 
ATOM   962  C C   . GLU B 1 29 ? 16.740  -3.386  15.865  1.00 22.84 ? 114  GLU B C   1 
ATOM   963  O O   . GLU B 1 29 ? 17.677  -3.000  16.569  1.00 19.98 ? 114  GLU B O   1 
ATOM   964  C CB  . GLU B 1 29 ? 16.935  -5.613  14.796  1.00 26.41 ? 114  GLU B CB  1 
ATOM   965  C CG  . GLU B 1 29 ? 17.253  -7.048  15.178  1.00 38.47 ? 114  GLU B CG  1 
ATOM   966  C CD  . GLU B 1 29 ? 17.196  -7.966  13.994  1.00 48.79 ? 114  GLU B CD  1 
ATOM   967  O OE1 . GLU B 1 29 ? 17.983  -7.758  13.041  1.00 55.83 ? 114  GLU B OE1 1 
ATOM   968  O OE2 . GLU B 1 29 ? 16.356  -8.894  14.014  1.00 54.10 ? 114  GLU B OE2 1 
ATOM   969  N N   . GLN B 1 30 ? 16.084  -2.589  15.024  1.00 19.25 ? 115  GLN B N   1 
ATOM   970  C CA  . GLN B 1 30 ? 16.485  -1.202  14.868  1.00 21.46 ? 115  GLN B CA  1 
ATOM   971  C C   . GLN B 1 30 ? 16.056  -0.329  16.038  1.00 19.51 ? 115  GLN B C   1 
ATOM   972  O O   . GLN B 1 30 ? 16.871  0.408   16.589  1.00 14.00 ? 115  GLN B O   1 
ATOM   973  C CB  . GLN B 1 30 ? 15.928  -0.619  13.548  1.00 19.40 ? 115  GLN B CB  1 
ATOM   974  C CG  . GLN B 1 30 ? 16.427  0.785   13.205  1.00 16.41 ? 115  GLN B CG  1 
ATOM   975  C CD  . GLN B 1 30 ? 17.928  0.845   12.856  1.00 21.63 ? 115  GLN B CD  1 
ATOM   976  O OE1 . GLN B 1 30 ? 18.595  -0.183  12.733  1.00 16.92 ? 115  GLN B OE1 1 
ATOM   977  N NE2 . GLN B 1 30 ? 18.454  2.067   12.680  1.00 20.82 ? 115  GLN B NE2 1 
ATOM   978  N N   . PHE B 1 31 ? 14.789  -0.455  16.432  1.00 17.15 ? 116  PHE B N   1 
ATOM   979  C CA  . PHE B 1 31 ? 14.210  0.372   17.480  1.00 17.55 ? 116  PHE B CA  1 
ATOM   980  C C   . PHE B 1 31 ? 13.851  -0.265  18.826  1.00 19.90 ? 116  PHE B C   1 
ATOM   981  O O   . PHE B 1 31 ? 13.242  0.380   19.679  1.00 19.37 ? 116  PHE B O   1 
ATOM   982  C CB  . PHE B 1 31 ? 12.991  1.071   16.898  1.00 18.03 ? 116  PHE B CB  1 
ATOM   983  C CG  . PHE B 1 31 ? 13.307  1.906   15.696  1.00 19.46 ? 116  PHE B CG  1 
ATOM   984  C CD1 . PHE B 1 31 ? 14.076  3.059   15.823  1.00 17.21 ? 116  PHE B CD1 1 
ATOM   985  C CD2 . PHE B 1 31 ? 12.851  1.533   14.430  1.00 17.73 ? 116  PHE B CD2 1 
ATOM   986  C CE1 . PHE B 1 31 ? 14.388  3.843   14.702  1.00 17.71 ? 116  PHE B CE1 1 
ATOM   987  C CE2 . PHE B 1 31 ? 13.157  2.306   13.305  1.00 16.10 ? 116  PHE B CE2 1 
ATOM   988  C CZ  . PHE B 1 31 ? 13.928  3.469   13.447  1.00 15.04 ? 116  PHE B CZ  1 
ATOM   989  N N   . HIS B 1 32 ? 14.189  -1.535  19.004  1.00 18.92 ? 117  HIS B N   1 
ATOM   990  C CA  . HIS B 1 32 ? 13.951  -2.201  20.279  1.00 23.96 ? 117  HIS B CA  1 
ATOM   991  C C   . HIS B 1 32 ? 12.525  -2.143  20.793  1.00 23.31 ? 117  HIS B C   1 
ATOM   992  O O   . HIS B 1 32 ? 12.291  -2.031  22.002  1.00 25.87 ? 117  HIS B O   1 
ATOM   993  C CB  . HIS B 1 32 ? 14.907  -1.603  21.307  1.00 21.56 ? 117  HIS B CB  1 
ATOM   994  C CG  . HIS B 1 32 ? 16.238  -1.277  20.723  1.00 21.28 ? 117  HIS B CG  1 
ATOM   995  N ND1 . HIS B 1 32 ? 16.584  -0.001  20.335  1.00 28.71 ? 117  HIS B ND1 1 
ATOM   996  C CD2 . HIS B 1 32 ? 17.248  -2.081  20.317  1.00 24.76 ? 117  HIS B CD2 1 
ATOM   997  C CE1 . HIS B 1 32 ? 17.749  -0.034  19.712  1.00 26.20 ? 117  HIS B CE1 1 
ATOM   998  N NE2 . HIS B 1 32 ? 18.173  -1.284  19.687  1.00 27.88 ? 117  HIS B NE2 1 
ATOM   999  N N   . MET B 1 33 ? 11.578  -2.206  19.867  1.00 20.92 ? 118  MET B N   1 
ATOM   1000 C CA  . MET B 1 33 ? 10.165  -2.198  20.210  1.00 25.12 ? 118  MET B CA  1 
ATOM   1001 C C   . MET B 1 33 ? 9.512   -3.219  19.287  1.00 24.26 ? 118  MET B C   1 
ATOM   1002 O O   . MET B 1 33 ? 10.123  -3.661  18.318  1.00 25.50 ? 118  MET B O   1 
ATOM   1003 C CB  . MET B 1 33 ? 9.553   -0.803  20.003  1.00 23.15 ? 118  MET B CB  1 
ATOM   1004 C CG  . MET B 1 33 ? 9.396   -0.377  18.554  1.00 32.84 ? 118  MET B CG  1 
ATOM   1005 S SD  . MET B 1 33 ? 9.081   1.402   18.424  1.00 44.41 ? 118  MET B SD  1 
ATOM   1006 C CE  . MET B 1 33 ? 7.335   1.402   18.446  1.00 45.69 ? 118  MET B CE  1 
ATOM   1007 N N   . ARG B 1 34 ? 8.279   -3.595  19.575  1.00 24.21 ? 119  ARG B N   1 
ATOM   1008 C CA  . ARG B 1 34 ? 7.621   -4.575  18.733  1.00 28.37 ? 119  ARG B CA  1 
ATOM   1009 C C   . ARG B 1 34 ? 6.299   -4.087  18.124  1.00 27.05 ? 119  ARG B C   1 
ATOM   1010 O O   . ARG B 1 34 ? 5.746   -4.730  17.240  1.00 25.25 ? 119  ARG B O   1 
ATOM   1011 C CB  . ARG B 1 34 ? 7.399   -5.860  19.538  1.00 28.74 ? 119  ARG B CB  1 
ATOM   1012 C CG  . ARG B 1 34 ? 7.058   -7.036  18.677  1.00 33.37 ? 119  ARG B CG  1 
ATOM   1013 C CD  . ARG B 1 34 ? 7.052   -8.327  19.451  1.00 33.67 ? 119  ARG B CD  1 
ATOM   1014 N NE  . ARG B 1 34 ? 6.425   -9.374  18.651  1.00 39.02 ? 119  ARG B NE  1 
ATOM   1015 C CZ  . ARG B 1 34 ? 5.120   -9.451  18.410  1.00 38.32 ? 119  ARG B CZ  1 
ATOM   1016 N NH1 . ARG B 1 34 ? 4.289   -8.552  18.912  1.00 36.94 ? 119  ARG B NH1 1 
ATOM   1017 N NH2 . ARG B 1 34 ? 4.646   -10.420 17.641  1.00 42.55 ? 119  ARG B NH2 1 
ATOM   1018 N N   . GLU B 1 35 ? 5.790   -2.955  18.595  1.00 24.97 ? 120  GLU B N   1 
ATOM   1019 C CA  . GLU B 1 35 ? 4.534   -2.433  18.072  1.00 24.52 ? 120  GLU B CA  1 
ATOM   1020 C C   . GLU B 1 35 ? 4.543   -0.929  17.968  1.00 23.38 ? 120  GLU B C   1 
ATOM   1021 O O   . GLU B 1 35 ? 5.023   -0.240  18.864  1.00 28.54 ? 120  GLU B O   1 
ATOM   1022 C CB  . GLU B 1 35 ? 3.347   -2.827  18.968  1.00 20.69 ? 120  GLU B CB  1 
ATOM   1023 C CG  . GLU B 1 35 ? 3.339   -4.267  19.420  1.00 23.20 ? 120  GLU B CG  1 
ATOM   1024 C CD  . GLU B 1 35 ? 2.094   -4.635  20.201  1.00 22.49 ? 120  GLU B CD  1 
ATOM   1025 O OE1 . GLU B 1 35 ? 1.609   -3.802  20.992  1.00 23.20 ? 120  GLU B OE1 1 
ATOM   1026 O OE2 . GLU B 1 35 ? 1.610   -5.774  20.038  1.00 25.69 ? 120  GLU B OE2 1 
ATOM   1027 N N   . ILE B 1 36 ? 3.998   -0.421  16.872  1.00 26.14 ? 121  ILE B N   1 
ATOM   1028 C CA  . ILE B 1 36 ? 3.885   1.016   16.673  1.00 25.08 ? 121  ILE B CA  1 
ATOM   1029 C C   . ILE B 1 36 ? 2.399   1.278   16.910  1.00 25.04 ? 121  ILE B C   1 
ATOM   1030 O O   . ILE B 1 36 ? 1.554   0.599   16.337  1.00 23.94 ? 121  ILE B O   1 
ATOM   1031 C CB  . ILE B 1 36 ? 4.290   1.411   15.241  1.00 23.45 ? 121  ILE B CB  1 
ATOM   1032 C CG1 . ILE B 1 36 ? 5.729   0.948   14.967  1.00 19.18 ? 121  ILE B CG1 1 
ATOM   1033 C CG2 . ILE B 1 36 ? 4.167   2.915   15.071  1.00 19.79 ? 121  ILE B CG2 1 
ATOM   1034 C CD1 . ILE B 1 36 ? 6.137   1.059   13.513  1.00 20.57 ? 121  ILE B CD1 1 
ATOM   1035 N N   . HIS B 1 37 ? 2.082   2.233   17.777  1.00 26.22 ? 122  HIS B N   1 
ATOM   1036 C CA  . HIS B 1 37 ? 0.686   2.529   18.102  1.00 27.79 ? 122  HIS B CA  1 
ATOM   1037 C C   . HIS B 1 37 ? 0.202   3.876   17.563  1.00 28.84 ? 122  HIS B C   1 
ATOM   1038 O O   . HIS B 1 37 ? -0.985  4.206   17.659  1.00 25.85 ? 122  HIS B O   1 
ATOM   1039 C CB  . HIS B 1 37 ? 0.479   2.434   19.623  1.00 24.84 ? 122  HIS B CB  1 
ATOM   1040 C CG  . HIS B 1 37 ? 0.480   1.028   20.134  1.00 25.53 ? 122  HIS B CG  1 
ATOM   1041 N ND1 . HIS B 1 37 ? -0.664  0.393   20.569  1.00 28.70 ? 122  HIS B ND1 1 
ATOM   1042 C CD2 . HIS B 1 37 ? 1.477   0.114   20.232  1.00 27.98 ? 122  HIS B CD2 1 
ATOM   1043 C CE1 . HIS B 1 37 ? -0.373  -0.851  20.914  1.00 28.07 ? 122  HIS B CE1 1 
ATOM   1044 N NE2 . HIS B 1 37 ? 0.920   -1.046  20.719  1.00 26.98 ? 122  HIS B NE2 1 
ATOM   1045 N N   . SER B 1 38 ? 1.132   4.650   17.009  1.00 24.38 ? 123  SER B N   1 
ATOM   1046 C CA  . SER B 1 38 ? 0.802   5.927   16.401  1.00 27.79 ? 123  SER B CA  1 
ATOM   1047 C C   . SER B 1 38 ? 1.994   6.448   15.617  1.00 28.22 ? 123  SER B C   1 
ATOM   1048 O O   . SER B 1 38 ? 3.129   5.979   15.792  1.00 26.58 ? 123  SER B O   1 
ATOM   1049 C CB  . SER B 1 38 ? 0.341   6.958   17.450  1.00 27.52 ? 123  SER B CB  1 
ATOM   1050 O OG  . SER B 1 38 ? 1.393   7.434   18.256  1.00 32.38 ? 123  SER B OG  1 
ATOM   1051 N N   . CYS B 1 39 ? 1.735   7.390   14.719  1.00 29.30 ? 124  CYS B N   1 
ATOM   1052 C CA  . CYS B 1 39 ? 2.814   7.950   13.942  1.00 30.80 ? 124  CYS B CA  1 
ATOM   1053 C C   . CYS B 1 39 ? 2.449   9.187   13.146  1.00 30.10 ? 124  CYS B C   1 
ATOM   1054 O O   . CYS B 1 39 ? 1.279   9.450   12.862  1.00 29.70 ? 124  CYS B O   1 
ATOM   1055 C CB  . CYS B 1 39 ? 3.377   6.897   13.004  1.00 35.68 ? 124  CYS B CB  1 
ATOM   1056 S SG  . CYS B 1 39 ? 2.560   6.833   11.449  1.00 40.62 ? 124  CYS B SG  1 
ATOM   1057 N N   . LYS B 1 40 ? 3.476   9.958   12.813  1.00 24.76 ? 125  LYS B N   1 
ATOM   1058 C CA  . LYS B 1 40 ? 3.305   11.162  12.026  1.00 26.17 ? 125  LYS B CA  1 
ATOM   1059 C C   . LYS B 1 40 ? 4.164   11.023  10.781  1.00 27.90 ? 125  LYS B C   1 
ATOM   1060 O O   . LYS B 1 40 ? 5.349   10.672  10.862  1.00 28.08 ? 125  LYS B O   1 
ATOM   1061 C CB  . LYS B 1 40 ? 3.736   12.406  12.813  1.00 27.54 ? 125  LYS B CB  1 
ATOM   1062 C CG  . LYS B 1 40 ? 2.858   12.728  14.022  1.00 28.06 ? 125  LYS B CG  1 
ATOM   1063 C CD  . LYS B 1 40 ? 3.408   13.932  14.770  1.00 30.25 ? 125  LYS B CD  1 
ATOM   1064 C CE  . LYS B 1 40 ? 2.495   14.355  15.918  1.00 35.96 ? 125  LYS B CE  1 
ATOM   1065 N NZ  . LYS B 1 40 ? 3.049   15.514  16.708  1.00 35.63 ? 125  LYS B NZ  1 
ATOM   1066 N N   . VAL B 1 41 ? 3.560   11.262  9.623   1.00 26.94 ? 126  VAL B N   1 
ATOM   1067 C CA  . VAL B 1 41 ? 4.301   11.193  8.384   1.00 29.81 ? 126  VAL B CA  1 
ATOM   1068 C C   . VAL B 1 41 ? 4.578   12.658  8.055   1.00 30.93 ? 126  VAL B C   1 
ATOM   1069 O O   . VAL B 1 41 ? 3.673   13.386  7.656   1.00 31.87 ? 126  VAL B O   1 
ATOM   1070 C CB  . VAL B 1 41 ? 3.471   10.495  7.267   1.00 29.36 ? 126  VAL B CB  1 
ATOM   1071 C CG1 . VAL B 1 41 ? 4.302   10.363  5.981   1.00 31.22 ? 126  VAL B CG1 1 
ATOM   1072 C CG2 . VAL B 1 41 ? 3.047   9.111   7.733   1.00 25.42 ? 126  VAL B CG2 1 
ATOM   1073 N N   . LEU B 1 42 ? 5.829   13.085  8.264   1.00 29.90 ? 127  LEU B N   1 
ATOM   1074 C CA  . LEU B 1 42 ? 6.239   14.467  8.022   1.00 29.05 ? 127  LEU B CA  1 
ATOM   1075 C C   . LEU B 1 42 ? 6.576   14.769  6.572   1.00 30.13 ? 127  LEU B C   1 
ATOM   1076 O O   . LEU B 1 42 ? 6.235   15.833  6.078   1.00 34.46 ? 127  LEU B O   1 
ATOM   1077 C CB  . LEU B 1 42 ? 7.441   14.834  8.893   1.00 25.29 ? 127  LEU B CB  1 
ATOM   1078 C CG  . LEU B 1 42 ? 7.328   14.657  10.408  1.00 30.41 ? 127  LEU B CG  1 
ATOM   1079 C CD1 . LEU B 1 42 ? 8.545   15.295  11.069  1.00 31.53 ? 127  LEU B CD1 1 
ATOM   1080 C CD2 . LEU B 1 42 ? 6.049   15.295  10.928  1.00 29.64 ? 127  LEU B CD2 1 
ATOM   1081 N N   . GLU B 1 43 ? 7.270   13.847  5.908   1.00 30.37 ? 128  GLU B N   1 
ATOM   1082 C CA  . GLU B 1 43 ? 7.654   13.999  4.511   1.00 26.89 ? 128  GLU B CA  1 
ATOM   1083 C C   . GLU B 1 43 ? 7.517   12.665  3.778   1.00 29.13 ? 128  GLU B C   1 
ATOM   1084 O O   . GLU B 1 43 ? 7.820   11.609  4.334   1.00 24.54 ? 128  GLU B O   1 
ATOM   1085 C CB  . GLU B 1 43 ? 9.105   14.463  4.393   1.00 33.33 ? 128  GLU B CB  1 
ATOM   1086 C CG  . GLU B 1 43 ? 9.418   15.761  5.116   1.00 46.05 ? 128  GLU B CG  1 
ATOM   1087 C CD  . GLU B 1 43 ? 8.787   16.976  4.458   1.00 53.69 ? 128  GLU B CD  1 
ATOM   1088 O OE1 . GLU B 1 43 ? 8.803   18.068  5.073   1.00 58.44 ? 128  GLU B OE1 1 
ATOM   1089 O OE2 . GLU B 1 43 ? 8.279   16.844  3.325   1.00 56.94 ? 128  GLU B OE2 1 
ATOM   1090 N N   . GLY B 1 44 ? 7.066   12.719  2.528   1.00 26.41 ? 129  GLY B N   1 
ATOM   1091 C CA  . GLY B 1 44 ? 6.930   11.511  1.737   1.00 24.74 ? 129  GLY B CA  1 
ATOM   1092 C C   . GLY B 1 44 ? 5.716   10.632  2.002   1.00 24.63 ? 129  GLY B C   1 
ATOM   1093 O O   . GLY B 1 44 ? 4.803   10.985  2.740   1.00 27.96 ? 129  GLY B O   1 
ATOM   1094 N N   . VAL B 1 45 ? 5.716   9.462   1.380   1.00 27.57 ? 130  VAL B N   1 
ATOM   1095 C CA  . VAL B 1 45 ? 4.633   8.500   1.525   1.00 26.51 ? 130  VAL B CA  1 
ATOM   1096 C C   . VAL B 1 45 ? 5.281   7.175   1.867   1.00 24.36 ? 130  VAL B C   1 
ATOM   1097 O O   . VAL B 1 45 ? 6.251   6.777   1.226   1.00 20.72 ? 130  VAL B O   1 
ATOM   1098 C CB  . VAL B 1 45 ? 3.833   8.372   0.214   1.00 26.81 ? 130  VAL B CB  1 
ATOM   1099 C CG1 . VAL B 1 45 ? 2.938   7.150   0.268   1.00 19.77 ? 130  VAL B CG1 1 
ATOM   1100 C CG2 . VAL B 1 45 ? 3.005   9.649   -0.007  1.00 23.23 ? 130  VAL B CG2 1 
ATOM   1101 N N   . TRP B 1 46 ? 4.736   6.503   2.877   1.00 24.22 ? 131  TRP B N   1 
ATOM   1102 C CA  . TRP B 1 46 ? 5.276   5.229   3.342   1.00 25.47 ? 131  TRP B CA  1 
ATOM   1103 C C   . TRP B 1 46 ? 4.267   4.072   3.328   1.00 23.94 ? 131  TRP B C   1 
ATOM   1104 O O   . TRP B 1 46 ? 3.063   4.249   3.081   1.00 22.98 ? 131  TRP B O   1 
ATOM   1105 C CB  . TRP B 1 46 ? 5.810   5.388   4.784   1.00 25.50 ? 131  TRP B CB  1 
ATOM   1106 C CG  . TRP B 1 46 ? 6.846   6.474   4.949   1.00 25.62 ? 131  TRP B CG  1 
ATOM   1107 C CD1 . TRP B 1 46 ? 6.668   7.823   4.751   1.00 25.86 ? 131  TRP B CD1 1 
ATOM   1108 C CD2 . TRP B 1 46 ? 8.217   6.307   5.337   1.00 19.29 ? 131  TRP B CD2 1 
ATOM   1109 N NE1 . TRP B 1 46 ? 7.847   8.497   4.992   1.00 23.58 ? 131  TRP B NE1 1 
ATOM   1110 C CE2 . TRP B 1 46 ? 8.811   7.595   5.352   1.00 20.81 ? 131  TRP B CE2 1 
ATOM   1111 C CE3 . TRP B 1 46 ? 9.004   5.194   5.673   1.00 19.69 ? 131  TRP B CE3 1 
ATOM   1112 C CZ2 . TRP B 1 46 ? 10.156  7.800   5.690   1.00 18.97 ? 131  TRP B CZ2 1 
ATOM   1113 C CZ3 . TRP B 1 46 ? 10.339  5.393   6.012   1.00 16.38 ? 131  TRP B CZ3 1 
ATOM   1114 C CH2 . TRP B 1 46 ? 10.901  6.694   6.019   1.00 20.38 ? 131  TRP B CH2 1 
ATOM   1115 N N   . ILE B 1 47 ? 4.780   2.883   3.616   1.00 19.39 ? 132  ILE B N   1 
ATOM   1116 C CA  . ILE B 1 47 ? 3.955   1.702   3.702   1.00 19.97 ? 132  ILE B CA  1 
ATOM   1117 C C   . ILE B 1 47 ? 4.430   0.824   4.860   1.00 19.61 ? 132  ILE B C   1 
ATOM   1118 O O   . ILE B 1 47 ? 5.619   0.539   4.975   1.00 16.73 ? 132  ILE B O   1 
ATOM   1119 C CB  . ILE B 1 47 ? 3.963   0.930   2.356   1.00 22.54 ? 132  ILE B CB  1 
ATOM   1120 C CG1 . ILE B 1 47 ? 3.045   -0.289  2.452   1.00 24.75 ? 132  ILE B CG1 1 
ATOM   1121 C CG2 . ILE B 1 47 ? 5.388   0.558   1.934   1.00 20.93 ? 132  ILE B CG2 1 
ATOM   1122 C CD1 . ILE B 1 47 ? 2.823   -1.003  1.087   1.00 27.24 ? 132  ILE B CD1 1 
ATOM   1123 N N   . PHE B 1 48 ? 3.495   0.447   5.732   1.00 23.25 ? 133  PHE B N   1 
ATOM   1124 C CA  . PHE B 1 48 ? 3.753   -0.420  6.899   1.00 24.62 ? 133  PHE B CA  1 
ATOM   1125 C C   . PHE B 1 48 ? 3.480   -1.879  6.507   1.00 25.88 ? 133  PHE B C   1 
ATOM   1126 O O   . PHE B 1 48 ? 2.547   -2.150  5.754   1.00 27.12 ? 133  PHE B O   1 
ATOM   1127 C CB  . PHE B 1 48 ? 2.809   -0.075  8.058   1.00 21.47 ? 133  PHE B CB  1 
ATOM   1128 C CG  . PHE B 1 48 ? 3.252   1.092   8.917   1.00 21.99 ? 133  PHE B CG  1 
ATOM   1129 C CD1 . PHE B 1 48 ? 4.408   1.806   8.632   1.00 19.60 ? 133  PHE B CD1 1 
ATOM   1130 C CD2 . PHE B 1 48 ? 2.498   1.459   10.041  1.00 21.17 ? 133  PHE B CD2 1 
ATOM   1131 C CE1 . PHE B 1 48 ? 4.805   2.863   9.449   1.00 19.20 ? 133  PHE B CE1 1 
ATOM   1132 C CE2 . PHE B 1 48 ? 2.890   2.510   10.858  1.00 15.40 ? 133  PHE B CE2 1 
ATOM   1133 C CZ  . PHE B 1 48 ? 4.048   3.214   10.563  1.00 15.58 ? 133  PHE B CZ  1 
ATOM   1134 N N   . TYR B 1 49 ? 4.286   -2.806  7.028   1.00 27.25 ? 134  TYR B N   1 
ATOM   1135 C CA  . TYR B 1 49 ? 4.144   -4.243  6.744   1.00 24.80 ? 134  TYR B CA  1 
ATOM   1136 C C   . TYR B 1 49 ? 3.960   -5.023  8.049   1.00 27.97 ? 134  TYR B C   1 
ATOM   1137 O O   . TYR B 1 49 ? 4.595   -4.712  9.064   1.00 25.23 ? 134  TYR B O   1 
ATOM   1138 C CB  . TYR B 1 49 ? 5.382   -4.782  6.024   1.00 25.59 ? 134  TYR B CB  1 
ATOM   1139 C CG  . TYR B 1 49 ? 5.601   -4.233  4.630   1.00 29.24 ? 134  TYR B CG  1 
ATOM   1140 C CD1 . TYR B 1 49 ? 5.052   -4.865  3.511   1.00 28.72 ? 134  TYR B CD1 1 
ATOM   1141 C CD2 . TYR B 1 49 ? 6.371   -3.077  4.427   1.00 30.60 ? 134  TYR B CD2 1 
ATOM   1142 C CE1 . TYR B 1 49 ? 5.270   -4.365  2.223   1.00 24.76 ? 134  TYR B CE1 1 
ATOM   1143 C CE2 . TYR B 1 49 ? 6.593   -2.560  3.144   1.00 27.88 ? 134  TYR B CE2 1 
ATOM   1144 C CZ  . TYR B 1 49 ? 6.045   -3.212  2.045   1.00 33.85 ? 134  TYR B CZ  1 
ATOM   1145 O OH  . TYR B 1 49 ? 6.306   -2.731  0.774   1.00 33.79 ? 134  TYR B OH  1 
ATOM   1146 N N   . GLU B 1 50 ? 3.098   -6.037  8.007   1.00 26.60 ? 135  GLU B N   1 
ATOM   1147 C CA  . GLU B 1 50 ? 2.796   -6.876  9.169   1.00 27.80 ? 135  GLU B CA  1 
ATOM   1148 C C   . GLU B 1 50 ? 4.013   -7.594  9.738   1.00 26.76 ? 135  GLU B C   1 
ATOM   1149 O O   . GLU B 1 50 ? 4.249   -7.555  10.942  1.00 24.52 ? 135  GLU B O   1 
ATOM   1150 C CB  . GLU B 1 50 ? 1.749   -7.933  8.793   1.00 28.43 ? 135  GLU B CB  1 
ATOM   1151 C CG  . GLU B 1 50 ? 1.426   -8.934  9.889   1.00 31.40 ? 135  GLU B CG  1 
ATOM   1152 C CD  . GLU B 1 50 ? 0.593   -10.122 9.392   1.00 34.18 ? 135  GLU B CD  1 
ATOM   1153 O OE1 . GLU B 1 50 ? 0.408   -10.268 8.158   1.00 31.12 ? 135  GLU B OE1 1 
ATOM   1154 O OE2 . GLU B 1 50 ? 0.136   -10.918 10.245  1.00 35.77 ? 135  GLU B OE2 1 
ATOM   1155 N N   . LEU B 1 51 ? 4.774   -8.247  8.864   1.00 27.57 ? 136  LEU B N   1 
ATOM   1156 C CA  . LEU B 1 51 ? 5.946   -9.014  9.274   1.00 26.24 ? 136  LEU B CA  1 
ATOM   1157 C C   . LEU B 1 51 ? 7.260   -8.367  8.829   1.00 25.69 ? 136  LEU B C   1 
ATOM   1158 O O   . LEU B 1 51 ? 7.258   -7.493  7.958   1.00 25.51 ? 136  LEU B O   1 
ATOM   1159 C CB  . LEU B 1 51 ? 5.845   -10.423 8.686   1.00 22.26 ? 136  LEU B CB  1 
ATOM   1160 C CG  . LEU B 1 51 ? 4.516   -11.163 8.913   1.00 26.85 ? 136  LEU B CG  1 
ATOM   1161 C CD1 . LEU B 1 51 ? 4.529   -12.510 8.139   1.00 22.72 ? 136  LEU B CD1 1 
ATOM   1162 C CD2 . LEU B 1 51 ? 4.310   -11.404 10.399  1.00 21.45 ? 136  LEU B CD2 1 
ATOM   1163 N N   . PRO B 1 52 ? 8.398   -8.790  9.432   1.00 24.77 ? 137  PRO B N   1 
ATOM   1164 C CA  . PRO B 1 52 ? 9.736   -8.270  9.112   1.00 23.06 ? 137  PRO B CA  1 
ATOM   1165 C C   . PRO B 1 52 ? 10.069  -8.452  7.639   1.00 23.79 ? 137  PRO B C   1 
ATOM   1166 O O   . PRO B 1 52 ? 9.487   -9.293  6.958   1.00 23.99 ? 137  PRO B O   1 
ATOM   1167 C CB  . PRO B 1 52 ? 10.665  -9.126  9.982   1.00 24.47 ? 137  PRO B CB  1 
ATOM   1168 C CG  . PRO B 1 52 ? 9.814   -9.518  11.151  1.00 19.95 ? 137  PRO B CG  1 
ATOM   1169 C CD  . PRO B 1 52 ? 8.482   -9.823  10.485  1.00 23.17 ? 137  PRO B CD  1 
ATOM   1170 N N   . ASN B 1 53 ? 11.030  -7.686  7.152   1.00 22.65 ? 138  ASN B N   1 
ATOM   1171 C CA  . ASN B 1 53 ? 11.438  -7.795  5.766   1.00 24.64 ? 138  ASN B CA  1 
ATOM   1172 C C   . ASN B 1 53 ? 10.300  -7.554  4.752   1.00 26.14 ? 138  ASN B C   1 
ATOM   1173 O O   . ASN B 1 53 ? 10.246  -8.179  3.702   1.00 26.86 ? 138  ASN B O   1 
ATOM   1174 C CB  . ASN B 1 53 ? 12.084  -9.165  5.534   1.00 24.30 ? 138  ASN B CB  1 
ATOM   1175 C CG  . ASN B 1 53 ? 13.350  -9.352  6.349   1.00 27.92 ? 138  ASN B CG  1 
ATOM   1176 O OD1 . ASN B 1 53 ? 14.261  -8.540  6.280   1.00 33.45 ? 138  ASN B OD1 1 
ATOM   1177 N ND2 . ASN B 1 53 ? 13.413  -10.427 7.120   1.00 25.04 ? 138  ASN B ND2 1 
ATOM   1178 N N   . TYR B 1 54 ? 9.382   -6.658  5.077   1.00 24.52 ? 139  TYR B N   1 
ATOM   1179 C CA  . TYR B 1 54 ? 8.306   -6.317  4.159   1.00 26.60 ? 139  TYR B CA  1 
ATOM   1180 C C   . TYR B 1 54 ? 7.406   -7.471  3.684   1.00 31.61 ? 139  TYR B C   1 
ATOM   1181 O O   . TYR B 1 54 ? 7.051   -7.548  2.504   1.00 31.11 ? 139  TYR B O   1 
ATOM   1182 C CB  . TYR B 1 54 ? 8.919   -5.598  2.960   1.00 25.77 ? 139  TYR B CB  1 
ATOM   1183 C CG  . TYR B 1 54 ? 10.085  -4.709  3.354   1.00 25.62 ? 139  TYR B CG  1 
ATOM   1184 C CD1 . TYR B 1 54 ? 9.909   -3.634  4.239   1.00 25.23 ? 139  TYR B CD1 1 
ATOM   1185 C CD2 . TYR B 1 54 ? 11.370  -4.979  2.898   1.00 24.11 ? 139  TYR B CD2 1 
ATOM   1186 C CE1 . TYR B 1 54 ? 10.993  -2.859  4.654   1.00 22.89 ? 139  TYR B CE1 1 
ATOM   1187 C CE2 . TYR B 1 54 ? 12.464  -4.215  3.309   1.00 23.74 ? 139  TYR B CE2 1 
ATOM   1188 C CZ  . TYR B 1 54 ? 12.270  -3.158  4.184   1.00 26.13 ? 139  TYR B CZ  1 
ATOM   1189 O OH  . TYR B 1 54 ? 13.345  -2.402  4.576   1.00 19.60 ? 139  TYR B OH  1 
ATOM   1190 N N   . ARG B 1 55 ? 7.013   -8.349  4.607   1.00 30.77 ? 140  ARG B N   1 
ATOM   1191 C CA  . ARG B 1 55 ? 6.142   -9.467  4.276   1.00 28.28 ? 140  ARG B CA  1 
ATOM   1192 C C   . ARG B 1 55 ? 4.804   -9.283  4.990   1.00 25.66 ? 140  ARG B C   1 
ATOM   1193 O O   . ARG B 1 55 ? 4.673   -8.413  5.840   1.00 23.67 ? 140  ARG B O   1 
ATOM   1194 C CB  . ARG B 1 55 ? 6.794   -10.764 4.716   1.00 32.68 ? 140  ARG B CB  1 
ATOM   1195 C CG  . ARG B 1 55 ? 8.224   -10.882 4.266   1.00 38.47 ? 140  ARG B CG  1 
ATOM   1196 C CD  . ARG B 1 55 ? 8.327   -11.192 2.810   1.00 47.63 ? 140  ARG B CD  1 
ATOM   1197 N NE  . ARG B 1 55 ? 8.371   -12.635 2.594   1.00 59.01 ? 140  ARG B NE  1 
ATOM   1198 C CZ  . ARG B 1 55 ? 8.773   -13.207 1.461   1.00 62.10 ? 140  ARG B CZ  1 
ATOM   1199 N NH1 . ARG B 1 55 ? 9.164   -12.454 0.438   1.00 61.22 ? 140  ARG B NH1 1 
ATOM   1200 N NH2 . ARG B 1 55 ? 8.800   -14.532 1.358   1.00 62.85 ? 140  ARG B NH2 1 
ATOM   1201 N N   . GLY B 1 56 ? 3.812   -10.094 4.635   1.00 27.11 ? 141  GLY B N   1 
ATOM   1202 C CA  . GLY B 1 56 ? 2.503   -9.998  5.271   1.00 26.27 ? 141  GLY B CA  1 
ATOM   1203 C C   . GLY B 1 56 ? 1.667   -8.813  4.807   1.00 29.48 ? 141  GLY B C   1 
ATOM   1204 O O   . GLY B 1 56 ? 2.018   -8.120  3.859   1.00 30.64 ? 141  GLY B O   1 
ATOM   1205 N N   . ARG B 1 57 ? 0.551   -8.584  5.486   1.00 32.63 ? 142  ARG B N   1 
ATOM   1206 C CA  . ARG B 1 57 ? -0.364  -7.485  5.178   1.00 36.29 ? 142  ARG B CA  1 
ATOM   1207 C C   . ARG B 1 57 ? 0.344   -6.132  4.995   1.00 36.11 ? 142  ARG B C   1 
ATOM   1208 O O   . ARG B 1 57 ? 1.314   -5.831  5.700   1.00 34.15 ? 142  ARG B O   1 
ATOM   1209 C CB  . ARG B 1 57 ? -1.378  -7.361  6.306   1.00 38.60 ? 142  ARG B CB  1 
ATOM   1210 C CG  . ARG B 1 57 ? -2.736  -7.919  6.010   1.00 45.67 ? 142  ARG B CG  1 
ATOM   1211 C CD  . ARG B 1 57 ? -3.596  -6.822  5.419   1.00 53.57 ? 142  ARG B CD  1 
ATOM   1212 N NE  . ARG B 1 57 ? -4.964  -6.802  5.943   1.00 52.53 ? 142  ARG B NE  1 
ATOM   1213 C CZ  . ARG B 1 57 ? -5.849  -5.869  5.616   1.00 56.68 ? 142  ARG B CZ  1 
ATOM   1214 N NH1 . ARG B 1 57 ? -5.494  -4.897  4.772   1.00 60.63 ? 142  ARG B NH1 1 
ATOM   1215 N NH2 . ARG B 1 57 ? -7.076  -5.899  6.122   1.00 51.80 ? 142  ARG B NH2 1 
ATOM   1216 N N   . GLN B 1 58 ? -0.179  -5.321  4.068   1.00 32.03 ? 143  GLN B N   1 
ATOM   1217 C CA  . GLN B 1 58 ? 0.356   -3.990  3.753   1.00 28.28 ? 143  GLN B CA  1 
ATOM   1218 C C   . GLN B 1 58 ? -0.627  -2.881  4.121   1.00 27.27 ? 143  GLN B C   1 
ATOM   1219 O O   . GLN B 1 58 ? -1.840  -3.055  3.999   1.00 26.73 ? 143  GLN B O   1 
ATOM   1220 C CB  . GLN B 1 58 ? 0.674   -3.891  2.255   1.00 22.36 ? 143  GLN B CB  1 
ATOM   1221 C CG  . GLN B 1 58 ? 1.221   -5.176  1.705   1.00 16.91 ? 143  GLN B CG  1 
ATOM   1222 C CD  . GLN B 1 58 ? 1.590   -5.090  0.256   1.00 23.52 ? 143  GLN B CD  1 
ATOM   1223 O OE1 . GLN B 1 58 ? 1.598   -6.102  -0.451  1.00 24.30 ? 143  GLN B OE1 1 
ATOM   1224 N NE2 . GLN B 1 58 ? 1.916   -3.890  -0.206  1.00 23.70 ? 143  GLN B NE2 1 
ATOM   1225 N N   . TYR B 1 59 ? -0.095  -1.741  4.558   1.00 24.05 ? 144  TYR B N   1 
ATOM   1226 C CA  . TYR B 1 59 ? -0.918  -0.595  4.932   1.00 26.12 ? 144  TYR B CA  1 
ATOM   1227 C C   . TYR B 1 59 ? -0.276  0.690   4.397   1.00 28.67 ? 144  TYR B C   1 
ATOM   1228 O O   . TYR B 1 59 ? 0.839   1.048   4.791   1.00 30.14 ? 144  TYR B O   1 
ATOM   1229 C CB  . TYR B 1 59 ? -1.031  -0.498  6.451   1.00 26.97 ? 144  TYR B CB  1 
ATOM   1230 C CG  . TYR B 1 59 ? -1.504  -1.766  7.112   1.00 28.59 ? 144  TYR B CG  1 
ATOM   1231 C CD1 . TYR B 1 59 ? -2.862  -2.072  7.205   1.00 30.86 ? 144  TYR B CD1 1 
ATOM   1232 C CD2 . TYR B 1 59 ? -0.588  -2.683  7.621   1.00 28.74 ? 144  TYR B CD2 1 
ATOM   1233 C CE1 . TYR B 1 59 ? -3.291  -3.270  7.801   1.00 30.54 ? 144  TYR B CE1 1 
ATOM   1234 C CE2 . TYR B 1 59 ? -1.001  -3.875  8.204   1.00 27.99 ? 144  TYR B CE2 1 
ATOM   1235 C CZ  . TYR B 1 59 ? -2.346  -4.164  8.297   1.00 30.15 ? 144  TYR B CZ  1 
ATOM   1236 O OH  . TYR B 1 59 ? -2.731  -5.341  8.900   1.00 30.84 ? 144  TYR B OH  1 
ATOM   1237 N N   . LEU B 1 60 ? -0.969  1.375   3.494   1.00 23.96 ? 145  LEU B N   1 
ATOM   1238 C CA  . LEU B 1 60 ? -0.446  2.614   2.924   1.00 23.15 ? 145  LEU B CA  1 
ATOM   1239 C C   . LEU B 1 60 ? -0.538  3.767   3.905   1.00 22.52 ? 145  LEU B C   1 
ATOM   1240 O O   . LEU B 1 60 ? -1.572  3.950   4.553   1.00 22.51 ? 145  LEU B O   1 
ATOM   1241 C CB  . LEU B 1 60 ? -1.235  3.014   1.676   1.00 24.31 ? 145  LEU B CB  1 
ATOM   1242 C CG  . LEU B 1 60 ? -0.794  4.319   0.987   1.00 25.88 ? 145  LEU B CG  1 
ATOM   1243 C CD1 . LEU B 1 60 ? 0.616   4.163   0.415   1.00 21.55 ? 145  LEU B CD1 1 
ATOM   1244 C CD2 . LEU B 1 60 ? -1.767  4.658   -0.134  1.00 27.64 ? 145  LEU B CD2 1 
ATOM   1245 N N   . LEU B 1 61 ? 0.535   4.541   4.019   1.00 20.62 ? 146  LEU B N   1 
ATOM   1246 C CA  . LEU B 1 61 ? 0.521   5.715   4.893   1.00 25.50 ? 146  LEU B CA  1 
ATOM   1247 C C   . LEU B 1 61 ? 0.808   6.920   3.979   1.00 29.50 ? 146  LEU B C   1 
ATOM   1248 O O   . LEU B 1 61 ? 1.949   7.152   3.579   1.00 26.81 ? 146  LEU B O   1 
ATOM   1249 C CB  . LEU B 1 61 ? 1.590   5.597   5.987   1.00 25.88 ? 146  LEU B CB  1 
ATOM   1250 C CG  . LEU B 1 61 ? 1.482   4.599   7.158   1.00 30.96 ? 146  LEU B CG  1 
ATOM   1251 C CD1 . LEU B 1 61 ? 0.614   5.154   8.256   1.00 29.70 ? 146  LEU B CD1 1 
ATOM   1252 C CD2 . LEU B 1 61 ? 0.948   3.268   6.684   1.00 30.24 ? 146  LEU B CD2 1 
ATOM   1253 N N   . ASP B 1 62 ? -0.245  7.653   3.622   1.00 33.91 ? 147  ASP B N   1 
ATOM   1254 C CA  . ASP B 1 62 ? -0.129  8.818   2.747   1.00 37.10 ? 147  ASP B CA  1 
ATOM   1255 C C   . ASP B 1 62 ? -0.725  10.080  3.357   1.00 38.57 ? 147  ASP B C   1 
ATOM   1256 O O   . ASP B 1 62 ? -0.761  11.124  2.723   1.00 43.12 ? 147  ASP B O   1 
ATOM   1257 C CB  . ASP B 1 62 ? -0.777  8.544   1.378   1.00 36.73 ? 147  ASP B CB  1 
ATOM   1258 C CG  . ASP B 1 62 ? -2.277  8.278   1.468   1.00 40.82 ? 147  ASP B CG  1 
ATOM   1259 O OD1 . ASP B 1 62 ? -2.912  8.101   0.401   1.00 44.17 ? 147  ASP B OD1 1 
ATOM   1260 O OD2 . ASP B 1 62 ? -2.828  8.248   2.589   1.00 39.46 ? 147  ASP B OD2 1 
ATOM   1261 N N   . LYS B 1 63 ? -1.213  9.986   4.583   1.00 42.64 ? 148  LYS B N   1 
ATOM   1262 C CA  . LYS B 1 63 ? -1.749  11.160  5.255   1.00 46.86 ? 148  LYS B CA  1 
ATOM   1263 C C   . LYS B 1 63 ? -0.651  11.666  6.187   1.00 47.48 ? 148  LYS B C   1 
ATOM   1264 O O   . LYS B 1 63 ? 0.473   11.163  6.139   1.00 49.28 ? 148  LYS B O   1 
ATOM   1265 C CB  . LYS B 1 63 ? -3.024  10.813  6.026   1.00 47.75 ? 148  LYS B CB  1 
ATOM   1266 C CG  . LYS B 1 63 ? -4.177  10.465  5.097   1.00 51.48 ? 148  LYS B CG  1 
ATOM   1267 C CD  . LYS B 1 63 ? -5.482  10.295  5.848   1.00 53.60 ? 148  LYS B CD  1 
ATOM   1268 C CE  . LYS B 1 63 ? -6.611  9.968   4.886   1.00 55.77 ? 148  LYS B CE  1 
ATOM   1269 N NZ  . LYS B 1 63 ? -7.858  9.626   5.618   1.00 62.25 ? 148  LYS B NZ  1 
ATOM   1270 N N   . LYS B 1 64 ? -0.955  12.649  7.028   1.00 45.30 ? 149  LYS B N   1 
ATOM   1271 C CA  . LYS B 1 64 ? 0.068   13.185  7.910   1.00 43.88 ? 149  LYS B CA  1 
ATOM   1272 C C   . LYS B 1 64 ? 0.125   12.570  9.288   1.00 44.04 ? 149  LYS B C   1 
ATOM   1273 O O   . LYS B 1 64 ? 1.211   12.322  9.797   1.00 46.04 ? 149  LYS B O   1 
ATOM   1274 C CB  . LYS B 1 64 ? -0.098  14.695  8.059   1.00 48.28 ? 149  LYS B CB  1 
ATOM   1275 C CG  . LYS B 1 64 ? 0.119   15.479  6.772   1.00 53.42 ? 149  LYS B CG  1 
ATOM   1276 C CD  . LYS B 1 64 ? 1.564   15.410  6.302   1.00 55.89 ? 149  LYS B CD  1 
ATOM   1277 C CE  . LYS B 1 64 ? 1.749   16.184  5.003   1.00 58.15 ? 149  LYS B CE  1 
ATOM   1278 N NZ  . LYS B 1 64 ? 3.161   16.188  4.535   1.00 59.80 ? 149  LYS B NZ  1 
ATOM   1279 N N   . GLU B 1 65 ? -1.037  12.326  9.893   1.00 42.16 ? 150  GLU B N   1 
ATOM   1280 C CA  . GLU B 1 65 ? -1.090  11.775  11.244  1.00 40.64 ? 150  GLU B CA  1 
ATOM   1281 C C   . GLU B 1 65 ? -2.000  10.581  11.413  1.00 38.11 ? 150  GLU B C   1 
ATOM   1282 O O   . GLU B 1 65 ? -3.039  10.472  10.767  1.00 38.91 ? 150  GLU B O   1 
ATOM   1283 C CB  . GLU B 1 65 ? -1.559  12.831  12.242  1.00 44.19 ? 150  GLU B CB  1 
ATOM   1284 C CG  . GLU B 1 65 ? -0.871  14.163  12.131  1.00 52.63 ? 150  GLU B CG  1 
ATOM   1285 C CD  . GLU B 1 65 ? -1.204  15.054  13.299  1.00 55.70 ? 150  GLU B CD  1 
ATOM   1286 O OE1 . GLU B 1 65 ? -2.346  14.940  13.804  1.00 55.75 ? 150  GLU B OE1 1 
ATOM   1287 O OE2 . GLU B 1 65 ? -0.333  15.863  13.703  1.00 59.40 ? 150  GLU B OE2 1 
ATOM   1288 N N   . TYR B 1 66 ? -1.600  9.704   12.321  1.00 34.07 ? 151  TYR B N   1 
ATOM   1289 C CA  . TYR B 1 66 ? -2.355  8.508   12.642  1.00 34.02 ? 151  TYR B CA  1 
ATOM   1290 C C   . TYR B 1 66 ? -2.269  8.316   14.156  1.00 35.63 ? 151  TYR B C   1 
ATOM   1291 O O   . TYR B 1 66 ? -1.208  7.991   14.697  1.00 36.22 ? 151  TYR B O   1 
ATOM   1292 C CB  . TYR B 1 66 ? -1.769  7.302   11.906  1.00 32.13 ? 151  TYR B CB  1 
ATOM   1293 C CG  . TYR B 1 66 ? -1.799  7.420   10.399  1.00 31.81 ? 151  TYR B CG  1 
ATOM   1294 C CD1 . TYR B 1 66 ? -0.882  8.221   9.724   1.00 34.16 ? 151  TYR B CD1 1 
ATOM   1295 C CD2 . TYR B 1 66 ? -2.735  6.714   9.645   1.00 33.62 ? 151  TYR B CD2 1 
ATOM   1296 C CE1 . TYR B 1 66 ? -0.893  8.313   8.332   1.00 36.47 ? 151  TYR B CE1 1 
ATOM   1297 C CE2 . TYR B 1 66 ? -2.757  6.794   8.260   1.00 31.38 ? 151  TYR B CE2 1 
ATOM   1298 C CZ  . TYR B 1 66 ? -1.831  7.591   7.608   1.00 37.61 ? 151  TYR B CZ  1 
ATOM   1299 O OH  . TYR B 1 66 ? -1.821  7.639   6.232   1.00 40.82 ? 151  TYR B OH  1 
ATOM   1300 N N   . ARG B 1 67 ? -3.387  8.535   14.838  1.00 34.55 ? 152  ARG B N   1 
ATOM   1301 C CA  . ARG B 1 67 ? -3.436  8.410   16.289  1.00 35.93 ? 152  ARG B CA  1 
ATOM   1302 C C   . ARG B 1 67 ? -3.507  6.990   16.819  1.00 34.40 ? 152  ARG B C   1 
ATOM   1303 O O   . ARG B 1 67 ? -3.169  6.750   17.980  1.00 31.74 ? 152  ARG B O   1 
ATOM   1304 C CB  . ARG B 1 67 ? -4.617  9.217   16.839  1.00 39.50 ? 152  ARG B CB  1 
ATOM   1305 C CG  . ARG B 1 67 ? -4.361  10.712  16.848  1.00 45.63 ? 152  ARG B CG  1 
ATOM   1306 C CD  . ARG B 1 67 ? -5.588  11.516  17.219  1.00 48.84 ? 152  ARG B CD  1 
ATOM   1307 N NE  . ARG B 1 67 ? -5.211  12.897  17.488  1.00 55.22 ? 152  ARG B NE  1 
ATOM   1308 C CZ  . ARG B 1 67 ? -4.469  13.271  18.528  1.00 60.75 ? 152  ARG B CZ  1 
ATOM   1309 N NH1 . ARG B 1 67 ? -4.035  12.362  19.398  1.00 62.83 ? 152  ARG B NH1 1 
ATOM   1310 N NH2 . ARG B 1 67 ? -4.136  14.546  18.692  1.00 61.49 ? 152  ARG B NH2 1 
ATOM   1311 N N   . LYS B 1 68 ? -3.945  6.057   15.971  1.00 34.98 ? 153  LYS B N   1 
ATOM   1312 C CA  . LYS B 1 68 ? -4.090  4.646   16.351  1.00 33.52 ? 153  LYS B CA  1 
ATOM   1313 C C   . LYS B 1 68 ? -3.922  3.797   15.101  1.00 30.82 ? 153  LYS B C   1 
ATOM   1314 O O   . LYS B 1 68 ? -4.091  4.295   13.997  1.00 31.26 ? 153  LYS B O   1 
ATOM   1315 C CB  . LYS B 1 68 ? -5.486  4.390   16.927  1.00 35.30 ? 153  LYS B CB  1 
ATOM   1316 C CG  . LYS B 1 68 ? -5.873  5.259   18.111  1.00 37.41 ? 153  LYS B CG  1 
ATOM   1317 C CD  . LYS B 1 68 ? -5.281  4.745   19.420  1.00 43.67 ? 153  LYS B CD  1 
ATOM   1318 C CE  . LYS B 1 68 ? -6.051  5.312   20.600  1.00 46.15 ? 153  LYS B CE  1 
ATOM   1319 N NZ  . LYS B 1 68 ? -5.507  4.863   21.904  1.00 56.46 ? 153  LYS B NZ  1 
ATOM   1320 N N   . PRO B 1 69 ? -3.609  2.501   15.258  1.00 27.99 ? 154  PRO B N   1 
ATOM   1321 C CA  . PRO B 1 69 ? -3.424  1.601   14.113  1.00 30.89 ? 154  PRO B CA  1 
ATOM   1322 C C   . PRO B 1 69 ? -4.624  1.537   13.167  1.00 32.01 ? 154  PRO B C   1 
ATOM   1323 O O   . PRO B 1 69 ? -4.458  1.412   11.953  1.00 33.12 ? 154  PRO B O   1 
ATOM   1324 C CB  . PRO B 1 69 ? -3.146  0.253   14.772  1.00 29.88 ? 154  PRO B CB  1 
ATOM   1325 C CG  . PRO B 1 69 ? -2.497  0.641   16.073  1.00 25.80 ? 154  PRO B CG  1 
ATOM   1326 C CD  . PRO B 1 69 ? -3.333  1.802   16.525  1.00 27.70 ? 154  PRO B CD  1 
ATOM   1327 N N   . ILE B 1 70 ? -5.829  1.620   13.726  1.00 34.44 ? 155  ILE B N   1 
ATOM   1328 C CA  . ILE B 1 70 ? -7.048  1.567   12.925  1.00 34.34 ? 155  ILE B CA  1 
ATOM   1329 C C   . ILE B 1 70 ? -7.021  2.663   11.869  1.00 36.00 ? 155  ILE B C   1 
ATOM   1330 O O   . ILE B 1 70 ? -7.562  2.495   10.771  1.00 38.36 ? 155  ILE B O   1 
ATOM   1331 C CB  . ILE B 1 70 ? -8.316  1.725   13.805  1.00 34.18 ? 155  ILE B CB  1 
ATOM   1332 C CG1 . ILE B 1 70 ? -9.576  1.559   12.957  1.00 35.81 ? 155  ILE B CG1 1 
ATOM   1333 C CG2 . ILE B 1 70 ? -8.355  3.088   14.413  1.00 34.89 ? 155  ILE B CG2 1 
ATOM   1334 C CD1 . ILE B 1 70 ? -9.647  0.244   12.196  1.00 38.68 ? 155  ILE B CD1 1 
ATOM   1335 N N   . ASP B 1 71 ? -6.366  3.778   12.194  1.00 35.54 ? 156  ASP B N   1 
ATOM   1336 C CA  . ASP B 1 71 ? -6.259  4.894   11.264  1.00 31.88 ? 156  ASP B CA  1 
ATOM   1337 C C   . ASP B 1 71 ? -5.449  4.557   10.023  1.00 32.44 ? 156  ASP B C   1 
ATOM   1338 O O   . ASP B 1 71 ? -5.461  5.312   9.059   1.00 32.03 ? 156  ASP B O   1 
ATOM   1339 C CB  . ASP B 1 71 ? -5.678  6.116   11.958  1.00 33.51 ? 156  ASP B CB  1 
ATOM   1340 C CG  . ASP B 1 71 ? -6.564  6.608   13.073  1.00 36.93 ? 156  ASP B CG  1 
ATOM   1341 O OD1 . ASP B 1 71 ? -7.778  6.769   12.823  1.00 43.44 ? 156  ASP B OD1 1 
ATOM   1342 O OD2 . ASP B 1 71 ? -6.067  6.829   14.196  1.00 43.02 ? 156  ASP B OD2 1 
ATOM   1343 N N   . TRP B 1 72 ? -4.708  3.452   10.037  1.00 32.63 ? 157  TRP B N   1 
ATOM   1344 C CA  . TRP B 1 72 ? -4.002  3.085   8.822   1.00 30.51 ? 157  TRP B CA  1 
ATOM   1345 C C   . TRP B 1 72 ? -4.584  1.764   8.352   1.00 31.85 ? 157  TRP B C   1 
ATOM   1346 O O   . TRP B 1 72 ? -3.968  1.010   7.600   1.00 34.24 ? 157  TRP B O   1 
ATOM   1347 C CB  . TRP B 1 72 ? -2.473  3.043   9.003   1.00 27.16 ? 157  TRP B CB  1 
ATOM   1348 C CG  . TRP B 1 72 ? -1.904  2.156   10.059  1.00 26.33 ? 157  TRP B CG  1 
ATOM   1349 C CD1 . TRP B 1 72 ? -1.842  0.794   10.042  1.00 24.95 ? 157  TRP B CD1 1 
ATOM   1350 C CD2 . TRP B 1 72 ? -1.237  2.576   11.256  1.00 25.32 ? 157  TRP B CD2 1 
ATOM   1351 N NE1 . TRP B 1 72 ? -1.172  0.338   11.150  1.00 30.18 ? 157  TRP B NE1 1 
ATOM   1352 C CE2 . TRP B 1 72 ? -0.790  1.410   11.915  1.00 27.65 ? 157  TRP B CE2 1 
ATOM   1353 C CE3 . TRP B 1 72 ? -0.972  3.828   11.835  1.00 22.79 ? 157  TRP B CE3 1 
ATOM   1354 C CZ2 . TRP B 1 72 ? -0.086  1.452   13.135  1.00 24.61 ? 157  TRP B CZ2 1 
ATOM   1355 C CZ3 . TRP B 1 72 ? -0.272  3.875   13.047  1.00 27.48 ? 157  TRP B CZ3 1 
ATOM   1356 C CH2 . TRP B 1 72 ? 0.163   2.687   13.684  1.00 24.63 ? 157  TRP B CH2 1 
ATOM   1357 N N   . GLY B 1 73 ? -5.806  1.517   8.818   1.00 33.02 ? 158  GLY B N   1 
ATOM   1358 C CA  . GLY B 1 73 ? -6.551  0.327   8.441   1.00 36.16 ? 158  GLY B CA  1 
ATOM   1359 C C   . GLY B 1 73 ? -6.137  -0.992  9.056   1.00 38.04 ? 158  GLY B C   1 
ATOM   1360 O O   . GLY B 1 73 ? -6.422  -2.042  8.478   1.00 38.39 ? 158  GLY B O   1 
ATOM   1361 N N   . ALA B 1 74 ? -5.482  -0.955  10.216  1.00 34.54 ? 159  ALA B N   1 
ATOM   1362 C CA  . ALA B 1 74 ? -5.044  -2.186  10.855  1.00 31.66 ? 159  ALA B CA  1 
ATOM   1363 C C   . ALA B 1 74 ? -5.980  -2.576  11.988  1.00 32.61 ? 159  ALA B C   1 
ATOM   1364 O O   . ALA B 1 74 ? -6.508  -1.718  12.705  1.00 31.39 ? 159  ALA B O   1 
ATOM   1365 C CB  . ALA B 1 74 ? -3.628  -2.032  11.367  1.00 29.57 ? 159  ALA B CB  1 
ATOM   1366 N N   . ALA B 1 75 ? -6.195  -3.877  12.141  1.00 33.15 ? 160  ALA B N   1 
ATOM   1367 C CA  . ALA B 1 75 ? -7.085  -4.376  13.183  1.00 37.15 ? 160  ALA B CA  1 
ATOM   1368 C C   . ALA B 1 75 ? -6.323  -4.674  14.465  1.00 36.72 ? 160  ALA B C   1 
ATOM   1369 O O   . ALA B 1 75 ? -6.919  -4.944  15.502  1.00 39.43 ? 160  ALA B O   1 
ATOM   1370 C CB  . ALA B 1 75 ? -7.802  -5.629  12.697  1.00 33.78 ? 160  ALA B CB  1 
ATOM   1371 N N   . SER B 1 76 ? -5.004  -4.619  14.387  1.00 38.30 ? 161  SER B N   1 
ATOM   1372 C CA  . SER B 1 76 ? -4.159  -4.896  15.542  1.00 38.06 ? 161  SER B CA  1 
ATOM   1373 C C   . SER B 1 76 ? -2.895  -4.062  15.408  1.00 38.14 ? 161  SER B C   1 
ATOM   1374 O O   . SER B 1 76 ? -2.636  -3.476  14.352  1.00 41.47 ? 161  SER B O   1 
ATOM   1375 C CB  . SER B 1 76 ? -3.799  -6.380  15.575  1.00 35.22 ? 161  SER B CB  1 
ATOM   1376 O OG  . SER B 1 76 ? -3.092  -6.739  14.397  1.00 42.03 ? 161  SER B OG  1 
ATOM   1377 N N   . PRO B 1 77 ? -2.083  -3.998  16.474  1.00 37.10 ? 162  PRO B N   1 
ATOM   1378 C CA  . PRO B 1 77 ? -0.851  -3.211  16.415  1.00 33.61 ? 162  PRO B CA  1 
ATOM   1379 C C   . PRO B 1 77 ? 0.274   -3.996  15.764  1.00 34.49 ? 162  PRO B C   1 
ATOM   1380 O O   . PRO B 1 77 ? 1.444   -3.751  16.037  1.00 40.66 ? 162  PRO B O   1 
ATOM   1381 C CB  . PRO B 1 77 ? -0.573  -2.921  17.882  1.00 34.29 ? 162  PRO B CB  1 
ATOM   1382 C CG  . PRO B 1 77 ? -0.982  -4.206  18.528  1.00 29.31 ? 162  PRO B CG  1 
ATOM   1383 C CD  . PRO B 1 77 ? -2.292  -4.542  17.831  1.00 32.55 ? 162  PRO B CD  1 
ATOM   1384 N N   . ALA B 1 78 ? -0.075  -4.941  14.899  1.00 31.38 ? 163  ALA B N   1 
ATOM   1385 C CA  . ALA B 1 78 ? 0.939   -5.748  14.248  1.00 28.46 ? 163  ALA B CA  1 
ATOM   1386 C C   . ALA B 1 78 ? 1.552   -5.104  12.998  1.00 30.68 ? 163  ALA B C   1 
ATOM   1387 O O   . ALA B 1 78 ? 0.927   -5.049  11.937  1.00 33.29 ? 163  ALA B O   1 
ATOM   1388 C CB  . ALA B 1 78 ? 0.368   -7.119  13.910  1.00 23.96 ? 163  ALA B CB  1 
ATOM   1389 N N   . VAL B 1 79 ? 2.788   -4.630  13.151  1.00 30.15 ? 164  VAL B N   1 
ATOM   1390 C CA  . VAL B 1 79 ? 3.580   -4.016  12.085  1.00 26.44 ? 164  VAL B CA  1 
ATOM   1391 C C   . VAL B 1 79 ? 5.022   -4.165  12.537  1.00 24.90 ? 164  VAL B C   1 
ATOM   1392 O O   . VAL B 1 79 ? 5.363   -3.759  13.652  1.00 22.76 ? 164  VAL B O   1 
ATOM   1393 C CB  . VAL B 1 79 ? 3.273   -2.501  11.913  1.00 29.21 ? 164  VAL B CB  1 
ATOM   1394 C CG1 . VAL B 1 79 ? 4.352   -1.844  11.027  1.00 20.69 ? 164  VAL B CG1 1 
ATOM   1395 C CG2 . VAL B 1 79 ? 1.878   -2.318  11.295  1.00 29.37 ? 164  VAL B CG2 1 
ATOM   1396 N N   . GLN B 1 80 ? 5.868   -4.739  11.686  1.00 21.95 ? 165  GLN B N   1 
ATOM   1397 C CA  . GLN B 1 80 ? 7.258   -4.936  12.049  1.00 24.13 ? 165  GLN B CA  1 
ATOM   1398 C C   . GLN B 1 80 ? 8.334   -4.438  11.086  1.00 24.63 ? 165  GLN B C   1 
ATOM   1399 O O   . GLN B 1 80 ? 9.528   -4.651  11.310  1.00 24.35 ? 165  GLN B O   1 
ATOM   1400 C CB  . GLN B 1 80 ? 7.475   -6.408  12.370  1.00 27.25 ? 165  GLN B CB  1 
ATOM   1401 C CG  . GLN B 1 80 ? 6.762   -6.818  13.643  1.00 36.74 ? 165  GLN B CG  1 
ATOM   1402 C CD  . GLN B 1 80 ? 7.299   -8.109  14.193  1.00 41.46 ? 165  GLN B CD  1 
ATOM   1403 O OE1 . GLN B 1 80 ? 8.483   -8.208  14.530  1.00 44.33 ? 165  GLN B OE1 1 
ATOM   1404 N NE2 . GLN B 1 80 ? 6.437   -9.117  14.284  1.00 42.69 ? 165  GLN B NE2 1 
ATOM   1405 N N   . SER B 1 81 ? 7.914   -3.807  10.000  1.00 24.39 ? 166  SER B N   1 
ATOM   1406 C CA  . SER B 1 81 ? 8.836   -3.226  9.034   1.00 22.40 ? 166  SER B CA  1 
ATOM   1407 C C   . SER B 1 81 ? 8.054   -2.209  8.220   1.00 23.61 ? 166  SER B C   1 
ATOM   1408 O O   . SER B 1 81 ? 6.822   -2.239  8.182   1.00 22.60 ? 166  SER B O   1 
ATOM   1409 C CB  . SER B 1 81 ? 9.444   -4.285  8.118   1.00 23.46 ? 166  SER B CB  1 
ATOM   1410 O OG  . SER B 1 81 ? 8.463   -4.882  7.304   1.00 25.54 ? 166  SER B OG  1 
ATOM   1411 N N   . PHE B 1 82 ? 8.772   -1.286  7.594   1.00 20.86 ? 167  PHE B N   1 
ATOM   1412 C CA  . PHE B 1 82 ? 8.135   -0.261  6.792   1.00 20.51 ? 167  PHE B CA  1 
ATOM   1413 C C   . PHE B 1 82 ? 9.164   0.342   5.844   1.00 20.73 ? 167  PHE B C   1 
ATOM   1414 O O   . PHE B 1 82 ? 10.365  0.202   6.053   1.00 22.99 ? 167  PHE B O   1 
ATOM   1415 C CB  . PHE B 1 82 ? 7.515   0.809   7.703   1.00 18.32 ? 167  PHE B CB  1 
ATOM   1416 C CG  . PHE B 1 82 ? 8.494   1.474   8.635   1.00 18.20 ? 167  PHE B CG  1 
ATOM   1417 C CD1 . PHE B 1 82 ? 9.314   2.516   8.189   1.00 15.68 ? 167  PHE B CD1 1 
ATOM   1418 C CD2 . PHE B 1 82 ? 8.580   1.076   9.975   1.00 14.43 ? 167  PHE B CD2 1 
ATOM   1419 C CE1 . PHE B 1 82 ? 10.206  3.159   9.069   1.00 16.39 ? 167  PHE B CE1 1 
ATOM   1420 C CE2 . PHE B 1 82 ? 9.468   1.712   10.864  1.00 15.17 ? 167  PHE B CE2 1 
ATOM   1421 C CZ  . PHE B 1 82 ? 10.280  2.753   10.410  1.00 15.37 ? 167  PHE B CZ  1 
ATOM   1422 N N   . ARG B 1 83 ? 8.699   0.987   4.788   1.00 20.79 ? 168  ARG B N   1 
ATOM   1423 C CA  . ARG B 1 83 ? 9.617   1.578   3.840   1.00 21.42 ? 168  ARG B CA  1 
ATOM   1424 C C   . ARG B 1 83 ? 8.986   2.734   3.083   1.00 21.62 ? 168  ARG B C   1 
ATOM   1425 O O   . ARG B 1 83 ? 7.763   2.932   3.125   1.00 20.45 ? 168  ARG B O   1 
ATOM   1426 C CB  . ARG B 1 83 ? 10.159  0.502   2.879   1.00 25.29 ? 168  ARG B CB  1 
ATOM   1427 C CG  . ARG B 1 83 ? 9.147   -0.176  1.986   1.00 22.10 ? 168  ARG B CG  1 
ATOM   1428 C CD  . ARG B 1 83 ? 9.812   -1.303  1.174   1.00 25.17 ? 168  ARG B CD  1 
ATOM   1429 N NE  . ARG B 1 83 ? 8.946   -1.817  0.105   1.00 34.93 ? 168  ARG B NE  1 
ATOM   1430 C CZ  . ARG B 1 83 ? 8.832   -1.280  -1.114  1.00 37.89 ? 168  ARG B CZ  1 
ATOM   1431 N NH1 . ARG B 1 83 ? 9.531   -0.200  -1.455  1.00 37.17 ? 168  ARG B NH1 1 
ATOM   1432 N NH2 . ARG B 1 83 ? 8.007   -1.821  -2.002  1.00 39.51 ? 168  ARG B NH2 1 
ATOM   1433 N N   . ARG B 1 84 ? 9.838   3.510   2.422   1.00 22.60 ? 169  ARG B N   1 
ATOM   1434 C CA  . ARG B 1 84 ? 9.415   4.682   1.650   1.00 25.18 ? 169  ARG B CA  1 
ATOM   1435 C C   . ARG B 1 84 ? 8.968   4.260   0.260   1.00 22.12 ? 169  ARG B C   1 
ATOM   1436 O O   . ARG B 1 84 ? 9.544   3.330   -0.309  1.00 20.97 ? 169  ARG B O   1 
ATOM   1437 C CB  . ARG B 1 84 ? 10.591  5.651   1.456   1.00 26.38 ? 169  ARG B CB  1 
ATOM   1438 C CG  . ARG B 1 84 ? 11.391  5.995   2.691   1.00 29.94 ? 169  ARG B CG  1 
ATOM   1439 C CD  . ARG B 1 84 ? 12.811  6.333   2.293   1.00 25.13 ? 169  ARG B CD  1 
ATOM   1440 N NE  . ARG B 1 84 ? 13.505  5.159   1.794   1.00 34.00 ? 169  ARG B NE  1 
ATOM   1441 C CZ  . ARG B 1 84 ? 14.571  5.197   1.002   1.00 34.05 ? 169  ARG B CZ  1 
ATOM   1442 N NH1 . ARG B 1 84 ? 15.075  6.362   0.618   1.00 30.58 ? 169  ARG B NH1 1 
ATOM   1443 N NH2 . ARG B 1 84 ? 15.117  4.062   0.573   1.00 36.69 ? 169  ARG B NH2 1 
ATOM   1444 N N   . ILE B 1 85 ? 7.968   4.943   -0.290  1.00 24.21 ? 170  ILE B N   1 
ATOM   1445 C CA  . ILE B 1 85 ? 7.524   4.655   -1.663  1.00 33.28 ? 170  ILE B CA  1 
ATOM   1446 C C   . ILE B 1 85 ? 8.329   5.639   -2.522  1.00 34.69 ? 170  ILE B C   1 
ATOM   1447 O O   . ILE B 1 85 ? 7.909   6.780   -2.717  1.00 38.09 ? 170  ILE B O   1 
ATOM   1448 C CB  . ILE B 1 85 ? 6.018   4.957   -1.872  1.00 33.58 ? 170  ILE B CB  1 
ATOM   1449 C CG1 . ILE B 1 85 ? 5.167   4.235   -0.824  1.00 34.82 ? 170  ILE B CG1 1 
ATOM   1450 C CG2 . ILE B 1 85 ? 5.598   4.511   -3.273  1.00 36.45 ? 170  ILE B CG2 1 
ATOM   1451 C CD1 . ILE B 1 85 ? 5.210   2.742   -0.929  1.00 39.89 ? 170  ILE B CD1 1 
ATOM   1452 N N   . VAL B 1 86 ? 9.484   5.218   -3.026  1.00 38.39 ? 171  VAL B N   1 
ATOM   1453 C CA  . VAL B 1 86 ? 10.320  6.134   -3.800  1.00 42.97 ? 171  VAL B CA  1 
ATOM   1454 C C   . VAL B 1 86 ? 9.882   6.330   -5.247  1.00 48.14 ? 171  VAL B C   1 
ATOM   1455 O O   . VAL B 1 86 ? 10.005  5.425   -6.078  1.00 46.86 ? 171  VAL B O   1 
ATOM   1456 C CB  . VAL B 1 86 ? 11.827  5.706   -3.765  1.00 45.26 ? 171  VAL B CB  1 
ATOM   1457 C CG1 . VAL B 1 86 ? 12.198  5.227   -2.372  1.00 39.78 ? 171  VAL B CG1 1 
ATOM   1458 C CG2 . VAL B 1 86 ? 12.120  4.619   -4.797  1.00 49.65 ? 171  VAL B CG2 1 
ATOM   1459 N N   . GLU B 1 87 ? 9.346   7.512   -5.540  1.00 53.19 ? 172  GLU B N   1 
ATOM   1460 C CA  . GLU B 1 87 ? 8.912   7.836   -6.901  1.00 59.36 ? 172  GLU B CA  1 
ATOM   1461 C C   . GLU B 1 87 ? 9.829   8.909   -7.486  1.00 61.27 ? 172  GLU B C   1 
ATOM   1462 O O   . GLU B 1 87 ? 9.723   9.170   -8.706  1.00 63.76 ? 172  GLU B O   1 
ATOM   1463 C CB  . GLU B 1 87 ? 7.465   8.339   -6.913  1.00 59.86 ? 172  GLU B CB  1 
ATOM   1464 C CG  . GLU B 1 87 ? 6.438   7.273   -6.613  1.00 64.71 ? 172  GLU B CG  1 
ATOM   1465 C CD  . GLU B 1 87 ? 5.019   7.818   -6.609  1.00 69.15 ? 172  GLU B CD  1 
ATOM   1466 O OE1 . GLU B 1 87 ? 4.734   8.712   -5.783  1.00 71.16 ? 172  GLU B OE1 1 
ATOM   1467 O OE2 . GLU B 1 87 ? 4.188   7.355   -7.429  1.00 70.51 ? 172  GLU B OE2 1 
ATOM   1468 O OXT . GLU B 1 87 ? 10.637  9.477   -6.711  1.00 60.16 ? 172  GLU B OXT 1 
HETATM 1469 O O   . HOH C 2 .  ? 2.833   4.924   -21.524 1.00 39.13 ? 2001 HOH A O   1 
HETATM 1470 O O   . HOH C 2 .  ? -0.115  -3.264  -23.496 1.00 37.55 ? 2002 HOH A O   1 
HETATM 1471 O O   . HOH C 2 .  ? -11.998 -11.684 -20.872 1.00 42.18 ? 2003 HOH A O   1 
HETATM 1472 O O   . HOH C 2 .  ? -11.154 -13.691 -24.406 1.00 40.15 ? 2004 HOH A O   1 
HETATM 1473 O O   . HOH C 2 .  ? -13.685 -15.987 -21.866 1.00 53.78 ? 2005 HOH A O   1 
HETATM 1474 O O   . HOH C 2 .  ? -6.293  -16.951 -15.978 1.00 32.24 ? 2006 HOH A O   1 
HETATM 1475 O O   . HOH C 2 .  ? -11.231 -1.215  -22.984 1.00 36.26 ? 2007 HOH A O   1 
HETATM 1476 O O   . HOH C 2 .  ? -10.852 4.123   -19.918 1.00 21.26 ? 2008 HOH A O   1 
HETATM 1477 O O   . HOH C 2 .  ? -4.736  6.539   -21.579 1.00 32.40 ? 2009 HOH A O   1 
HETATM 1478 O O   . HOH C 2 .  ? -9.340  1.549   -21.963 1.00 28.14 ? 2010 HOH A O   1 
HETATM 1479 O O   . HOH C 2 .  ? -9.836  4.442   -13.371 1.00 15.43 ? 2011 HOH A O   1 
HETATM 1480 O O   . HOH C 2 .  ? -8.901  10.360  -10.015 1.00 31.54 ? 2012 HOH A O   1 
HETATM 1481 O O   . HOH C 2 .  ? -16.141 -3.433  -8.139  1.00 40.17 ? 2013 HOH A O   1 
HETATM 1482 O O   . HOH C 2 .  ? -22.095 4.984   -9.957  1.00 38.19 ? 2014 HOH A O   1 
HETATM 1483 O O   . HOH C 2 .  ? -12.741 5.404   -18.062 1.00 21.52 ? 2015 HOH A O   1 
HETATM 1484 O O   . HOH C 2 .  ? -8.918  -16.933 -16.392 1.00 44.51 ? 2016 HOH A O   1 
HETATM 1485 O O   . HOH C 2 .  ? -10.589 -9.993  -14.101 1.00 26.27 ? 2017 HOH A O   1 
HETATM 1486 O O   . HOH C 2 .  ? -10.341 4.773   -22.205 1.00 27.59 ? 2018 HOH A O   1 
HETATM 1487 O O   . HOH C 2 .  ? -4.932  3.261   1.838   1.00 17.36 ? 2019 HOH A O   1 
HETATM 1488 O O   . HOH C 2 .  ? -13.383 -10.220 -0.940  1.00 43.95 ? 2020 HOH A O   1 
HETATM 1489 O O   . HOH C 2 .  ? -19.917 3.717   -3.570  1.00 42.64 ? 2021 HOH A O   1 
HETATM 1490 O O   . HOH C 2 .  ? -15.680 7.032   -2.971  1.00 44.88 ? 2022 HOH A O   1 
HETATM 1491 O O   . HOH C 2 .  ? -20.561 -0.533  -2.186  1.00 53.60 ? 2023 HOH A O   1 
HETATM 1492 O O   . HOH C 2 .  ? -12.179 8.432   -5.815  1.00 30.39 ? 2024 HOH A O   1 
HETATM 1493 O O   . HOH C 2 .  ? -7.888  -0.464  3.251   1.00 41.59 ? 2025 HOH A O   1 
HETATM 1494 O O   . HOH C 2 .  ? -11.868 -2.754  5.643   1.00 48.05 ? 2026 HOH A O   1 
HETATM 1495 O O   . HOH C 2 .  ? 0.589   -8.870  1.057   1.00 34.55 ? 2027 HOH A O   1 
HETATM 1496 O O   . HOH C 2 .  ? -7.887  -9.144  -1.559  1.00 50.84 ? 2028 HOH A O   1 
HETATM 1497 O O   . HOH C 2 .  ? 6.472   -3.998  -4.279  1.00 35.46 ? 2029 HOH A O   1 
HETATM 1498 O O   . HOH C 2 .  ? 8.447   1.860   -3.906  1.00 36.27 ? 2030 HOH A O   1 
HETATM 1499 O O   . HOH C 2 .  ? 5.237   1.121   -10.662 1.00 35.28 ? 2031 HOH A O   1 
HETATM 1500 O O   . HOH C 2 .  ? 4.425   -4.765  -6.564  1.00 34.27 ? 2032 HOH A O   1 
HETATM 1501 O O   . HOH C 2 .  ? 7.597   -13.424 -16.859 1.00 41.40 ? 2033 HOH A O   1 
HETATM 1502 O O   . HOH C 2 .  ? -1.603  -15.868 -8.819  1.00 39.94 ? 2034 HOH A O   1 
HETATM 1503 O O   . HOH C 2 .  ? 3.297   -15.492 -12.032 1.00 44.73 ? 2035 HOH A O   1 
HETATM 1504 O O   . HOH C 2 .  ? 2.045   -6.014  -3.620  1.00 34.55 ? 2036 HOH A O   1 
HETATM 1505 O O   . HOH C 2 .  ? -5.847  -9.541  -6.119  1.00 30.53 ? 2037 HOH A O   1 
HETATM 1506 O O   . HOH C 2 .  ? -4.980  8.753   -5.224  1.00 27.09 ? 2038 HOH A O   1 
HETATM 1507 O O   . HOH C 2 .  ? 2.246   14.926  -2.858  1.00 51.71 ? 2039 HOH A O   1 
HETATM 1508 O O   . HOH D 2 .  ? 14.302  14.051  5.125   1.00 38.04 ? 2001 HOH B O   1 
HETATM 1509 O O   . HOH D 2 .  ? 14.553  16.438  11.519  1.00 37.50 ? 2002 HOH B O   1 
HETATM 1510 O O   . HOH D 2 .  ? 6.003   15.408  16.968  1.00 42.36 ? 2003 HOH B O   1 
HETATM 1511 O O   . HOH D 2 .  ? 9.348   9.274   25.182  1.00 27.50 ? 2004 HOH B O   1 
HETATM 1512 O O   . HOH D 2 .  ? 6.428   10.992  23.096  1.00 36.09 ? 2005 HOH B O   1 
HETATM 1513 O O   . HOH D 2 .  ? 12.391  4.005   26.151  1.00 31.69 ? 2006 HOH B O   1 
HETATM 1514 O O   . HOH D 2 .  ? 7.099   3.555   25.169  1.00 28.29 ? 2007 HOH B O   1 
HETATM 1515 O O   . HOH D 2 .  ? 10.896  9.542   23.025  1.00 20.89 ? 2008 HOH B O   1 
HETATM 1516 O O   . HOH D 2 .  ? 11.087  7.393   26.375  1.00 27.22 ? 2009 HOH B O   1 
HETATM 1517 O O   . HOH D 2 .  ? 12.336  1.375   22.129  1.00 25.36 ? 2010 HOH B O   1 
HETATM 1518 O O   . HOH D 2 .  ? 16.517  2.440   23.332  1.00 34.14 ? 2011 HOH B O   1 
HETATM 1519 O O   . HOH D 2 .  ? 16.029  13.264  11.099  1.00 36.99 ? 2012 HOH B O   1 
HETATM 1520 O O   . HOH D 2 .  ? 12.554  14.517  16.101  1.00 33.99 ? 2013 HOH B O   1 
HETATM 1521 O O   . HOH D 2 .  ? 16.349  7.083   14.161  1.00 22.46 ? 2014 HOH B O   1 
HETATM 1522 O O   . HOH D 2 .  ? 11.773  16.786  13.098  1.00 41.73 ? 2015 HOH B O   1 
HETATM 1523 O O   . HOH D 2 .  ? 14.168  3.441   9.527   1.00 14.99 ? 2016 HOH B O   1 
HETATM 1524 O O   . HOH D 2 .  ? 16.473  2.783   3.329   1.00 28.25 ? 2017 HOH B O   1 
HETATM 1525 O O   . HOH D 2 .  ? 17.353  1.123   5.419   1.00 20.32 ? 2018 HOH B O   1 
HETATM 1526 O O   . HOH D 2 .  ? 11.823  1.650   -0.273  1.00 24.62 ? 2019 HOH B O   1 
HETATM 1527 O O   . HOH D 2 .  ? 15.273  -0.804  1.635   1.00 39.15 ? 2020 HOH B O   1 
HETATM 1528 O O   . HOH D 2 .  ? 16.225  -3.675  11.227  1.00 32.68 ? 2021 HOH B O   1 
HETATM 1529 O O   . HOH D 2 .  ? 16.664  -4.681  19.749  1.00 34.35 ? 2022 HOH B O   1 
HETATM 1530 O O   . HOH D 2 .  ? 19.764  -4.568  17.718  1.00 30.51 ? 2023 HOH B O   1 
HETATM 1531 O O   . HOH D 2 .  ? 19.506  0.494   16.242  1.00 26.45 ? 2024 HOH B O   1 
HETATM 1532 O O   . HOH D 2 .  ? 6.403   11.979  25.502  1.00 43.87 ? 2025 HOH B O   1 
HETATM 1533 O O   . HOH D 2 .  ? 7.595   12.806  21.728  1.00 35.53 ? 2026 HOH B O   1 
HETATM 1534 O O   . HOH D 2 .  ? 1.681   -7.593  18.229  1.00 38.93 ? 2027 HOH B O   1 
HETATM 1535 O O   . HOH D 2 .  ? 9.498   18.509  12.683  1.00 45.91 ? 2028 HOH B O   1 
HETATM 1536 O O   . HOH D 2 .  ? 13.156  -2.661  -0.653  1.00 44.88 ? 2029 HOH B O   1 
HETATM 1537 O O   . HOH D 2 .  ? 1.428   16.051  19.122  1.00 35.15 ? 2030 HOH B O   1 
HETATM 1538 O O   . HOH D 2 .  ? 9.033   18.502  9.281   1.00 53.35 ? 2031 HOH B O   1 
HETATM 1539 O O   . HOH D 2 .  ? 6.192   -4.996  -1.917  1.00 35.35 ? 2032 HOH B O   1 
HETATM 1540 O O   . HOH D 2 .  ? 9.303   -12.183 7.588   1.00 31.39 ? 2033 HOH B O   1 
HETATM 1541 O O   . HOH D 2 .  ? 16.114  -8.045  8.538   1.00 42.78 ? 2034 HOH B O   1 
HETATM 1542 O O   . HOH D 2 .  ? -1.684  2.728   24.207  1.00 35.96 ? 2035 HOH B O   1 
HETATM 1543 O O   . HOH D 2 .  ? 15.664  -2.740  3.382   1.00 27.19 ? 2036 HOH B O   1 
HETATM 1544 O O   . HOH D 2 .  ? -4.853  0.490   19.506  1.00 35.33 ? 2037 HOH B O   1 
HETATM 1545 O O   . HOH D 2 .  ? 4.536   -11.596 2.149   1.00 38.12 ? 2038 HOH B O   1 
HETATM 1546 O O   . HOH D 2 .  ? -6.450  -2.446  5.034   1.00 29.95 ? 2039 HOH B O   1 
HETATM 1547 O O   . HOH D 2 .  ? -4.959  -9.499  7.481   1.00 37.92 ? 2040 HOH B O   1 
HETATM 1548 O O   . HOH D 2 .  ? 4.424   -3.837  -1.043  1.00 23.89 ? 2041 HOH B O   1 
HETATM 1549 O O   . HOH D 2 .  ? -3.611  2.534   4.951   1.00 34.39 ? 2042 HOH B O   1 
HETATM 1550 O O   . HOH D 2 .  ? -4.762  10.404  0.774   1.00 44.13 ? 2043 HOH B O   1 
HETATM 1551 O O   . HOH D 2 .  ? -3.806  3.283   23.309  1.00 37.37 ? 2044 HOH B O   1 
HETATM 1552 O O   . HOH D 2 .  ? -6.888  1.195   16.669  1.00 37.07 ? 2045 HOH B O   1 
HETATM 1553 O O   . HOH D 2 .  ? -7.066  -1.289  15.361  1.00 33.09 ? 2046 HOH B O   1 
HETATM 1554 O O   . HOH D 2 .  ? -0.848  -2.106  12.849  1.00 34.72 ? 2047 HOH B O   1 
HETATM 1555 O O   . HOH D 2 .  ? 3.561   -8.417  13.961  1.00 35.48 ? 2048 HOH B O   1 
HETATM 1556 O O   . HOH D 2 .  ? 10.696  -6.455  14.131  1.00 28.79 ? 2049 HOH B O   1 
HETATM 1557 O O   . HOH D 2 .  ? 10.848  2.546   -3.240  1.00 56.17 ? 2050 HOH B O   1 
HETATM 1558 O O   . HOH D 2 .  ? 8.763   3.151   -6.257  1.00 36.57 ? 2051 HOH B O   1 
# 
loop_
_pdbx_poly_seq_scheme.asym_id 
_pdbx_poly_seq_scheme.entity_id 
_pdbx_poly_seq_scheme.seq_id 
_pdbx_poly_seq_scheme.mon_id 
_pdbx_poly_seq_scheme.ndb_seq_num 
_pdbx_poly_seq_scheme.pdb_seq_num 
_pdbx_poly_seq_scheme.auth_seq_num 
_pdbx_poly_seq_scheme.pdb_mon_id 
_pdbx_poly_seq_scheme.auth_mon_id 
_pdbx_poly_seq_scheme.pdb_strand_id 
_pdbx_poly_seq_scheme.pdb_ins_code 
_pdbx_poly_seq_scheme.hetero 
A 1 1  GLY 1  86  86  GLY GLY A . n 
A 1 2  GLN 2  87  87  GLN GLN A . n 
A 1 3  TYR 3  88  88  TYR TYR A . n 
A 1 4  LYS 4  89  89  LYS LYS A . n 
A 1 5  ILE 5  90  90  ILE ILE A . n 
A 1 6  GLN 6  91  91  GLN GLN A . n 
A 1 7  ILE 7  92  92  ILE ILE A . n 
A 1 8  PHE 8  93  93  PHE PHE A . n 
A 1 9  GLU 9  94  94  GLU GLU A . n 
A 1 10 LYS 10 95  95  LYS LYS A . n 
A 1 11 GLY 11 96  96  GLY GLY A . n 
A 1 12 ASP 12 97  97  ASP ASP A . n 
A 1 13 PHE 13 98  98  PHE PHE A . n 
A 1 14 SER 14 99  99  SER SER A . n 
A 1 15 GLY 15 100 100 GLY GLY A . n 
A 1 16 GLN 16 101 101 GLN GLN A . n 
A 1 17 MET 17 102 102 MET MET A . n 
A 1 18 TYR 18 103 103 TYR TYR A . n 
A 1 19 GLU 19 104 104 GLU GLU A . n 
A 1 20 THR 20 105 105 THR THR A . n 
A 1 21 THR 21 106 106 THR THR A . n 
A 1 22 GLU 22 107 107 GLU GLU A . n 
A 1 23 ASP 23 108 108 ASP ASP A . n 
A 1 24 CYS 24 109 109 CYS CYS A . n 
A 1 25 PRO 25 110 110 PRO PRO A . n 
A 1 26 SER 26 111 111 SER SER A . n 
A 1 27 ILE 27 112 112 ILE ILE A . n 
A 1 28 MET 28 113 113 MET MET A . n 
A 1 29 GLU 29 114 114 GLU GLU A . n 
A 1 30 GLN 30 115 115 GLN GLN A . n 
A 1 31 PHE 31 116 116 PHE PHE A . n 
A 1 32 HIS 32 117 117 HIS HIS A . n 
A 1 33 MET 33 118 118 MET MET A . n 
A 1 34 ARG 34 119 119 ARG ARG A . n 
A 1 35 GLU 35 120 120 GLU GLU A . n 
A 1 36 ILE 36 121 121 ILE ILE A . n 
A 1 37 HIS 37 122 122 HIS HIS A . n 
A 1 38 SER 38 123 123 SER SER A . n 
A 1 39 CYS 39 124 124 CYS CYS A . n 
A 1 40 LYS 40 125 125 LYS LYS A . n 
A 1 41 VAL 41 126 126 VAL VAL A . n 
A 1 42 LEU 42 127 127 LEU LEU A . n 
A 1 43 GLU 43 128 128 GLU GLU A . n 
A 1 44 GLY 44 129 129 GLY GLY A . n 
A 1 45 VAL 45 130 130 VAL VAL A . n 
A 1 46 TRP 46 131 131 TRP TRP A . n 
A 1 47 ILE 47 132 132 ILE ILE A . n 
A 1 48 PHE 48 133 133 PHE PHE A . n 
A 1 49 TYR 49 134 134 TYR TYR A . n 
A 1 50 GLU 50 135 135 GLU GLU A . n 
A 1 51 LEU 51 136 136 LEU LEU A . n 
A 1 52 PRO 52 137 137 PRO PRO A . n 
A 1 53 ASN 53 138 138 ASN ASN A . n 
A 1 54 TYR 54 139 139 TYR TYR A . n 
A 1 55 ARG 55 140 140 ARG ARG A . n 
A 1 56 GLY 56 141 141 GLY GLY A . n 
A 1 57 ARG 57 142 142 ARG ARG A . n 
A 1 58 GLN 58 143 143 GLN GLN A . n 
A 1 59 TYR 59 144 144 TYR TYR A . n 
A 1 60 LEU 60 145 145 LEU LEU A . n 
A 1 61 LEU 61 146 146 LEU LEU A . n 
A 1 62 ASP 62 147 147 ASP ASP A . n 
A 1 63 LYS 63 148 148 LYS LYS A . n 
A 1 64 LYS 64 149 149 LYS LYS A . n 
A 1 65 GLU 65 150 150 GLU GLU A . n 
A 1 66 TYR 66 151 151 TYR TYR A . n 
A 1 67 ARG 67 152 152 ARG ARG A . n 
A 1 68 LYS 68 153 153 LYS LYS A . n 
A 1 69 PRO 69 154 154 PRO PRO A . n 
A 1 70 ILE 70 155 155 ILE ILE A . n 
A 1 71 ASP 71 156 156 ASP ASP A . n 
A 1 72 TRP 72 157 157 TRP TRP A . n 
A 1 73 GLY 73 158 158 GLY GLY A . n 
A 1 74 ALA 74 159 159 ALA ALA A . n 
A 1 75 ALA 75 160 160 ALA ALA A . n 
A 1 76 SER 76 161 161 SER SER A . n 
A 1 77 PRO 77 162 162 PRO PRO A . n 
A 1 78 ALA 78 163 163 ALA ALA A . n 
A 1 79 VAL 79 164 164 VAL VAL A . n 
A 1 80 GLN 80 165 165 GLN GLN A . n 
A 1 81 SER 81 166 166 SER SER A . n 
A 1 82 PHE 82 167 167 PHE PHE A . n 
A 1 83 ARG 83 168 168 ARG ARG A . n 
A 1 84 ARG 84 169 169 ARG ARG A . n 
A 1 85 ILE 85 170 170 ILE ILE A . n 
A 1 86 VAL 86 171 171 VAL VAL A . n 
A 1 87 GLU 87 172 172 GLU GLU A . n 
B 1 1  GLY 1  86  86  GLY GLY B . n 
B 1 2  GLN 2  87  87  GLN GLN B . n 
B 1 3  TYR 3  88  88  TYR TYR B . n 
B 1 4  LYS 4  89  89  LYS LYS B . n 
B 1 5  ILE 5  90  90  ILE ILE B . n 
B 1 6  GLN 6  91  91  GLN GLN B . n 
B 1 7  ILE 7  92  92  ILE ILE B . n 
B 1 8  PHE 8  93  93  PHE PHE B . n 
B 1 9  GLU 9  94  94  GLU GLU B . n 
B 1 10 LYS 10 95  95  LYS LYS B . n 
B 1 11 GLY 11 96  96  GLY GLY B . n 
B 1 12 ASP 12 97  97  ASP ASP B . n 
B 1 13 PHE 13 98  98  PHE PHE B . n 
B 1 14 SER 14 99  99  SER SER B . n 
B 1 15 GLY 15 100 100 GLY GLY B . n 
B 1 16 GLN 16 101 101 GLN GLN B . n 
B 1 17 MET 17 102 102 MET MET B . n 
B 1 18 TYR 18 103 103 TYR TYR B . n 
B 1 19 GLU 19 104 104 GLU GLU B . n 
B 1 20 THR 20 105 105 THR THR B . n 
B 1 21 THR 21 106 106 THR THR B . n 
B 1 22 GLU 22 107 107 GLU GLU B . n 
B 1 23 ASP 23 108 108 ASP ASP B . n 
B 1 24 CYS 24 109 109 CYS CYS B . n 
B 1 25 PRO 25 110 110 PRO PRO B . n 
B 1 26 SER 26 111 111 SER SER B . n 
B 1 27 ILE 27 112 112 ILE ILE B . n 
B 1 28 MET 28 113 113 MET MET B . n 
B 1 29 GLU 29 114 114 GLU GLU B . n 
B 1 30 GLN 30 115 115 GLN GLN B . n 
B 1 31 PHE 31 116 116 PHE PHE B . n 
B 1 32 HIS 32 117 117 HIS HIS B . n 
B 1 33 MET 33 118 118 MET MET B . n 
B 1 34 ARG 34 119 119 ARG ARG B . n 
B 1 35 GLU 35 120 120 GLU GLU B . n 
B 1 36 ILE 36 121 121 ILE ILE B . n 
B 1 37 HIS 37 122 122 HIS HIS B . n 
B 1 38 SER 38 123 123 SER SER B . n 
B 1 39 CYS 39 124 124 CYS CYS B . n 
B 1 40 LYS 40 125 125 LYS LYS B . n 
B 1 41 VAL 41 126 126 VAL VAL B . n 
B 1 42 LEU 42 127 127 LEU LEU B . n 
B 1 43 GLU 43 128 128 GLU GLU B . n 
B 1 44 GLY 44 129 129 GLY GLY B . n 
B 1 45 VAL 45 130 130 VAL VAL B . n 
B 1 46 TRP 46 131 131 TRP TRP B . n 
B 1 47 ILE 47 132 132 ILE ILE B . n 
B 1 48 PHE 48 133 133 PHE PHE B . n 
B 1 49 TYR 49 134 134 TYR TYR B . n 
B 1 50 GLU 50 135 135 GLU GLU B . n 
B 1 51 LEU 51 136 136 LEU LEU B . n 
B 1 52 PRO 52 137 137 PRO PRO B . n 
B 1 53 ASN 53 138 138 ASN ASN B . n 
B 1 54 TYR 54 139 139 TYR TYR B . n 
B 1 55 ARG 55 140 140 ARG ARG B . n 
B 1 56 GLY 56 141 141 GLY GLY B . n 
B 1 57 ARG 57 142 142 ARG ARG B . n 
B 1 58 GLN 58 143 143 GLN GLN B . n 
B 1 59 TYR 59 144 144 TYR TYR B . n 
B 1 60 LEU 60 145 145 LEU LEU B . n 
B 1 61 LEU 61 146 146 LEU LEU B . n 
B 1 62 ASP 62 147 147 ASP ASP B . n 
B 1 63 LYS 63 148 148 LYS LYS B . n 
B 1 64 LYS 64 149 149 LYS LYS B . n 
B 1 65 GLU 65 150 150 GLU GLU B . n 
B 1 66 TYR 66 151 151 TYR TYR B . n 
B 1 67 ARG 67 152 152 ARG ARG B . n 
B 1 68 LYS 68 153 153 LYS LYS B . n 
B 1 69 PRO 69 154 154 PRO PRO B . n 
B 1 70 ILE 70 155 155 ILE ILE B . n 
B 1 71 ASP 71 156 156 ASP ASP B . n 
B 1 72 TRP 72 157 157 TRP TRP B . n 
B 1 73 GLY 73 158 158 GLY GLY B . n 
B 1 74 ALA 74 159 159 ALA ALA B . n 
B 1 75 ALA 75 160 160 ALA ALA B . n 
B 1 76 SER 76 161 161 SER SER B . n 
B 1 77 PRO 77 162 162 PRO PRO B . n 
B 1 78 ALA 78 163 163 ALA ALA B . n 
B 1 79 VAL 79 164 164 VAL VAL B . n 
B 1 80 GLN 80 165 165 GLN GLN B . n 
B 1 81 SER 81 166 166 SER SER B . n 
B 1 82 PHE 82 167 167 PHE PHE B . n 
B 1 83 ARG 83 168 168 ARG ARG B . n 
B 1 84 ARG 84 169 169 ARG ARG B . n 
B 1 85 ILE 85 170 170 ILE ILE B . n 
B 1 86 VAL 86 171 171 VAL VAL B . n 
B 1 87 GLU 87 172 172 GLU GLU B . n 
# 
loop_
_pdbx_nonpoly_scheme.asym_id 
_pdbx_nonpoly_scheme.entity_id 
_pdbx_nonpoly_scheme.mon_id 
_pdbx_nonpoly_scheme.ndb_seq_num 
_pdbx_nonpoly_scheme.pdb_seq_num 
_pdbx_nonpoly_scheme.auth_seq_num 
_pdbx_nonpoly_scheme.pdb_mon_id 
_pdbx_nonpoly_scheme.auth_mon_id 
_pdbx_nonpoly_scheme.pdb_strand_id 
_pdbx_nonpoly_scheme.pdb_ins_code 
C 2 HOH 1  2001 2001 HOH HOH A . 
C 2 HOH 2  2002 2002 HOH HOH A . 
C 2 HOH 3  2003 2003 HOH HOH A . 
C 2 HOH 4  2004 2004 HOH HOH A . 
C 2 HOH 5  2005 2005 HOH HOH A . 
C 2 HOH 6  2006 2006 HOH HOH A . 
C 2 HOH 7  2007 2007 HOH HOH A . 
C 2 HOH 8  2008 2008 HOH HOH A . 
C 2 HOH 9  2009 2009 HOH HOH A . 
C 2 HOH 10 2010 2010 HOH HOH A . 
C 2 HOH 11 2011 2011 HOH HOH A . 
C 2 HOH 12 2012 2012 HOH HOH A . 
C 2 HOH 13 2013 2013 HOH HOH A . 
C 2 HOH 14 2014 2014 HOH HOH A . 
C 2 HOH 15 2015 2015 HOH HOH A . 
C 2 HOH 16 2016 2016 HOH HOH A . 
C 2 HOH 17 2017 2017 HOH HOH A . 
C 2 HOH 18 2018 2018 HOH HOH A . 
C 2 HOH 19 2019 2019 HOH HOH A . 
C 2 HOH 20 2020 2020 HOH HOH A . 
C 2 HOH 21 2021 2021 HOH HOH A . 
C 2 HOH 22 2022 2022 HOH HOH A . 
C 2 HOH 23 2023 2023 HOH HOH A . 
C 2 HOH 24 2024 2024 HOH HOH A . 
C 2 HOH 25 2025 2025 HOH HOH A . 
C 2 HOH 26 2026 2026 HOH HOH A . 
C 2 HOH 27 2027 2027 HOH HOH A . 
C 2 HOH 28 2028 2028 HOH HOH A . 
C 2 HOH 29 2029 2029 HOH HOH A . 
C 2 HOH 30 2030 2030 HOH HOH A . 
C 2 HOH 31 2031 2031 HOH HOH A . 
C 2 HOH 32 2032 2032 HOH HOH A . 
C 2 HOH 33 2033 2033 HOH HOH A . 
C 2 HOH 34 2034 2034 HOH HOH A . 
C 2 HOH 35 2035 2035 HOH HOH A . 
C 2 HOH 36 2036 2036 HOH HOH A . 
C 2 HOH 37 2037 2037 HOH HOH A . 
C 2 HOH 38 2038 2038 HOH HOH A . 
C 2 HOH 39 2039 2039 HOH HOH A . 
D 2 HOH 1  2001 2001 HOH HOH B . 
D 2 HOH 2  2002 2002 HOH HOH B . 
D 2 HOH 3  2003 2003 HOH HOH B . 
D 2 HOH 4  2004 2004 HOH HOH B . 
D 2 HOH 5  2005 2005 HOH HOH B . 
D 2 HOH 6  2006 2006 HOH HOH B . 
D 2 HOH 7  2007 2007 HOH HOH B . 
D 2 HOH 8  2008 2008 HOH HOH B . 
D 2 HOH 9  2009 2009 HOH HOH B . 
D 2 HOH 10 2010 2010 HOH HOH B . 
D 2 HOH 11 2011 2011 HOH HOH B . 
D 2 HOH 12 2012 2012 HOH HOH B . 
D 2 HOH 13 2013 2013 HOH HOH B . 
D 2 HOH 14 2014 2014 HOH HOH B . 
D 2 HOH 15 2015 2015 HOH HOH B . 
D 2 HOH 16 2016 2016 HOH HOH B . 
D 2 HOH 17 2017 2017 HOH HOH B . 
D 2 HOH 18 2018 2018 HOH HOH B . 
D 2 HOH 19 2019 2019 HOH HOH B . 
D 2 HOH 20 2020 2020 HOH HOH B . 
D 2 HOH 21 2021 2021 HOH HOH B . 
D 2 HOH 22 2022 2022 HOH HOH B . 
D 2 HOH 23 2023 2023 HOH HOH B . 
D 2 HOH 24 2024 2024 HOH HOH B . 
D 2 HOH 25 2025 2025 HOH HOH B . 
D 2 HOH 26 2026 2026 HOH HOH B . 
D 2 HOH 27 2027 2027 HOH HOH B . 
D 2 HOH 28 2028 2028 HOH HOH B . 
D 2 HOH 29 2029 2029 HOH HOH B . 
D 2 HOH 30 2030 2030 HOH HOH B . 
D 2 HOH 31 2031 2031 HOH HOH B . 
D 2 HOH 32 2032 2032 HOH HOH B . 
D 2 HOH 33 2033 2033 HOH HOH B . 
D 2 HOH 34 2034 2034 HOH HOH B . 
D 2 HOH 35 2035 2035 HOH HOH B . 
D 2 HOH 36 2036 2036 HOH HOH B . 
D 2 HOH 37 2037 2037 HOH HOH B . 
D 2 HOH 38 2038 2038 HOH HOH B . 
D 2 HOH 39 2039 2039 HOH HOH B . 
D 2 HOH 40 2040 2040 HOH HOH B . 
D 2 HOH 41 2041 2041 HOH HOH B . 
D 2 HOH 42 2042 2042 HOH HOH B . 
D 2 HOH 43 2043 2043 HOH HOH B . 
D 2 HOH 44 2044 2044 HOH HOH B . 
D 2 HOH 45 2045 2045 HOH HOH B . 
D 2 HOH 46 2046 2046 HOH HOH B . 
D 2 HOH 47 2047 2047 HOH HOH B . 
D 2 HOH 48 2048 2048 HOH HOH B . 
D 2 HOH 49 2049 2049 HOH HOH B . 
D 2 HOH 50 2050 2050 HOH HOH B . 
D 2 HOH 51 2051 2051 HOH HOH B . 
# 
_pdbx_struct_assembly.id                   1 
_pdbx_struct_assembly.details              author_and_software_defined_assembly 
_pdbx_struct_assembly.method_details       PQS 
_pdbx_struct_assembly.oligomeric_details   dimeric 
_pdbx_struct_assembly.oligomeric_count     2 
# 
_pdbx_struct_assembly_gen.assembly_id       1 
_pdbx_struct_assembly_gen.oper_expression   1 
_pdbx_struct_assembly_gen.asym_id_list      A,B,C,D 
# 
_pdbx_struct_oper_list.id                   1 
_pdbx_struct_oper_list.type                 'identity operation' 
_pdbx_struct_oper_list.name                 1_555 
_pdbx_struct_oper_list.symmetry_operation   x,y,z 
_pdbx_struct_oper_list.matrix[1][1]         1.0000000000 
_pdbx_struct_oper_list.matrix[1][2]         0.0000000000 
_pdbx_struct_oper_list.matrix[1][3]         0.0000000000 
_pdbx_struct_oper_list.vector[1]            0.0000000000 
_pdbx_struct_oper_list.matrix[2][1]         0.0000000000 
_pdbx_struct_oper_list.matrix[2][2]         1.0000000000 
_pdbx_struct_oper_list.matrix[2][3]         0.0000000000 
_pdbx_struct_oper_list.vector[2]            0.0000000000 
_pdbx_struct_oper_list.matrix[3][1]         0.0000000000 
_pdbx_struct_oper_list.matrix[3][2]         0.0000000000 
_pdbx_struct_oper_list.matrix[3][3]         1.0000000000 
_pdbx_struct_oper_list.vector[3]            0.0000000000 
# 
loop_
_pdbx_audit_revision_history.ordinal 
_pdbx_audit_revision_history.data_content_type 
_pdbx_audit_revision_history.major_revision 
_pdbx_audit_revision_history.minor_revision 
_pdbx_audit_revision_history.revision_date 
1 'Structure model' 1 0 2001-11-20 
2 'Structure model' 1 1 2011-05-07 
3 'Structure model' 1 2 2011-07-13 
4 'Structure model' 1 3 2023-12-13 
# 
_pdbx_audit_revision_details.ordinal             1 
_pdbx_audit_revision_details.revision_ordinal    1 
_pdbx_audit_revision_details.data_content_type   'Structure model' 
_pdbx_audit_revision_details.provider            repository 
_pdbx_audit_revision_details.type                'Initial release' 
_pdbx_audit_revision_details.description         ? 
_pdbx_audit_revision_details.details             ? 
# 
loop_
_pdbx_audit_revision_group.ordinal 
_pdbx_audit_revision_group.revision_ordinal 
_pdbx_audit_revision_group.data_content_type 
_pdbx_audit_revision_group.group 
1 2 'Structure model' 'Version format compliance' 
2 3 'Structure model' 'Version format compliance' 
3 4 'Structure model' 'Data collection'           
4 4 'Structure model' 'Database references'       
5 4 'Structure model' 'Refinement description'    
# 
loop_
_pdbx_audit_revision_category.ordinal 
_pdbx_audit_revision_category.revision_ordinal 
_pdbx_audit_revision_category.data_content_type 
_pdbx_audit_revision_category.category 
1 4 'Structure model' chem_comp_atom                
2 4 'Structure model' chem_comp_bond                
3 4 'Structure model' database_2                    
4 4 'Structure model' pdbx_initial_refinement_model 
# 
loop_
_pdbx_audit_revision_item.ordinal 
_pdbx_audit_revision_item.revision_ordinal 
_pdbx_audit_revision_item.data_content_type 
_pdbx_audit_revision_item.item 
1 4 'Structure model' '_database_2.pdbx_DOI'                
2 4 'Structure model' '_database_2.pdbx_database_accession' 
# 
loop_
_software.name 
_software.classification 
_software.version 
_software.citation_id 
_software.pdbx_ordinal 
CNS    refinement       0.9 ? 1 
MOSFLM 'data reduction' .   ? 2 
SCALA  'data scaling'   .   ? 3 
AMoRE  phasing          .   ? 4 
# 
_pdbx_validate_close_contact.id               1 
_pdbx_validate_close_contact.PDB_model_num    1 
_pdbx_validate_close_contact.auth_atom_id_1   O 
_pdbx_validate_close_contact.auth_asym_id_1   A 
_pdbx_validate_close_contact.auth_comp_id_1   GLU 
_pdbx_validate_close_contact.auth_seq_id_1    120 
_pdbx_validate_close_contact.PDB_ins_code_1   ? 
_pdbx_validate_close_contact.label_alt_id_1   ? 
_pdbx_validate_close_contact.auth_atom_id_2   O 
_pdbx_validate_close_contact.auth_asym_id_2   A 
_pdbx_validate_close_contact.auth_comp_id_2   HOH 
_pdbx_validate_close_contact.auth_seq_id_2    2017 
_pdbx_validate_close_contact.PDB_ins_code_2   ? 
_pdbx_validate_close_contact.label_alt_id_2   ? 
_pdbx_validate_close_contact.dist             2.18 
# 
loop_
_pdbx_validate_torsion.id 
_pdbx_validate_torsion.PDB_model_num 
_pdbx_validate_torsion.auth_comp_id 
_pdbx_validate_torsion.auth_asym_id 
_pdbx_validate_torsion.auth_seq_id 
_pdbx_validate_torsion.PDB_ins_code 
_pdbx_validate_torsion.label_alt_id 
_pdbx_validate_torsion.phi 
_pdbx_validate_torsion.psi 
1 1 SER A 111 ? ? -161.98 112.21  
2 1 LYS A 148 ? ? -111.71 -162.98 
3 1 SER B 111 ? ? -162.18 111.51  
# 
loop_
_chem_comp_atom.comp_id 
_chem_comp_atom.atom_id 
_chem_comp_atom.type_symbol 
_chem_comp_atom.pdbx_aromatic_flag 
_chem_comp_atom.pdbx_stereo_config 
_chem_comp_atom.pdbx_ordinal 
ALA N    N N N 1   
ALA CA   C N S 2   
ALA C    C N N 3   
ALA O    O N N 4   
ALA CB   C N N 5   
ALA OXT  O N N 6   
ALA H    H N N 7   
ALA H2   H N N 8   
ALA HA   H N N 9   
ALA HB1  H N N 10  
ALA HB2  H N N 11  
ALA HB3  H N N 12  
ALA HXT  H N N 13  
ARG N    N N N 14  
ARG CA   C N S 15  
ARG C    C N N 16  
ARG O    O N N 17  
ARG CB   C N N 18  
ARG CG   C N N 19  
ARG CD   C N N 20  
ARG NE   N N N 21  
ARG CZ   C N N 22  
ARG NH1  N N N 23  
ARG NH2  N N N 24  
ARG OXT  O N N 25  
ARG H    H N N 26  
ARG H2   H N N 27  
ARG HA   H N N 28  
ARG HB2  H N N 29  
ARG HB3  H N N 30  
ARG HG2  H N N 31  
ARG HG3  H N N 32  
ARG HD2  H N N 33  
ARG HD3  H N N 34  
ARG HE   H N N 35  
ARG HH11 H N N 36  
ARG HH12 H N N 37  
ARG HH21 H N N 38  
ARG HH22 H N N 39  
ARG HXT  H N N 40  
ASN N    N N N 41  
ASN CA   C N S 42  
ASN C    C N N 43  
ASN O    O N N 44  
ASN CB   C N N 45  
ASN CG   C N N 46  
ASN OD1  O N N 47  
ASN ND2  N N N 48  
ASN OXT  O N N 49  
ASN H    H N N 50  
ASN H2   H N N 51  
ASN HA   H N N 52  
ASN HB2  H N N 53  
ASN HB3  H N N 54  
ASN HD21 H N N 55  
ASN HD22 H N N 56  
ASN HXT  H N N 57  
ASP N    N N N 58  
ASP CA   C N S 59  
ASP C    C N N 60  
ASP O    O N N 61  
ASP CB   C N N 62  
ASP CG   C N N 63  
ASP OD1  O N N 64  
ASP OD2  O N N 65  
ASP OXT  O N N 66  
ASP H    H N N 67  
ASP H2   H N N 68  
ASP HA   H N N 69  
ASP HB2  H N N 70  
ASP HB3  H N N 71  
ASP HD2  H N N 72  
ASP HXT  H N N 73  
CYS N    N N N 74  
CYS CA   C N R 75  
CYS C    C N N 76  
CYS O    O N N 77  
CYS CB   C N N 78  
CYS SG   S N N 79  
CYS OXT  O N N 80  
CYS H    H N N 81  
CYS H2   H N N 82  
CYS HA   H N N 83  
CYS HB2  H N N 84  
CYS HB3  H N N 85  
CYS HG   H N N 86  
CYS HXT  H N N 87  
GLN N    N N N 88  
GLN CA   C N S 89  
GLN C    C N N 90  
GLN O    O N N 91  
GLN CB   C N N 92  
GLN CG   C N N 93  
GLN CD   C N N 94  
GLN OE1  O N N 95  
GLN NE2  N N N 96  
GLN OXT  O N N 97  
GLN H    H N N 98  
GLN H2   H N N 99  
GLN HA   H N N 100 
GLN HB2  H N N 101 
GLN HB3  H N N 102 
GLN HG2  H N N 103 
GLN HG3  H N N 104 
GLN HE21 H N N 105 
GLN HE22 H N N 106 
GLN HXT  H N N 107 
GLU N    N N N 108 
GLU CA   C N S 109 
GLU C    C N N 110 
GLU O    O N N 111 
GLU CB   C N N 112 
GLU CG   C N N 113 
GLU CD   C N N 114 
GLU OE1  O N N 115 
GLU OE2  O N N 116 
GLU OXT  O N N 117 
GLU H    H N N 118 
GLU H2   H N N 119 
GLU HA   H N N 120 
GLU HB2  H N N 121 
GLU HB3  H N N 122 
GLU HG2  H N N 123 
GLU HG3  H N N 124 
GLU HE2  H N N 125 
GLU HXT  H N N 126 
GLY N    N N N 127 
GLY CA   C N N 128 
GLY C    C N N 129 
GLY O    O N N 130 
GLY OXT  O N N 131 
GLY H    H N N 132 
GLY H2   H N N 133 
GLY HA2  H N N 134 
GLY HA3  H N N 135 
GLY HXT  H N N 136 
HIS N    N N N 137 
HIS CA   C N S 138 
HIS C    C N N 139 
HIS O    O N N 140 
HIS CB   C N N 141 
HIS CG   C Y N 142 
HIS ND1  N Y N 143 
HIS CD2  C Y N 144 
HIS CE1  C Y N 145 
HIS NE2  N Y N 146 
HIS OXT  O N N 147 
HIS H    H N N 148 
HIS H2   H N N 149 
HIS HA   H N N 150 
HIS HB2  H N N 151 
HIS HB3  H N N 152 
HIS HD1  H N N 153 
HIS HD2  H N N 154 
HIS HE1  H N N 155 
HIS HE2  H N N 156 
HIS HXT  H N N 157 
HOH O    O N N 158 
HOH H1   H N N 159 
HOH H2   H N N 160 
ILE N    N N N 161 
ILE CA   C N S 162 
ILE C    C N N 163 
ILE O    O N N 164 
ILE CB   C N S 165 
ILE CG1  C N N 166 
ILE CG2  C N N 167 
ILE CD1  C N N 168 
ILE OXT  O N N 169 
ILE H    H N N 170 
ILE H2   H N N 171 
ILE HA   H N N 172 
ILE HB   H N N 173 
ILE HG12 H N N 174 
ILE HG13 H N N 175 
ILE HG21 H N N 176 
ILE HG22 H N N 177 
ILE HG23 H N N 178 
ILE HD11 H N N 179 
ILE HD12 H N N 180 
ILE HD13 H N N 181 
ILE HXT  H N N 182 
LEU N    N N N 183 
LEU CA   C N S 184 
LEU C    C N N 185 
LEU O    O N N 186 
LEU CB   C N N 187 
LEU CG   C N N 188 
LEU CD1  C N N 189 
LEU CD2  C N N 190 
LEU OXT  O N N 191 
LEU H    H N N 192 
LEU H2   H N N 193 
LEU HA   H N N 194 
LEU HB2  H N N 195 
LEU HB3  H N N 196 
LEU HG   H N N 197 
LEU HD11 H N N 198 
LEU HD12 H N N 199 
LEU HD13 H N N 200 
LEU HD21 H N N 201 
LEU HD22 H N N 202 
LEU HD23 H N N 203 
LEU HXT  H N N 204 
LYS N    N N N 205 
LYS CA   C N S 206 
LYS C    C N N 207 
LYS O    O N N 208 
LYS CB   C N N 209 
LYS CG   C N N 210 
LYS CD   C N N 211 
LYS CE   C N N 212 
LYS NZ   N N N 213 
LYS OXT  O N N 214 
LYS H    H N N 215 
LYS H2   H N N 216 
LYS HA   H N N 217 
LYS HB2  H N N 218 
LYS HB3  H N N 219 
LYS HG2  H N N 220 
LYS HG3  H N N 221 
LYS HD2  H N N 222 
LYS HD3  H N N 223 
LYS HE2  H N N 224 
LYS HE3  H N N 225 
LYS HZ1  H N N 226 
LYS HZ2  H N N 227 
LYS HZ3  H N N 228 
LYS HXT  H N N 229 
MET N    N N N 230 
MET CA   C N S 231 
MET C    C N N 232 
MET O    O N N 233 
MET CB   C N N 234 
MET CG   C N N 235 
MET SD   S N N 236 
MET CE   C N N 237 
MET OXT  O N N 238 
MET H    H N N 239 
MET H2   H N N 240 
MET HA   H N N 241 
MET HB2  H N N 242 
MET HB3  H N N 243 
MET HG2  H N N 244 
MET HG3  H N N 245 
MET HE1  H N N 246 
MET HE2  H N N 247 
MET HE3  H N N 248 
MET HXT  H N N 249 
PHE N    N N N 250 
PHE CA   C N S 251 
PHE C    C N N 252 
PHE O    O N N 253 
PHE CB   C N N 254 
PHE CG   C Y N 255 
PHE CD1  C Y N 256 
PHE CD2  C Y N 257 
PHE CE1  C Y N 258 
PHE CE2  C Y N 259 
PHE CZ   C Y N 260 
PHE OXT  O N N 261 
PHE H    H N N 262 
PHE H2   H N N 263 
PHE HA   H N N 264 
PHE HB2  H N N 265 
PHE HB3  H N N 266 
PHE HD1  H N N 267 
PHE HD2  H N N 268 
PHE HE1  H N N 269 
PHE HE2  H N N 270 
PHE HZ   H N N 271 
PHE HXT  H N N 272 
PRO N    N N N 273 
PRO CA   C N S 274 
PRO C    C N N 275 
PRO O    O N N 276 
PRO CB   C N N 277 
PRO CG   C N N 278 
PRO CD   C N N 279 
PRO OXT  O N N 280 
PRO H    H N N 281 
PRO HA   H N N 282 
PRO HB2  H N N 283 
PRO HB3  H N N 284 
PRO HG2  H N N 285 
PRO HG3  H N N 286 
PRO HD2  H N N 287 
PRO HD3  H N N 288 
PRO HXT  H N N 289 
SER N    N N N 290 
SER CA   C N S 291 
SER C    C N N 292 
SER O    O N N 293 
SER CB   C N N 294 
SER OG   O N N 295 
SER OXT  O N N 296 
SER H    H N N 297 
SER H2   H N N 298 
SER HA   H N N 299 
SER HB2  H N N 300 
SER HB3  H N N 301 
SER HG   H N N 302 
SER HXT  H N N 303 
THR N    N N N 304 
THR CA   C N S 305 
THR C    C N N 306 
THR O    O N N 307 
THR CB   C N R 308 
THR OG1  O N N 309 
THR CG2  C N N 310 
THR OXT  O N N 311 
THR H    H N N 312 
THR H2   H N N 313 
THR HA   H N N 314 
THR HB   H N N 315 
THR HG1  H N N 316 
THR HG21 H N N 317 
THR HG22 H N N 318 
THR HG23 H N N 319 
THR HXT  H N N 320 
TRP N    N N N 321 
TRP CA   C N S 322 
TRP C    C N N 323 
TRP O    O N N 324 
TRP CB   C N N 325 
TRP CG   C Y N 326 
TRP CD1  C Y N 327 
TRP CD2  C Y N 328 
TRP NE1  N Y N 329 
TRP CE2  C Y N 330 
TRP CE3  C Y N 331 
TRP CZ2  C Y N 332 
TRP CZ3  C Y N 333 
TRP CH2  C Y N 334 
TRP OXT  O N N 335 
TRP H    H N N 336 
TRP H2   H N N 337 
TRP HA   H N N 338 
TRP HB2  H N N 339 
TRP HB3  H N N 340 
TRP HD1  H N N 341 
TRP HE1  H N N 342 
TRP HE3  H N N 343 
TRP HZ2  H N N 344 
TRP HZ3  H N N 345 
TRP HH2  H N N 346 
TRP HXT  H N N 347 
TYR N    N N N 348 
TYR CA   C N S 349 
TYR C    C N N 350 
TYR O    O N N 351 
TYR CB   C N N 352 
TYR CG   C Y N 353 
TYR CD1  C Y N 354 
TYR CD2  C Y N 355 
TYR CE1  C Y N 356 
TYR CE2  C Y N 357 
TYR CZ   C Y N 358 
TYR OH   O N N 359 
TYR OXT  O N N 360 
TYR H    H N N 361 
TYR H2   H N N 362 
TYR HA   H N N 363 
TYR HB2  H N N 364 
TYR HB3  H N N 365 
TYR HD1  H N N 366 
TYR HD2  H N N 367 
TYR HE1  H N N 368 
TYR HE2  H N N 369 
TYR HH   H N N 370 
TYR HXT  H N N 371 
VAL N    N N N 372 
VAL CA   C N S 373 
VAL C    C N N 374 
VAL O    O N N 375 
VAL CB   C N N 376 
VAL CG1  C N N 377 
VAL CG2  C N N 378 
VAL OXT  O N N 379 
VAL H    H N N 380 
VAL H2   H N N 381 
VAL HA   H N N 382 
VAL HB   H N N 383 
VAL HG11 H N N 384 
VAL HG12 H N N 385 
VAL HG13 H N N 386 
VAL HG21 H N N 387 
VAL HG22 H N N 388 
VAL HG23 H N N 389 
VAL HXT  H N N 390 
# 
loop_
_chem_comp_bond.comp_id 
_chem_comp_bond.atom_id_1 
_chem_comp_bond.atom_id_2 
_chem_comp_bond.value_order 
_chem_comp_bond.pdbx_aromatic_flag 
_chem_comp_bond.pdbx_stereo_config 
_chem_comp_bond.pdbx_ordinal 
ALA N   CA   sing N N 1   
ALA N   H    sing N N 2   
ALA N   H2   sing N N 3   
ALA CA  C    sing N N 4   
ALA CA  CB   sing N N 5   
ALA CA  HA   sing N N 6   
ALA C   O    doub N N 7   
ALA C   OXT  sing N N 8   
ALA CB  HB1  sing N N 9   
ALA CB  HB2  sing N N 10  
ALA CB  HB3  sing N N 11  
ALA OXT HXT  sing N N 12  
ARG N   CA   sing N N 13  
ARG N   H    sing N N 14  
ARG N   H2   sing N N 15  
ARG CA  C    sing N N 16  
ARG CA  CB   sing N N 17  
ARG CA  HA   sing N N 18  
ARG C   O    doub N N 19  
ARG C   OXT  sing N N 20  
ARG CB  CG   sing N N 21  
ARG CB  HB2  sing N N 22  
ARG CB  HB3  sing N N 23  
ARG CG  CD   sing N N 24  
ARG CG  HG2  sing N N 25  
ARG CG  HG3  sing N N 26  
ARG CD  NE   sing N N 27  
ARG CD  HD2  sing N N 28  
ARG CD  HD3  sing N N 29  
ARG NE  CZ   sing N N 30  
ARG NE  HE   sing N N 31  
ARG CZ  NH1  sing N N 32  
ARG CZ  NH2  doub N N 33  
ARG NH1 HH11 sing N N 34  
ARG NH1 HH12 sing N N 35  
ARG NH2 HH21 sing N N 36  
ARG NH2 HH22 sing N N 37  
ARG OXT HXT  sing N N 38  
ASN N   CA   sing N N 39  
ASN N   H    sing N N 40  
ASN N   H2   sing N N 41  
ASN CA  C    sing N N 42  
ASN CA  CB   sing N N 43  
ASN CA  HA   sing N N 44  
ASN C   O    doub N N 45  
ASN C   OXT  sing N N 46  
ASN CB  CG   sing N N 47  
ASN CB  HB2  sing N N 48  
ASN CB  HB3  sing N N 49  
ASN CG  OD1  doub N N 50  
ASN CG  ND2  sing N N 51  
ASN ND2 HD21 sing N N 52  
ASN ND2 HD22 sing N N 53  
ASN OXT HXT  sing N N 54  
ASP N   CA   sing N N 55  
ASP N   H    sing N N 56  
ASP N   H2   sing N N 57  
ASP CA  C    sing N N 58  
ASP CA  CB   sing N N 59  
ASP CA  HA   sing N N 60  
ASP C   O    doub N N 61  
ASP C   OXT  sing N N 62  
ASP CB  CG   sing N N 63  
ASP CB  HB2  sing N N 64  
ASP CB  HB3  sing N N 65  
ASP CG  OD1  doub N N 66  
ASP CG  OD2  sing N N 67  
ASP OD2 HD2  sing N N 68  
ASP OXT HXT  sing N N 69  
CYS N   CA   sing N N 70  
CYS N   H    sing N N 71  
CYS N   H2   sing N N 72  
CYS CA  C    sing N N 73  
CYS CA  CB   sing N N 74  
CYS CA  HA   sing N N 75  
CYS C   O    doub N N 76  
CYS C   OXT  sing N N 77  
CYS CB  SG   sing N N 78  
CYS CB  HB2  sing N N 79  
CYS CB  HB3  sing N N 80  
CYS SG  HG   sing N N 81  
CYS OXT HXT  sing N N 82  
GLN N   CA   sing N N 83  
GLN N   H    sing N N 84  
GLN N   H2   sing N N 85  
GLN CA  C    sing N N 86  
GLN CA  CB   sing N N 87  
GLN CA  HA   sing N N 88  
GLN C   O    doub N N 89  
GLN C   OXT  sing N N 90  
GLN CB  CG   sing N N 91  
GLN CB  HB2  sing N N 92  
GLN CB  HB3  sing N N 93  
GLN CG  CD   sing N N 94  
GLN CG  HG2  sing N N 95  
GLN CG  HG3  sing N N 96  
GLN CD  OE1  doub N N 97  
GLN CD  NE2  sing N N 98  
GLN NE2 HE21 sing N N 99  
GLN NE2 HE22 sing N N 100 
GLN OXT HXT  sing N N 101 
GLU N   CA   sing N N 102 
GLU N   H    sing N N 103 
GLU N   H2   sing N N 104 
GLU CA  C    sing N N 105 
GLU CA  CB   sing N N 106 
GLU CA  HA   sing N N 107 
GLU C   O    doub N N 108 
GLU C   OXT  sing N N 109 
GLU CB  CG   sing N N 110 
GLU CB  HB2  sing N N 111 
GLU CB  HB3  sing N N 112 
GLU CG  CD   sing N N 113 
GLU CG  HG2  sing N N 114 
GLU CG  HG3  sing N N 115 
GLU CD  OE1  doub N N 116 
GLU CD  OE2  sing N N 117 
GLU OE2 HE2  sing N N 118 
GLU OXT HXT  sing N N 119 
GLY N   CA   sing N N 120 
GLY N   H    sing N N 121 
GLY N   H2   sing N N 122 
GLY CA  C    sing N N 123 
GLY CA  HA2  sing N N 124 
GLY CA  HA3  sing N N 125 
GLY C   O    doub N N 126 
GLY C   OXT  sing N N 127 
GLY OXT HXT  sing N N 128 
HIS N   CA   sing N N 129 
HIS N   H    sing N N 130 
HIS N   H2   sing N N 131 
HIS CA  C    sing N N 132 
HIS CA  CB   sing N N 133 
HIS CA  HA   sing N N 134 
HIS C   O    doub N N 135 
HIS C   OXT  sing N N 136 
HIS CB  CG   sing N N 137 
HIS CB  HB2  sing N N 138 
HIS CB  HB3  sing N N 139 
HIS CG  ND1  sing Y N 140 
HIS CG  CD2  doub Y N 141 
HIS ND1 CE1  doub Y N 142 
HIS ND1 HD1  sing N N 143 
HIS CD2 NE2  sing Y N 144 
HIS CD2 HD2  sing N N 145 
HIS CE1 NE2  sing Y N 146 
HIS CE1 HE1  sing N N 147 
HIS NE2 HE2  sing N N 148 
HIS OXT HXT  sing N N 149 
HOH O   H1   sing N N 150 
HOH O   H2   sing N N 151 
ILE N   CA   sing N N 152 
ILE N   H    sing N N 153 
ILE N   H2   sing N N 154 
ILE CA  C    sing N N 155 
ILE CA  CB   sing N N 156 
ILE CA  HA   sing N N 157 
ILE C   O    doub N N 158 
ILE C   OXT  sing N N 159 
ILE CB  CG1  sing N N 160 
ILE CB  CG2  sing N N 161 
ILE CB  HB   sing N N 162 
ILE CG1 CD1  sing N N 163 
ILE CG1 HG12 sing N N 164 
ILE CG1 HG13 sing N N 165 
ILE CG2 HG21 sing N N 166 
ILE CG2 HG22 sing N N 167 
ILE CG2 HG23 sing N N 168 
ILE CD1 HD11 sing N N 169 
ILE CD1 HD12 sing N N 170 
ILE CD1 HD13 sing N N 171 
ILE OXT HXT  sing N N 172 
LEU N   CA   sing N N 173 
LEU N   H    sing N N 174 
LEU N   H2   sing N N 175 
LEU CA  C    sing N N 176 
LEU CA  CB   sing N N 177 
LEU CA  HA   sing N N 178 
LEU C   O    doub N N 179 
LEU C   OXT  sing N N 180 
LEU CB  CG   sing N N 181 
LEU CB  HB2  sing N N 182 
LEU CB  HB3  sing N N 183 
LEU CG  CD1  sing N N 184 
LEU CG  CD2  sing N N 185 
LEU CG  HG   sing N N 186 
LEU CD1 HD11 sing N N 187 
LEU CD1 HD12 sing N N 188 
LEU CD1 HD13 sing N N 189 
LEU CD2 HD21 sing N N 190 
LEU CD2 HD22 sing N N 191 
LEU CD2 HD23 sing N N 192 
LEU OXT HXT  sing N N 193 
LYS N   CA   sing N N 194 
LYS N   H    sing N N 195 
LYS N   H2   sing N N 196 
LYS CA  C    sing N N 197 
LYS CA  CB   sing N N 198 
LYS CA  HA   sing N N 199 
LYS C   O    doub N N 200 
LYS C   OXT  sing N N 201 
LYS CB  CG   sing N N 202 
LYS CB  HB2  sing N N 203 
LYS CB  HB3  sing N N 204 
LYS CG  CD   sing N N 205 
LYS CG  HG2  sing N N 206 
LYS CG  HG3  sing N N 207 
LYS CD  CE   sing N N 208 
LYS CD  HD2  sing N N 209 
LYS CD  HD3  sing N N 210 
LYS CE  NZ   sing N N 211 
LYS CE  HE2  sing N N 212 
LYS CE  HE3  sing N N 213 
LYS NZ  HZ1  sing N N 214 
LYS NZ  HZ2  sing N N 215 
LYS NZ  HZ3  sing N N 216 
LYS OXT HXT  sing N N 217 
MET N   CA   sing N N 218 
MET N   H    sing N N 219 
MET N   H2   sing N N 220 
MET CA  C    sing N N 221 
MET CA  CB   sing N N 222 
MET CA  HA   sing N N 223 
MET C   O    doub N N 224 
MET C   OXT  sing N N 225 
MET CB  CG   sing N N 226 
MET CB  HB2  sing N N 227 
MET CB  HB3  sing N N 228 
MET CG  SD   sing N N 229 
MET CG  HG2  sing N N 230 
MET CG  HG3  sing N N 231 
MET SD  CE   sing N N 232 
MET CE  HE1  sing N N 233 
MET CE  HE2  sing N N 234 
MET CE  HE3  sing N N 235 
MET OXT HXT  sing N N 236 
PHE N   CA   sing N N 237 
PHE N   H    sing N N 238 
PHE N   H2   sing N N 239 
PHE CA  C    sing N N 240 
PHE CA  CB   sing N N 241 
PHE CA  HA   sing N N 242 
PHE C   O    doub N N 243 
PHE C   OXT  sing N N 244 
PHE CB  CG   sing N N 245 
PHE CB  HB2  sing N N 246 
PHE CB  HB3  sing N N 247 
PHE CG  CD1  doub Y N 248 
PHE CG  CD2  sing Y N 249 
PHE CD1 CE1  sing Y N 250 
PHE CD1 HD1  sing N N 251 
PHE CD2 CE2  doub Y N 252 
PHE CD2 HD2  sing N N 253 
PHE CE1 CZ   doub Y N 254 
PHE CE1 HE1  sing N N 255 
PHE CE2 CZ   sing Y N 256 
PHE CE2 HE2  sing N N 257 
PHE CZ  HZ   sing N N 258 
PHE OXT HXT  sing N N 259 
PRO N   CA   sing N N 260 
PRO N   CD   sing N N 261 
PRO N   H    sing N N 262 
PRO CA  C    sing N N 263 
PRO CA  CB   sing N N 264 
PRO CA  HA   sing N N 265 
PRO C   O    doub N N 266 
PRO C   OXT  sing N N 267 
PRO CB  CG   sing N N 268 
PRO CB  HB2  sing N N 269 
PRO CB  HB3  sing N N 270 
PRO CG  CD   sing N N 271 
PRO CG  HG2  sing N N 272 
PRO CG  HG3  sing N N 273 
PRO CD  HD2  sing N N 274 
PRO CD  HD3  sing N N 275 
PRO OXT HXT  sing N N 276 
SER N   CA   sing N N 277 
SER N   H    sing N N 278 
SER N   H2   sing N N 279 
SER CA  C    sing N N 280 
SER CA  CB   sing N N 281 
SER CA  HA   sing N N 282 
SER C   O    doub N N 283 
SER C   OXT  sing N N 284 
SER CB  OG   sing N N 285 
SER CB  HB2  sing N N 286 
SER CB  HB3  sing N N 287 
SER OG  HG   sing N N 288 
SER OXT HXT  sing N N 289 
THR N   CA   sing N N 290 
THR N   H    sing N N 291 
THR N   H2   sing N N 292 
THR CA  C    sing N N 293 
THR CA  CB   sing N N 294 
THR CA  HA   sing N N 295 
THR C   O    doub N N 296 
THR C   OXT  sing N N 297 
THR CB  OG1  sing N N 298 
THR CB  CG2  sing N N 299 
THR CB  HB   sing N N 300 
THR OG1 HG1  sing N N 301 
THR CG2 HG21 sing N N 302 
THR CG2 HG22 sing N N 303 
THR CG2 HG23 sing N N 304 
THR OXT HXT  sing N N 305 
TRP N   CA   sing N N 306 
TRP N   H    sing N N 307 
TRP N   H2   sing N N 308 
TRP CA  C    sing N N 309 
TRP CA  CB   sing N N 310 
TRP CA  HA   sing N N 311 
TRP C   O    doub N N 312 
TRP C   OXT  sing N N 313 
TRP CB  CG   sing N N 314 
TRP CB  HB2  sing N N 315 
TRP CB  HB3  sing N N 316 
TRP CG  CD1  doub Y N 317 
TRP CG  CD2  sing Y N 318 
TRP CD1 NE1  sing Y N 319 
TRP CD1 HD1  sing N N 320 
TRP CD2 CE2  doub Y N 321 
TRP CD2 CE3  sing Y N 322 
TRP NE1 CE2  sing Y N 323 
TRP NE1 HE1  sing N N 324 
TRP CE2 CZ2  sing Y N 325 
TRP CE3 CZ3  doub Y N 326 
TRP CE3 HE3  sing N N 327 
TRP CZ2 CH2  doub Y N 328 
TRP CZ2 HZ2  sing N N 329 
TRP CZ3 CH2  sing Y N 330 
TRP CZ3 HZ3  sing N N 331 
TRP CH2 HH2  sing N N 332 
TRP OXT HXT  sing N N 333 
TYR N   CA   sing N N 334 
TYR N   H    sing N N 335 
TYR N   H2   sing N N 336 
TYR CA  C    sing N N 337 
TYR CA  CB   sing N N 338 
TYR CA  HA   sing N N 339 
TYR C   O    doub N N 340 
TYR C   OXT  sing N N 341 
TYR CB  CG   sing N N 342 
TYR CB  HB2  sing N N 343 
TYR CB  HB3  sing N N 344 
TYR CG  CD1  doub Y N 345 
TYR CG  CD2  sing Y N 346 
TYR CD1 CE1  sing Y N 347 
TYR CD1 HD1  sing N N 348 
TYR CD2 CE2  doub Y N 349 
TYR CD2 HD2  sing N N 350 
TYR CE1 CZ   doub Y N 351 
TYR CE1 HE1  sing N N 352 
TYR CE2 CZ   sing Y N 353 
TYR CE2 HE2  sing N N 354 
TYR CZ  OH   sing N N 355 
TYR OH  HH   sing N N 356 
TYR OXT HXT  sing N N 357 
VAL N   CA   sing N N 358 
VAL N   H    sing N N 359 
VAL N   H2   sing N N 360 
VAL CA  C    sing N N 361 
VAL CA  CB   sing N N 362 
VAL CA  HA   sing N N 363 
VAL C   O    doub N N 364 
VAL C   OXT  sing N N 365 
VAL CB  CG1  sing N N 366 
VAL CB  CG2  sing N N 367 
VAL CB  HB   sing N N 368 
VAL CG1 HG11 sing N N 369 
VAL CG1 HG12 sing N N 370 
VAL CG1 HG13 sing N N 371 
VAL CG2 HG21 sing N N 372 
VAL CG2 HG22 sing N N 373 
VAL CG2 HG23 sing N N 374 
VAL OXT HXT  sing N N 375 
# 
_pdbx_entity_nonpoly.entity_id   2 
_pdbx_entity_nonpoly.name        water 
_pdbx_entity_nonpoly.comp_id     HOH 
# 
_pdbx_initial_refinement_model.id               1 
_pdbx_initial_refinement_model.entity_id_list   ? 
_pdbx_initial_refinement_model.type             'experimental model' 
_pdbx_initial_refinement_model.source_name      PDB 
_pdbx_initial_refinement_model.accession_code   1A7H 
_pdbx_initial_refinement_model.details          'PDB ENTRY 1A7H' 
# 
